data_1UMV
# 
_entry.id   1UMV 
# 
_audit_conform.dict_name       mmcif_pdbx.dic 
_audit_conform.dict_version    5.399 
_audit_conform.dict_location   http://mmcif.pdb.org/dictionaries/ascii/mmcif_pdbx.dic 
# 
loop_
_database_2.database_id 
_database_2.database_code 
_database_2.pdbx_database_accession 
_database_2.pdbx_DOI 
PDB   1UMV         pdb_00001umv 10.2210/pdb1umv/pdb 
PDBE  EBI-13399    ?            ?                   
WWPDB D_1290013399 ?            ?                   
# 
loop_
_pdbx_audit_revision_history.ordinal 
_pdbx_audit_revision_history.data_content_type 
_pdbx_audit_revision_history.major_revision 
_pdbx_audit_revision_history.minor_revision 
_pdbx_audit_revision_history.revision_date 
1 'Structure model' 1 0 2003-09-18 
2 'Structure model' 1 1 2011-05-08 
3 'Structure model' 1 2 2011-07-13 
4 'Structure model' 1 3 2023-12-13 
5 'Structure model' 1 4 2024-11-20 
# 
_pdbx_audit_revision_details.ordinal             1 
_pdbx_audit_revision_details.revision_ordinal    1 
_pdbx_audit_revision_details.data_content_type   'Structure model' 
_pdbx_audit_revision_details.provider            repository 
_pdbx_audit_revision_details.type                'Initial release' 
_pdbx_audit_revision_details.description         ? 
_pdbx_audit_revision_details.details             ? 
# 
loop_
_pdbx_audit_revision_group.ordinal 
_pdbx_audit_revision_group.revision_ordinal 
_pdbx_audit_revision_group.data_content_type 
_pdbx_audit_revision_group.group 
1 2 'Structure model' 'Version format compliance' 
2 3 'Structure model' 'Version format compliance' 
3 4 'Structure model' 'Data collection'           
4 4 'Structure model' 'Database references'       
5 4 'Structure model' 'Derived calculations'      
6 4 'Structure model' 'Refinement description'    
7 5 'Structure model' 'Structure summary'         
# 
loop_
_pdbx_audit_revision_category.ordinal 
_pdbx_audit_revision_category.revision_ordinal 
_pdbx_audit_revision_category.data_content_type 
_pdbx_audit_revision_category.category 
1 4 'Structure model' chem_comp_atom                
2 4 'Structure model' chem_comp_bond                
3 4 'Structure model' database_2                    
4 4 'Structure model' pdbx_initial_refinement_model 
5 4 'Structure model' pdbx_struct_conn_angle        
6 4 'Structure model' struct_conn                   
7 5 'Structure model' pdbx_entry_details            
8 5 'Structure model' pdbx_modification_feature     
# 
loop_
_pdbx_audit_revision_item.ordinal 
_pdbx_audit_revision_item.revision_ordinal 
_pdbx_audit_revision_item.data_content_type 
_pdbx_audit_revision_item.item 
1  4 'Structure model' '_database_2.pdbx_DOI'                        
2  4 'Structure model' '_database_2.pdbx_database_accession'         
3  4 'Structure model' '_pdbx_struct_conn_angle.ptnr1_auth_comp_id'  
4  4 'Structure model' '_pdbx_struct_conn_angle.ptnr1_auth_seq_id'   
5  4 'Structure model' '_pdbx_struct_conn_angle.ptnr1_label_atom_id' 
6  4 'Structure model' '_pdbx_struct_conn_angle.ptnr1_label_comp_id' 
7  4 'Structure model' '_pdbx_struct_conn_angle.ptnr1_label_seq_id'  
8  4 'Structure model' '_pdbx_struct_conn_angle.ptnr3_auth_comp_id'  
9  4 'Structure model' '_pdbx_struct_conn_angle.ptnr3_auth_seq_id'   
10 4 'Structure model' '_pdbx_struct_conn_angle.ptnr3_label_atom_id' 
11 4 'Structure model' '_pdbx_struct_conn_angle.ptnr3_label_comp_id' 
12 4 'Structure model' '_pdbx_struct_conn_angle.ptnr3_label_seq_id'  
13 4 'Structure model' '_pdbx_struct_conn_angle.value'               
14 4 'Structure model' '_struct_conn.pdbx_dist_value'                
15 4 'Structure model' '_struct_conn.ptnr1_auth_comp_id'             
16 4 'Structure model' '_struct_conn.ptnr1_auth_seq_id'              
17 4 'Structure model' '_struct_conn.ptnr1_label_asym_id'            
18 4 'Structure model' '_struct_conn.ptnr1_label_atom_id'            
19 4 'Structure model' '_struct_conn.ptnr1_label_comp_id'            
20 4 'Structure model' '_struct_conn.ptnr1_label_seq_id'             
21 4 'Structure model' '_struct_conn.ptnr2_auth_comp_id'             
22 4 'Structure model' '_struct_conn.ptnr2_auth_seq_id'              
23 4 'Structure model' '_struct_conn.ptnr2_label_asym_id'            
24 4 'Structure model' '_struct_conn.ptnr2_label_atom_id'            
25 4 'Structure model' '_struct_conn.ptnr2_label_comp_id'            
26 4 'Structure model' '_struct_conn.ptnr2_label_seq_id'             
# 
_pdbx_database_status.status_code                     REL 
_pdbx_database_status.entry_id                        1UMV 
_pdbx_database_status.deposit_site                    PDBE 
_pdbx_database_status.process_site                    PDBE 
_pdbx_database_status.SG_entry                        . 
_pdbx_database_status.recvd_initial_deposition_date   2003-08-28 
_pdbx_database_status.pdb_format_compatible           Y 
_pdbx_database_status.status_code_sf                  ? 
_pdbx_database_status.status_code_mr                  ? 
_pdbx_database_status.status_code_cs                  ? 
_pdbx_database_status.methods_development_category    ? 
_pdbx_database_status.status_code_nmr_data            ? 
# 
_pdbx_database_related.db_name        PDB 
_pdbx_database_related.db_id          1GOD 
_pdbx_database_related.content_type   unspecified 
_pdbx_database_related.details        
'STRUCTURE OF MONOMERIC LYS-49 PHOSPHOLIPASE A2 HOMOLOGUE ISOLATED FROM THE VENOM OF CERROPHIDION (BOTHROPS) GODMANI' 
# 
loop_
_audit_author.name 
_audit_author.pdbx_ordinal 
'Murakami, M.T.' 1 
'Watanabe, L.'   2 
'Cintra, A.C.O.' 3 
'Arni, R.K.'     4 
# 
_citation.id                        primary 
_citation.title                     
;Crystal Structure of an Acidic Platelet Aggregation Inhibitor and Hypotensive Phospholipase A(2) in the Monomeric and Dimeric States: Insights Into its Oligomeric State
;
_citation.journal_abbrev            Biochem.Biophys.Res.Commun. 
_citation.journal_volume            323 
_citation.page_first                24 
_citation.page_last                 ? 
_citation.year                      2004 
_citation.journal_id_ASTM           BBRCA9 
_citation.country                   US 
_citation.journal_id_ISSN           0006-291X 
_citation.journal_id_CSD            0146 
_citation.book_publisher            ? 
_citation.pdbx_database_id_PubMed   15351695 
_citation.pdbx_database_id_DOI      10.1016/J.BBRC.2004.08.046 
# 
loop_
_citation_author.citation_id 
_citation_author.name 
_citation_author.ordinal 
_citation_author.identifier_ORCID 
primary 'Magro, A.J.'    1 ? 
primary 'Murakami, M.T.' 2 ? 
primary 'Marcussi, S.'   3 ? 
primary 'Soares, A.M.'   4 ? 
primary 'Arni, R.K.'     5 ? 
primary 'Fontes, M.R.'   6 ? 
# 
loop_
_entity.id 
_entity.type 
_entity.src_method 
_entity.pdbx_description 
_entity.formula_weight 
_entity.pdbx_number_of_molecules 
_entity.pdbx_ec 
_entity.pdbx_mutation 
_entity.pdbx_fragment 
_entity.details 
1 polymer     nat 'HYPOTENSIVE PHOSPHOLIPASE A2' 13698.481 1   ? ? ? ? 
2 non-polymer syn 'CALCIUM ION'                  40.078    1   ? ? ? ? 
3 water       nat water                          18.015    144 ? ? ? ? 
# 
_entity_name_com.entity_id   1 
_entity_name_com.name        'PHOSPHOLIPASE A2, PLA2' 
# 
_entity_poly.entity_id                      1 
_entity_poly.type                           'polypeptide(L)' 
_entity_poly.nstd_linkage                   no 
_entity_poly.nstd_monomer                   no 
_entity_poly.pdbx_seq_one_letter_code       
;SLWQFGKMINYVMGESGVLQYLSYGCYCGLGGQGQPTDATDRCCFVHDCCYGKVTGCNPKIDSYTYSKKNGDVVCGGDNP
CKKQICECDRVATTCFRDNKDTYDIKYWFYGAKNCQEKSEPC
;
_entity_poly.pdbx_seq_one_letter_code_can   
;SLWQFGKMINYVMGESGVLQYLSYGCYCGLGGQGQPTDATDRCCFVHDCCYGKVTGCNPKIDSYTYSKKNGDVVCGGDNP
CKKQICECDRVATTCFRDNKDTYDIKYWFYGAKNCQEKSEPC
;
_entity_poly.pdbx_strand_id                 X 
_entity_poly.pdbx_target_identifier         ? 
# 
loop_
_pdbx_entity_nonpoly.entity_id 
_pdbx_entity_nonpoly.name 
_pdbx_entity_nonpoly.comp_id 
2 'CALCIUM ION' CA  
3 water         HOH 
# 
loop_
_entity_poly_seq.entity_id 
_entity_poly_seq.num 
_entity_poly_seq.mon_id 
_entity_poly_seq.hetero 
1 1   SER n 
1 2   LEU n 
1 3   TRP n 
1 4   GLN n 
1 5   PHE n 
1 6   GLY n 
1 7   LYS n 
1 8   MET n 
1 9   ILE n 
1 10  ASN n 
1 11  TYR n 
1 12  VAL n 
1 13  MET n 
1 14  GLY n 
1 15  GLU n 
1 16  SER n 
1 17  GLY n 
1 18  VAL n 
1 19  LEU n 
1 20  GLN n 
1 21  TYR n 
1 22  LEU n 
1 23  SER n 
1 24  TYR n 
1 25  GLY n 
1 26  CYS n 
1 27  TYR n 
1 28  CYS n 
1 29  GLY n 
1 30  LEU n 
1 31  GLY n 
1 32  GLY n 
1 33  GLN n 
1 34  GLY n 
1 35  GLN n 
1 36  PRO n 
1 37  THR n 
1 38  ASP n 
1 39  ALA n 
1 40  THR n 
1 41  ASP n 
1 42  ARG n 
1 43  CYS n 
1 44  CYS n 
1 45  PHE n 
1 46  VAL n 
1 47  HIS n 
1 48  ASP n 
1 49  CYS n 
1 50  CYS n 
1 51  TYR n 
1 52  GLY n 
1 53  LYS n 
1 54  VAL n 
1 55  THR n 
1 56  GLY n 
1 57  CYS n 
1 58  ASN n 
1 59  PRO n 
1 60  LYS n 
1 61  ILE n 
1 62  ASP n 
1 63  SER n 
1 64  TYR n 
1 65  THR n 
1 66  TYR n 
1 67  SER n 
1 68  LYS n 
1 69  LYS n 
1 70  ASN n 
1 71  GLY n 
1 72  ASP n 
1 73  VAL n 
1 74  VAL n 
1 75  CYS n 
1 76  GLY n 
1 77  GLY n 
1 78  ASP n 
1 79  ASN n 
1 80  PRO n 
1 81  CYS n 
1 82  LYS n 
1 83  LYS n 
1 84  GLN n 
1 85  ILE n 
1 86  CYS n 
1 87  GLU n 
1 88  CYS n 
1 89  ASP n 
1 90  ARG n 
1 91  VAL n 
1 92  ALA n 
1 93  THR n 
1 94  THR n 
1 95  CYS n 
1 96  PHE n 
1 97  ARG n 
1 98  ASP n 
1 99  ASN n 
1 100 LYS n 
1 101 ASP n 
1 102 THR n 
1 103 TYR n 
1 104 ASP n 
1 105 ILE n 
1 106 LYS n 
1 107 TYR n 
1 108 TRP n 
1 109 PHE n 
1 110 TYR n 
1 111 GLY n 
1 112 ALA n 
1 113 LYS n 
1 114 ASN n 
1 115 CYS n 
1 116 GLN n 
1 117 GLU n 
1 118 LYS n 
1 119 SER n 
1 120 GLU n 
1 121 PRO n 
1 122 CYS n 
# 
_entity_src_nat.entity_id                  1 
_entity_src_nat.pdbx_src_id                1 
_entity_src_nat.pdbx_alt_source_flag       sample 
_entity_src_nat.pdbx_beg_seq_num           ? 
_entity_src_nat.pdbx_end_seq_num           ? 
_entity_src_nat.common_name                JARARACUSSU 
_entity_src_nat.pdbx_organism_scientific   'BOTHROPS JARARACUSSU' 
_entity_src_nat.pdbx_ncbi_taxonomy_id      8726 
_entity_src_nat.genus                      ? 
_entity_src_nat.species                    ? 
_entity_src_nat.strain                     ? 
_entity_src_nat.tissue                     ? 
_entity_src_nat.tissue_fraction            ? 
_entity_src_nat.pdbx_secretion             VENOM 
_entity_src_nat.pdbx_fragment              ? 
_entity_src_nat.pdbx_variant               ? 
_entity_src_nat.pdbx_cell_line             ? 
_entity_src_nat.pdbx_atcc                  ? 
_entity_src_nat.pdbx_cellular_location     ? 
_entity_src_nat.pdbx_organ                 ? 
_entity_src_nat.pdbx_organelle             ? 
_entity_src_nat.pdbx_cell                  ? 
_entity_src_nat.pdbx_plasmid_name          ? 
_entity_src_nat.pdbx_plasmid_details       ? 
_entity_src_nat.details                    ? 
# 
loop_
_chem_comp.id 
_chem_comp.type 
_chem_comp.mon_nstd_flag 
_chem_comp.name 
_chem_comp.pdbx_synonyms 
_chem_comp.formula 
_chem_comp.formula_weight 
ALA 'L-peptide linking' y ALANINE         ? 'C3 H7 N O2'     89.093  
ARG 'L-peptide linking' y ARGININE        ? 'C6 H15 N4 O2 1' 175.209 
ASN 'L-peptide linking' y ASPARAGINE      ? 'C4 H8 N2 O3'    132.118 
ASP 'L-peptide linking' y 'ASPARTIC ACID' ? 'C4 H7 N O4'     133.103 
CA  non-polymer         . 'CALCIUM ION'   ? 'Ca 2'           40.078  
CYS 'L-peptide linking' y CYSTEINE        ? 'C3 H7 N O2 S'   121.158 
GLN 'L-peptide linking' y GLUTAMINE       ? 'C5 H10 N2 O3'   146.144 
GLU 'L-peptide linking' y 'GLUTAMIC ACID' ? 'C5 H9 N O4'     147.129 
GLY 'peptide linking'   y GLYCINE         ? 'C2 H5 N O2'     75.067  
HIS 'L-peptide linking' y HISTIDINE       ? 'C6 H10 N3 O2 1' 156.162 
HOH non-polymer         . WATER           ? 'H2 O'           18.015  
ILE 'L-peptide linking' y ISOLEUCINE      ? 'C6 H13 N O2'    131.173 
LEU 'L-peptide linking' y LEUCINE         ? 'C6 H13 N O2'    131.173 
LYS 'L-peptide linking' y LYSINE          ? 'C6 H15 N2 O2 1' 147.195 
MET 'L-peptide linking' y METHIONINE      ? 'C5 H11 N O2 S'  149.211 
PHE 'L-peptide linking' y PHENYLALANINE   ? 'C9 H11 N O2'    165.189 
PRO 'L-peptide linking' y PROLINE         ? 'C5 H9 N O2'     115.130 
SER 'L-peptide linking' y SERINE          ? 'C3 H7 N O3'     105.093 
THR 'L-peptide linking' y THREONINE       ? 'C4 H9 N O3'     119.119 
TRP 'L-peptide linking' y TRYPTOPHAN      ? 'C11 H12 N2 O2'  204.225 
TYR 'L-peptide linking' y TYROSINE        ? 'C9 H11 N O3'    181.189 
VAL 'L-peptide linking' y VALINE          ? 'C5 H11 N O2'    117.146 
# 
loop_
_pdbx_poly_seq_scheme.asym_id 
_pdbx_poly_seq_scheme.entity_id 
_pdbx_poly_seq_scheme.seq_id 
_pdbx_poly_seq_scheme.mon_id 
_pdbx_poly_seq_scheme.ndb_seq_num 
_pdbx_poly_seq_scheme.pdb_seq_num 
_pdbx_poly_seq_scheme.auth_seq_num 
_pdbx_poly_seq_scheme.pdb_mon_id 
_pdbx_poly_seq_scheme.auth_mon_id 
_pdbx_poly_seq_scheme.pdb_strand_id 
_pdbx_poly_seq_scheme.pdb_ins_code 
_pdbx_poly_seq_scheme.hetero 
A 1 1   SER 1   1   1   SER SER X . n 
A 1 2   LEU 2   2   2   LEU LEU X . n 
A 1 3   TRP 3   3   3   TRP TRP X . n 
A 1 4   GLN 4   4   4   GLN GLN X . n 
A 1 5   PHE 5   5   5   PHE PHE X . n 
A 1 6   GLY 6   6   6   GLY GLY X . n 
A 1 7   LYS 7   7   7   LYS LYS X . n 
A 1 8   MET 8   8   8   MET MET X . n 
A 1 9   ILE 9   9   9   ILE ILE X . n 
A 1 10  ASN 10  10  10  ASN ASN X . n 
A 1 11  TYR 11  11  11  TYR TYR X . n 
A 1 12  VAL 12  12  12  VAL VAL X . n 
A 1 13  MET 13  13  13  MET MET X . n 
A 1 14  GLY 14  14  14  GLY GLY X . n 
A 1 15  GLU 15  15  15  GLU GLU X . n 
A 1 16  SER 16  16  16  SER SER X . n 
A 1 17  GLY 17  17  17  GLY GLY X . n 
A 1 18  VAL 18  18  18  VAL VAL X . n 
A 1 19  LEU 19  19  19  LEU LEU X . n 
A 1 20  GLN 20  20  20  GLN GLN X . n 
A 1 21  TYR 21  21  21  TYR TYR X . n 
A 1 22  LEU 22  22  22  LEU LEU X . n 
A 1 23  SER 23  23  23  SER SER X . n 
A 1 24  TYR 24  24  24  TYR TYR X . n 
A 1 25  GLY 25  25  25  GLY GLY X . n 
A 1 26  CYS 26  26  26  CYS CYS X . n 
A 1 27  TYR 27  27  27  TYR TYR X . n 
A 1 28  CYS 28  28  28  CYS CYS X . n 
A 1 29  GLY 29  29  29  GLY GLY X . n 
A 1 30  LEU 30  30  30  LEU LEU X . n 
A 1 31  GLY 31  31  31  GLY GLY X . n 
A 1 32  GLY 32  32  32  GLY GLY X . n 
A 1 33  GLN 33  33  33  GLN GLN X . n 
A 1 34  GLY 34  34  34  GLY GLY X . n 
A 1 35  GLN 35  35  35  GLN GLN X . n 
A 1 36  PRO 36  36  36  PRO PRO X . n 
A 1 37  THR 37  37  37  THR THR X . n 
A 1 38  ASP 38  38  38  ASP ASP X . n 
A 1 39  ALA 39  39  39  ALA ALA X . n 
A 1 40  THR 40  40  40  THR THR X . n 
A 1 41  ASP 41  41  41  ASP ASP X . n 
A 1 42  ARG 42  42  42  ARG ARG X . n 
A 1 43  CYS 43  43  43  CYS CYS X . n 
A 1 44  CYS 44  44  44  CYS CYS X . n 
A 1 45  PHE 45  45  45  PHE PHE X . n 
A 1 46  VAL 46  46  46  VAL VAL X . n 
A 1 47  HIS 47  47  47  HIS HIS X . n 
A 1 48  ASP 48  48  48  ASP ASP X . n 
A 1 49  CYS 49  49  49  CYS CYS X . n 
A 1 50  CYS 50  50  50  CYS CYS X . n 
A 1 51  TYR 51  51  51  TYR TYR X . n 
A 1 52  GLY 52  52  52  GLY GLY X . n 
A 1 53  LYS 53  53  53  LYS LYS X . n 
A 1 54  VAL 54  54  54  VAL VAL X . n 
A 1 55  THR 55  55  55  THR THR X . n 
A 1 56  GLY 56  56  56  GLY GLY X . n 
A 1 57  CYS 57  57  57  CYS CYS X . n 
A 1 58  ASN 58  58  58  ASN ASN X . n 
A 1 59  PRO 59  59  59  PRO PRO X . n 
A 1 60  LYS 60  60  60  LYS LYS X . n 
A 1 61  ILE 61  61  61  ILE ILE X . n 
A 1 62  ASP 62  62  62  ASP ASP X . n 
A 1 63  SER 63  63  63  SER SER X . n 
A 1 64  TYR 64  64  64  TYR TYR X . n 
A 1 65  THR 65  65  65  THR THR X . n 
A 1 66  TYR 66  66  66  TYR TYR X . n 
A 1 67  SER 67  67  67  SER SER X . n 
A 1 68  LYS 68  68  68  LYS LYS X . n 
A 1 69  LYS 69  69  69  LYS LYS X . n 
A 1 70  ASN 70  70  70  ASN ASN X . n 
A 1 71  GLY 71  71  71  GLY GLY X . n 
A 1 72  ASP 72  72  72  ASP ASP X . n 
A 1 73  VAL 73  73  73  VAL VAL X . n 
A 1 74  VAL 74  74  74  VAL VAL X . n 
A 1 75  CYS 75  75  75  CYS CYS X . n 
A 1 76  GLY 76  76  76  GLY GLY X . n 
A 1 77  GLY 77  77  77  GLY GLY X . n 
A 1 78  ASP 78  78  78  ASP ASP X . n 
A 1 79  ASN 79  79  79  ASN ASN X . n 
A 1 80  PRO 80  80  80  PRO PRO X . n 
A 1 81  CYS 81  81  81  CYS CYS X . n 
A 1 82  LYS 82  82  82  LYS LYS X . n 
A 1 83  LYS 83  83  83  LYS LYS X . n 
A 1 84  GLN 84  84  84  GLN GLN X . n 
A 1 85  ILE 85  85  85  ILE ILE X . n 
A 1 86  CYS 86  86  86  CYS CYS X . n 
A 1 87  GLU 87  87  87  GLU GLU X . n 
A 1 88  CYS 88  88  88  CYS CYS X . n 
A 1 89  ASP 89  89  89  ASP ASP X . n 
A 1 90  ARG 90  90  90  ARG ARG X . n 
A 1 91  VAL 91  91  91  VAL VAL X . n 
A 1 92  ALA 92  92  92  ALA ALA X . n 
A 1 93  THR 93  93  93  THR THR X . n 
A 1 94  THR 94  94  94  THR THR X . n 
A 1 95  CYS 95  95  95  CYS CYS X . n 
A 1 96  PHE 96  96  96  PHE PHE X . n 
A 1 97  ARG 97  97  97  ARG ARG X . n 
A 1 98  ASP 98  98  98  ASP ASP X . n 
A 1 99  ASN 99  99  99  ASN ASN X . n 
A 1 100 LYS 100 100 100 LYS LYS X . n 
A 1 101 ASP 101 101 101 ASP ASP X . n 
A 1 102 THR 102 102 102 THR THR X . n 
A 1 103 TYR 103 103 103 TYR TYR X . n 
A 1 104 ASP 104 104 104 ASP ASP X . n 
A 1 105 ILE 105 105 105 ILE ILE X . n 
A 1 106 LYS 106 106 106 LYS LYS X . n 
A 1 107 TYR 107 107 107 TYR TYR X . n 
A 1 108 TRP 108 108 108 TRP TRP X . n 
A 1 109 PHE 109 109 109 PHE PHE X . n 
A 1 110 TYR 110 110 110 TYR TYR X . n 
A 1 111 GLY 111 111 111 GLY GLY X . n 
A 1 112 ALA 112 112 112 ALA ALA X . n 
A 1 113 LYS 113 113 113 LYS LYS X . n 
A 1 114 ASN 114 114 114 ASN ASN X . n 
A 1 115 CYS 115 115 115 CYS CYS X . n 
A 1 116 GLN 116 116 116 GLN GLN X . n 
A 1 117 GLU 117 117 117 GLU GLU X . n 
A 1 118 LYS 118 118 118 LYS LYS X . n 
A 1 119 SER 119 119 119 SER SER X . n 
A 1 120 GLU 120 120 120 GLU GLU X . n 
A 1 121 PRO 121 121 121 PRO PRO X . n 
A 1 122 CYS 122 122 122 CYS CYS X . n 
# 
loop_
_pdbx_nonpoly_scheme.asym_id 
_pdbx_nonpoly_scheme.entity_id 
_pdbx_nonpoly_scheme.mon_id 
_pdbx_nonpoly_scheme.ndb_seq_num 
_pdbx_nonpoly_scheme.pdb_seq_num 
_pdbx_nonpoly_scheme.auth_seq_num 
_pdbx_nonpoly_scheme.pdb_mon_id 
_pdbx_nonpoly_scheme.auth_mon_id 
_pdbx_nonpoly_scheme.pdb_strand_id 
_pdbx_nonpoly_scheme.pdb_ins_code 
B 2 CA  1   1123 1123 CA  CA  X . 
C 3 HOH 1   2001 2001 HOH HOH X . 
C 3 HOH 2   2002 2002 HOH HOH X . 
C 3 HOH 3   2003 2003 HOH HOH X . 
C 3 HOH 4   2004 2004 HOH HOH X . 
C 3 HOH 5   2005 2005 HOH HOH X . 
C 3 HOH 6   2006 2006 HOH HOH X . 
C 3 HOH 7   2007 2007 HOH HOH X . 
C 3 HOH 8   2008 2008 HOH HOH X . 
C 3 HOH 9   2009 2009 HOH HOH X . 
C 3 HOH 10  2010 2010 HOH HOH X . 
C 3 HOH 11  2011 2011 HOH HOH X . 
C 3 HOH 12  2012 2012 HOH HOH X . 
C 3 HOH 13  2013 2013 HOH HOH X . 
C 3 HOH 14  2014 2014 HOH HOH X . 
C 3 HOH 15  2015 2015 HOH HOH X . 
C 3 HOH 16  2016 2016 HOH HOH X . 
C 3 HOH 17  2017 2017 HOH HOH X . 
C 3 HOH 18  2018 2018 HOH HOH X . 
C 3 HOH 19  2019 2019 HOH HOH X . 
C 3 HOH 20  2020 2020 HOH HOH X . 
C 3 HOH 21  2021 2021 HOH HOH X . 
C 3 HOH 22  2022 2022 HOH HOH X . 
C 3 HOH 23  2023 2023 HOH HOH X . 
C 3 HOH 24  2024 2024 HOH HOH X . 
C 3 HOH 25  2025 2025 HOH HOH X . 
C 3 HOH 26  2026 2026 HOH HOH X . 
C 3 HOH 27  2027 2027 HOH HOH X . 
C 3 HOH 28  2028 2028 HOH HOH X . 
C 3 HOH 29  2029 2029 HOH HOH X . 
C 3 HOH 30  2030 2030 HOH HOH X . 
C 3 HOH 31  2031 2031 HOH HOH X . 
C 3 HOH 32  2032 2032 HOH HOH X . 
C 3 HOH 33  2033 2033 HOH HOH X . 
C 3 HOH 34  2034 2034 HOH HOH X . 
C 3 HOH 35  2035 2035 HOH HOH X . 
C 3 HOH 36  2036 2036 HOH HOH X . 
C 3 HOH 37  2037 2037 HOH HOH X . 
C 3 HOH 38  2038 2038 HOH HOH X . 
C 3 HOH 39  2039 2039 HOH HOH X . 
C 3 HOH 40  2040 2040 HOH HOH X . 
C 3 HOH 41  2041 2041 HOH HOH X . 
C 3 HOH 42  2042 2042 HOH HOH X . 
C 3 HOH 43  2043 2043 HOH HOH X . 
C 3 HOH 44  2044 2044 HOH HOH X . 
C 3 HOH 45  2045 2045 HOH HOH X . 
C 3 HOH 46  2046 2046 HOH HOH X . 
C 3 HOH 47  2047 2047 HOH HOH X . 
C 3 HOH 48  2048 2048 HOH HOH X . 
C 3 HOH 49  2049 2049 HOH HOH X . 
C 3 HOH 50  2050 2050 HOH HOH X . 
C 3 HOH 51  2051 2051 HOH HOH X . 
C 3 HOH 52  2052 2052 HOH HOH X . 
C 3 HOH 53  2053 2053 HOH HOH X . 
C 3 HOH 54  2054 2054 HOH HOH X . 
C 3 HOH 55  2055 2055 HOH HOH X . 
C 3 HOH 56  2056 2056 HOH HOH X . 
C 3 HOH 57  2057 2057 HOH HOH X . 
C 3 HOH 58  2058 2058 HOH HOH X . 
C 3 HOH 59  2059 2059 HOH HOH X . 
C 3 HOH 60  2060 2060 HOH HOH X . 
C 3 HOH 61  2061 2061 HOH HOH X . 
C 3 HOH 62  2062 2062 HOH HOH X . 
C 3 HOH 63  2063 2063 HOH HOH X . 
C 3 HOH 64  2064 2064 HOH HOH X . 
C 3 HOH 65  2065 2065 HOH HOH X . 
C 3 HOH 66  2066 2066 HOH HOH X . 
C 3 HOH 67  2067 2067 HOH HOH X . 
C 3 HOH 68  2068 2068 HOH HOH X . 
C 3 HOH 69  2069 2069 HOH HOH X . 
C 3 HOH 70  2070 2070 HOH HOH X . 
C 3 HOH 71  2071 2071 HOH HOH X . 
C 3 HOH 72  2072 2072 HOH HOH X . 
C 3 HOH 73  2073 2073 HOH HOH X . 
C 3 HOH 74  2074 2074 HOH HOH X . 
C 3 HOH 75  2075 2075 HOH HOH X . 
C 3 HOH 76  2076 2076 HOH HOH X . 
C 3 HOH 77  2077 2077 HOH HOH X . 
C 3 HOH 78  2078 2078 HOH HOH X . 
C 3 HOH 79  2079 2079 HOH HOH X . 
C 3 HOH 80  2080 2080 HOH HOH X . 
C 3 HOH 81  2081 2081 HOH HOH X . 
C 3 HOH 82  2082 2082 HOH HOH X . 
C 3 HOH 83  2083 2083 HOH HOH X . 
C 3 HOH 84  2084 2084 HOH HOH X . 
C 3 HOH 85  2085 2085 HOH HOH X . 
C 3 HOH 86  2086 2086 HOH HOH X . 
C 3 HOH 87  2087 2087 HOH HOH X . 
C 3 HOH 88  2088 2088 HOH HOH X . 
C 3 HOH 89  2089 2089 HOH HOH X . 
C 3 HOH 90  2090 2090 HOH HOH X . 
C 3 HOH 91  2091 2091 HOH HOH X . 
C 3 HOH 92  2092 2092 HOH HOH X . 
C 3 HOH 93  2093 2093 HOH HOH X . 
C 3 HOH 94  2094 2094 HOH HOH X . 
C 3 HOH 95  2095 2095 HOH HOH X . 
C 3 HOH 96  2096 2096 HOH HOH X . 
C 3 HOH 97  2097 2097 HOH HOH X . 
C 3 HOH 98  2098 2098 HOH HOH X . 
C 3 HOH 99  2099 2099 HOH HOH X . 
C 3 HOH 100 2100 2100 HOH HOH X . 
C 3 HOH 101 2101 2101 HOH HOH X . 
C 3 HOH 102 2102 2102 HOH HOH X . 
C 3 HOH 103 2103 2103 HOH HOH X . 
C 3 HOH 104 2104 2104 HOH HOH X . 
C 3 HOH 105 2105 2105 HOH HOH X . 
C 3 HOH 106 2106 2106 HOH HOH X . 
C 3 HOH 107 2107 2107 HOH HOH X . 
C 3 HOH 108 2108 2108 HOH HOH X . 
C 3 HOH 109 2109 2109 HOH HOH X . 
C 3 HOH 110 2110 2110 HOH HOH X . 
C 3 HOH 111 2111 2111 HOH HOH X . 
C 3 HOH 112 2112 2112 HOH HOH X . 
C 3 HOH 113 2113 2113 HOH HOH X . 
C 3 HOH 114 2114 2114 HOH HOH X . 
C 3 HOH 115 2115 2115 HOH HOH X . 
C 3 HOH 116 2116 2116 HOH HOH X . 
C 3 HOH 117 2117 2117 HOH HOH X . 
C 3 HOH 118 2118 2118 HOH HOH X . 
C 3 HOH 119 2119 2119 HOH HOH X . 
C 3 HOH 120 2120 2120 HOH HOH X . 
C 3 HOH 121 2121 2121 HOH HOH X . 
C 3 HOH 122 2122 2122 HOH HOH X . 
C 3 HOH 123 2123 2123 HOH HOH X . 
C 3 HOH 124 2124 2124 HOH HOH X . 
C 3 HOH 125 2125 2125 HOH HOH X . 
C 3 HOH 126 2126 2126 HOH HOH X . 
C 3 HOH 127 2127 2127 HOH HOH X . 
C 3 HOH 128 2128 2128 HOH HOH X . 
C 3 HOH 129 2129 2129 HOH HOH X . 
C 3 HOH 130 2130 2130 HOH HOH X . 
C 3 HOH 131 2131 2131 HOH HOH X . 
C 3 HOH 132 2132 2132 HOH HOH X . 
C 3 HOH 133 2133 2133 HOH HOH X . 
C 3 HOH 134 2134 2134 HOH HOH X . 
C 3 HOH 135 2135 2135 HOH HOH X . 
C 3 HOH 136 2136 2136 HOH HOH X . 
C 3 HOH 137 2137 2137 HOH HOH X . 
C 3 HOH 138 2138 2138 HOH HOH X . 
C 3 HOH 139 2139 2139 HOH HOH X . 
C 3 HOH 140 2140 2140 HOH HOH X . 
C 3 HOH 141 2141 2141 HOH HOH X . 
C 3 HOH 142 2142 2142 HOH HOH X . 
C 3 HOH 143 2143 2143 HOH HOH X . 
C 3 HOH 144 2144 2144 HOH HOH X . 
# 
loop_
_software.name 
_software.classification 
_software.version 
_software.citation_id 
_software.pdbx_ordinal 
REFMAC    refinement       5.1.24 ? 1 
DENZO     'data reduction' .      ? 2 
SCALEPACK 'data scaling'   .      ? 3 
AMoRE     phasing          .      ? 4 
# 
_cell.entry_id           1UMV 
_cell.length_a           39.990 
_cell.length_b           53.990 
_cell.length_c           90.460 
_cell.angle_alpha        90.00 
_cell.angle_beta         90.00 
_cell.angle_gamma        90.00 
_cell.Z_PDB              8 
_cell.pdbx_unique_axis   ? 
# 
_symmetry.entry_id                         1UMV 
_symmetry.space_group_name_H-M             'C 2 2 21' 
_symmetry.pdbx_full_space_group_name_H-M   ? 
_symmetry.cell_setting                     ? 
_symmetry.Int_Tables_number                20 
# 
_exptl.entry_id          1UMV 
_exptl.method            'X-RAY DIFFRACTION' 
_exptl.crystals_number   1 
# 
_exptl_crystal.id                    1 
_exptl_crystal.density_meas          ? 
_exptl_crystal.density_Matthews      1.78 
_exptl_crystal.density_percent_sol   30.98 
_exptl_crystal.description           ? 
# 
_exptl_crystal_grow.crystal_id      1 
_exptl_crystal_grow.method          ? 
_exptl_crystal_grow.temp            ? 
_exptl_crystal_grow.temp_details    ? 
_exptl_crystal_grow.pH              4.60 
_exptl_crystal_grow.pdbx_pH_range   ? 
_exptl_crystal_grow.pdbx_details    'pH 4.60' 
# 
_diffrn.id                     1 
_diffrn.ambient_temp           100.0 
_diffrn.ambient_temp_details   ? 
_diffrn.crystal_id             1 
# 
_diffrn_detector.diffrn_id              1 
_diffrn_detector.detector               'IMAGE PLATE' 
_diffrn_detector.type                   MARRESEARCH 
_diffrn_detector.pdbx_collection_date   ? 
_diffrn_detector.details                MIRRORS 
# 
_diffrn_radiation.diffrn_id                        1 
_diffrn_radiation.wavelength_id                    1 
_diffrn_radiation.pdbx_monochromatic_or_laue_m_l   M 
_diffrn_radiation.monochromator                    ? 
_diffrn_radiation.pdbx_diffrn_protocol             'SINGLE WAVELENGTH' 
_diffrn_radiation.pdbx_scattering_type             x-ray 
# 
_diffrn_radiation_wavelength.id           1 
_diffrn_radiation_wavelength.wavelength   1.5370 
_diffrn_radiation_wavelength.wt           1.0 
# 
_diffrn_source.diffrn_id                   1 
_diffrn_source.source                      SYNCHROTRON 
_diffrn_source.type                        'LNLS BEAMLINE D03B-MX1' 
_diffrn_source.pdbx_synchrotron_site       LNLS 
_diffrn_source.pdbx_synchrotron_beamline   D03B-MX1 
_diffrn_source.pdbx_wavelength             1.5370 
_diffrn_source.pdbx_wavelength_list        ? 
# 
_reflns.pdbx_diffrn_id               1 
_reflns.pdbx_ordinal                 1 
_reflns.entry_id                     1UMV 
_reflns.observed_criterion_sigma_I   2.000 
_reflns.observed_criterion_sigma_F   ? 
_reflns.d_resolution_low             50.000 
_reflns.d_resolution_high            1.790 
_reflns.number_obs                   9034 
_reflns.number_all                   ? 
_reflns.percent_possible_obs         94.0 
_reflns.pdbx_Rmerge_I_obs            0.04600 
_reflns.pdbx_Rsym_value              ? 
_reflns.pdbx_netI_over_sigmaI        22.1000 
_reflns.B_iso_Wilson_estimate        ? 
_reflns.pdbx_redundancy              5.700 
# 
_reflns_shell.pdbx_diffrn_id         1 
_reflns_shell.pdbx_ordinal           1 
_reflns_shell.d_res_high             1.79 
_reflns_shell.d_res_low              1.83 
_reflns_shell.percent_possible_all   80.1 
_reflns_shell.Rmerge_I_obs           0.15300 
_reflns_shell.pdbx_Rsym_value        ? 
_reflns_shell.meanI_over_sigI_obs    6.000 
_reflns_shell.pdbx_redundancy        ? 
# 
_refine.pdbx_refine_id                           'X-RAY DIFFRACTION' 
_refine.entry_id                                 1UMV 
_refine.pdbx_diffrn_id                           1 
_refine.pdbx_TLS_residual_ADP_flag               ? 
_refine.ls_number_reflns_obs                     8580 
_refine.ls_number_reflns_all                     ? 
_refine.pdbx_ls_sigma_I                          ? 
_refine.pdbx_ls_sigma_F                          ? 
_refine.pdbx_data_cutoff_high_absF               ? 
_refine.pdbx_data_cutoff_low_absF                ? 
_refine.pdbx_data_cutoff_high_rms_absF           ? 
_refine.ls_d_res_low                             30.29 
_refine.ls_d_res_high                            1.79 
_refine.ls_percent_reflns_obs                    94.4 
_refine.ls_R_factor_obs                          0.164 
_refine.ls_R_factor_all                          ? 
_refine.ls_R_factor_R_work                       0.161 
_refine.ls_R_factor_R_free                       0.229 
_refine.ls_R_factor_R_free_error                 ? 
_refine.ls_R_factor_R_free_error_details         ? 
_refine.ls_percent_reflns_R_free                 4.800 
_refine.ls_number_reflns_R_free                  429 
_refine.ls_number_parameters                     ? 
_refine.ls_number_restraints                     ? 
_refine.occupancy_min                            ? 
_refine.occupancy_max                            ? 
_refine.correlation_coeff_Fo_to_Fc               0.962 
_refine.correlation_coeff_Fo_to_Fc_free          0.922 
_refine.B_iso_mean                               16.17 
_refine.aniso_B[1][1]                            -0.01000 
_refine.aniso_B[2][2]                            0.03000 
_refine.aniso_B[3][3]                            -0.02000 
_refine.aniso_B[1][2]                            0.00000 
_refine.aniso_B[1][3]                            0.00000 
_refine.aniso_B[2][3]                            0.00000 
_refine.solvent_model_details                    'BABINET MODEL WITH MASK' 
_refine.solvent_model_param_ksol                 ? 
_refine.solvent_model_param_bsol                 ? 
_refine.pdbx_solvent_vdw_probe_radii             1.40 
_refine.pdbx_solvent_ion_probe_radii             0.80 
_refine.pdbx_solvent_shrinkage_radii             0.80 
_refine.pdbx_ls_cross_valid_method               THROUGHOUT 
_refine.details                                  'HYDROGENS HAVE BEEN ADDED IN THE RIDING POSITIONS' 
_refine.pdbx_starting_model                      'PDB ENTRY 1GOD' 
_refine.pdbx_method_to_determine_struct          'MOLECULAR REPLACEMENT' 
_refine.pdbx_isotropic_thermal_model             ? 
_refine.pdbx_stereochemistry_target_values       'MAXIMUM LIKELIHOOD' 
_refine.pdbx_stereochem_target_val_spec_case     ? 
_refine.pdbx_R_Free_selection_details            RANDOM 
_refine.pdbx_overall_ESU_R                       0.152 
_refine.pdbx_overall_ESU_R_Free                  0.152 
_refine.overall_SU_ML                            0.098 
_refine.pdbx_overall_phase_error                 ? 
_refine.overall_SU_B                             3.115 
_refine.overall_SU_R_Cruickshank_DPI             ? 
_refine.pdbx_overall_SU_R_free_Cruickshank_DPI   ? 
_refine.pdbx_overall_SU_R_Blow_DPI               ? 
_refine.pdbx_overall_SU_R_free_Blow_DPI          ? 
# 
_refine_hist.pdbx_refine_id                   'X-RAY DIFFRACTION' 
_refine_hist.cycle_id                         LAST 
_refine_hist.pdbx_number_atoms_protein        949 
_refine_hist.pdbx_number_atoms_nucleic_acid   0 
_refine_hist.pdbx_number_atoms_ligand         1 
_refine_hist.number_atoms_solvent             144 
_refine_hist.number_atoms_total               1094 
_refine_hist.d_res_high                       1.79 
_refine_hist.d_res_low                        30.29 
# 
loop_
_refine_ls_restr.type 
_refine_ls_restr.dev_ideal 
_refine_ls_restr.dev_ideal_target 
_refine_ls_restr.weight 
_refine_ls_restr.number 
_refine_ls_restr.pdbx_refine_id 
_refine_ls_restr.pdbx_restraint_function 
r_bond_refined_d             0.021 0.021 ? 978  'X-RAY DIFFRACTION' ? 
r_bond_other_d               0.001 0.020 ? 790  'X-RAY DIFFRACTION' ? 
r_angle_refined_deg          2.048 1.952 ? 1322 'X-RAY DIFFRACTION' ? 
r_angle_other_deg            1.017 3.000 ? 1868 'X-RAY DIFFRACTION' ? 
r_dihedral_angle_1_deg       7.136 5.000 ? 121  'X-RAY DIFFRACTION' ? 
r_dihedral_angle_2_deg       ?     ?     ? ?    'X-RAY DIFFRACTION' ? 
r_dihedral_angle_3_deg       ?     ?     ? ?    'X-RAY DIFFRACTION' ? 
r_dihedral_angle_4_deg       ?     ?     ? ?    'X-RAY DIFFRACTION' ? 
r_chiral_restr               0.148 0.200 ? 130  'X-RAY DIFFRACTION' ? 
r_gen_planes_refined         0.010 0.020 ? 1104 'X-RAY DIFFRACTION' ? 
r_gen_planes_other           0.005 0.020 ? 201  'X-RAY DIFFRACTION' ? 
r_nbd_refined                0.238 0.300 ? 247  'X-RAY DIFFRACTION' ? 
r_nbd_other                  0.270 0.300 ? 982  'X-RAY DIFFRACTION' ? 
r_nbtor_refined              ?     ?     ? ?    'X-RAY DIFFRACTION' ? 
r_nbtor_other                0.106 0.500 ? 527  'X-RAY DIFFRACTION' ? 
r_xyhbond_nbd_refined        0.231 0.500 ? 144  'X-RAY DIFFRACTION' ? 
r_xyhbond_nbd_other          ?     ?     ? ?    'X-RAY DIFFRACTION' ? 
r_metal_ion_refined          ?     ?     ? ?    'X-RAY DIFFRACTION' ? 
r_metal_ion_other            ?     ?     ? ?    'X-RAY DIFFRACTION' ? 
r_symmetry_vdw_refined       0.235 0.300 ? 19   'X-RAY DIFFRACTION' ? 
r_symmetry_vdw_other         0.280 0.300 ? 68   'X-RAY DIFFRACTION' ? 
r_symmetry_hbond_refined     0.251 0.500 ? 32   'X-RAY DIFFRACTION' ? 
r_symmetry_hbond_other       ?     ?     ? ?    'X-RAY DIFFRACTION' ? 
r_symmetry_metal_ion_refined ?     ?     ? ?    'X-RAY DIFFRACTION' ? 
r_symmetry_metal_ion_other   ?     ?     ? ?    'X-RAY DIFFRACTION' ? 
r_mcbond_it                  1.716 2.000 ? 599  'X-RAY DIFFRACTION' ? 
r_mcbond_other               ?     ?     ? ?    'X-RAY DIFFRACTION' ? 
r_mcangle_it                 2.659 3.000 ? 958  'X-RAY DIFFRACTION' ? 
r_mcangle_other              ?     ?     ? ?    'X-RAY DIFFRACTION' ? 
r_scbond_it                  1.858 2.000 ? 379  'X-RAY DIFFRACTION' ? 
r_scbond_other               ?     ?     ? ?    'X-RAY DIFFRACTION' ? 
r_scangle_it                 2.824 3.000 ? 364  'X-RAY DIFFRACTION' ? 
r_scangle_other              ?     ?     ? ?    'X-RAY DIFFRACTION' ? 
r_long_range_B_refined       ?     ?     ? ?    'X-RAY DIFFRACTION' ? 
r_long_range_B_other         ?     ?     ? ?    'X-RAY DIFFRACTION' ? 
r_rigid_bond_restr           ?     ?     ? ?    'X-RAY DIFFRACTION' ? 
r_sphericity_free            ?     ?     ? ?    'X-RAY DIFFRACTION' ? 
r_sphericity_bonded          ?     ?     ? ?    'X-RAY DIFFRACTION' ? 
# 
_refine_ls_shell.pdbx_refine_id                   'X-RAY DIFFRACTION' 
_refine_ls_shell.pdbx_total_number_of_bins_used   20 
_refine_ls_shell.d_res_high                       1.79 
_refine_ls_shell.d_res_low                        1.84 
_refine_ls_shell.number_reflns_R_work             556 
_refine_ls_shell.R_factor_R_work                  0.1990 
_refine_ls_shell.percent_reflns_obs               ? 
_refine_ls_shell.R_factor_R_free                  0.2670 
_refine_ls_shell.R_factor_R_free_error            ? 
_refine_ls_shell.percent_reflns_R_free            ? 
_refine_ls_shell.number_reflns_R_free             18 
_refine_ls_shell.number_reflns_all                ? 
_refine_ls_shell.R_factor_all                     ? 
# 
_struct.entry_id                  1UMV 
_struct.title                     
'Crystal structure of an acidic, non-myotoxic phospholipase A2 from the venom of Bothrops jararacussu' 
_struct.pdbx_model_details        ? 
_struct.pdbx_CASP_flag            ? 
_struct.pdbx_model_type_details   ? 
# 
_struct_keywords.entry_id        1UMV 
_struct_keywords.pdbx_keywords   LIPASE 
_struct_keywords.text            'ACIDIC, NON-MYOTOXIC, PLA2, BOTHROPS JARARACUSSU, LIPASE' 
# 
loop_
_struct_asym.id 
_struct_asym.pdbx_blank_PDB_chainid_flag 
_struct_asym.pdbx_modified 
_struct_asym.entity_id 
_struct_asym.details 
A N N 1 ? 
B N N 2 ? 
C N N 3 ? 
# 
_struct_ref.id                         1 
_struct_ref.db_name                    UNP 
_struct_ref.db_code                    Q8AXY1 
_struct_ref.entity_id                  1 
_struct_ref.pdbx_seq_one_letter_code   ? 
_struct_ref.pdbx_align_begin           ? 
_struct_ref.pdbx_db_accession          Q8AXY1 
_struct_ref.pdbx_db_isoform            ? 
# 
_struct_ref_seq.align_id                      1 
_struct_ref_seq.ref_id                        1 
_struct_ref_seq.pdbx_PDB_id_code              1UMV 
_struct_ref_seq.pdbx_strand_id                X 
_struct_ref_seq.seq_align_beg                 1 
_struct_ref_seq.pdbx_seq_align_beg_ins_code   ? 
_struct_ref_seq.seq_align_end                 122 
_struct_ref_seq.pdbx_seq_align_end_ins_code   ? 
_struct_ref_seq.pdbx_db_accession             Q8AXY1 
_struct_ref_seq.db_align_beg                  17 
_struct_ref_seq.pdbx_db_align_beg_ins_code    ? 
_struct_ref_seq.db_align_end                  138 
_struct_ref_seq.pdbx_db_align_end_ins_code    ? 
_struct_ref_seq.pdbx_auth_seq_align_beg       1 
_struct_ref_seq.pdbx_auth_seq_align_end       122 
# 
loop_
_struct_ref_seq_dif.align_id 
_struct_ref_seq_dif.pdbx_pdb_id_code 
_struct_ref_seq_dif.mon_id 
_struct_ref_seq_dif.pdbx_pdb_strand_id 
_struct_ref_seq_dif.seq_num 
_struct_ref_seq_dif.pdbx_pdb_ins_code 
_struct_ref_seq_dif.pdbx_seq_db_name 
_struct_ref_seq_dif.pdbx_seq_db_accession_code 
_struct_ref_seq_dif.db_mon_id 
_struct_ref_seq_dif.pdbx_seq_db_seq_num 
_struct_ref_seq_dif.details 
_struct_ref_seq_dif.pdbx_auth_seq_num 
_struct_ref_seq_dif.pdbx_ordinal 
1 1UMV ASN X 58 ? UNP Q8AXY1 ASP 74 conflict 58 1 
1 1UMV ASN X 79 ? UNP Q8AXY1 ASP 95 conflict 79 2 
# 
_pdbx_struct_assembly.id                   1 
_pdbx_struct_assembly.details              author_and_software_defined_assembly 
_pdbx_struct_assembly.method_details       PQS 
_pdbx_struct_assembly.oligomeric_details   dimeric 
_pdbx_struct_assembly.oligomeric_count     2 
# 
_pdbx_struct_assembly_gen.assembly_id       1 
_pdbx_struct_assembly_gen.oper_expression   1,2 
_pdbx_struct_assembly_gen.asym_id_list      A,B,C 
# 
loop_
_pdbx_struct_oper_list.id 
_pdbx_struct_oper_list.type 
_pdbx_struct_oper_list.name 
_pdbx_struct_oper_list.symmetry_operation 
_pdbx_struct_oper_list.matrix[1][1] 
_pdbx_struct_oper_list.matrix[1][2] 
_pdbx_struct_oper_list.matrix[1][3] 
_pdbx_struct_oper_list.vector[1] 
_pdbx_struct_oper_list.matrix[2][1] 
_pdbx_struct_oper_list.matrix[2][2] 
_pdbx_struct_oper_list.matrix[2][3] 
_pdbx_struct_oper_list.vector[2] 
_pdbx_struct_oper_list.matrix[3][1] 
_pdbx_struct_oper_list.matrix[3][2] 
_pdbx_struct_oper_list.matrix[3][3] 
_pdbx_struct_oper_list.vector[3] 
1 'identity operation'         1_555 x,y,z         1.0000000000 0.0000000000 0.0000000000 0.0000000000  0.0000000000 1.0000000000  0.0000000000 0.0000000000  0.0000000000 0.0000000000 1.0000000000  0.0000000000   
2 'crystal symmetry operation' 3_655 -x+1,y,-z+1/2 0.5242451966 0.4604257021 0.7163624409 10.3535753475 0.4604257021 -0.8609201278 0.2163901717 -5.2876328332 0.7163624409 0.2163901717 -0.6633250688 -18.6313863899 
# 
_struct_biol.id   1 
# 
loop_
_struct_conf.conf_type_id 
_struct_conf.id 
_struct_conf.pdbx_PDB_helix_id 
_struct_conf.beg_label_comp_id 
_struct_conf.beg_label_asym_id 
_struct_conf.beg_label_seq_id 
_struct_conf.pdbx_beg_PDB_ins_code 
_struct_conf.end_label_comp_id 
_struct_conf.end_label_asym_id 
_struct_conf.end_label_seq_id 
_struct_conf.pdbx_end_PDB_ins_code 
_struct_conf.beg_auth_comp_id 
_struct_conf.beg_auth_asym_id 
_struct_conf.beg_auth_seq_id 
_struct_conf.end_auth_comp_id 
_struct_conf.end_auth_asym_id 
_struct_conf.end_auth_seq_id 
_struct_conf.pdbx_PDB_helix_class 
_struct_conf.details 
_struct_conf.pdbx_PDB_helix_length 
HELX_P HELX_P1 1 SER A 1   ? GLY A 14  ? SER X 1   GLY X 14  1 ? 14 
HELX_P HELX_P2 2 SER A 16  ? LEU A 22  ? SER X 16  LEU X 22  1 ? 7  
HELX_P HELX_P3 3 ASP A 38  ? LYS A 53  ? ASP X 38  LYS X 53  1 ? 16 
HELX_P HELX_P4 4 ASN A 79  ? ASN A 99  ? ASN X 79  ASN X 99  1 ? 21 
HELX_P HELX_P5 5 LYS A 100 ? TYR A 103 ? LYS X 100 TYR X 103 5 ? 4  
HELX_P HELX_P6 6 ASP A 104 ? TYR A 107 ? ASP X 104 TYR X 107 5 ? 4  
HELX_P HELX_P7 7 GLY A 111 ? CYS A 115 ? GLY X 111 CYS X 115 5 ? 5  
# 
_struct_conf_type.id          HELX_P 
_struct_conf_type.criteria    ? 
_struct_conf_type.reference   ? 
# 
loop_
_struct_conn.id 
_struct_conn.conn_type_id 
_struct_conn.pdbx_leaving_atom_flag 
_struct_conn.pdbx_PDB_id 
_struct_conn.ptnr1_label_asym_id 
_struct_conn.ptnr1_label_comp_id 
_struct_conn.ptnr1_label_seq_id 
_struct_conn.ptnr1_label_atom_id 
_struct_conn.pdbx_ptnr1_label_alt_id 
_struct_conn.pdbx_ptnr1_PDB_ins_code 
_struct_conn.pdbx_ptnr1_standard_comp_id 
_struct_conn.ptnr1_symmetry 
_struct_conn.ptnr2_label_asym_id 
_struct_conn.ptnr2_label_comp_id 
_struct_conn.ptnr2_label_seq_id 
_struct_conn.ptnr2_label_atom_id 
_struct_conn.pdbx_ptnr2_label_alt_id 
_struct_conn.pdbx_ptnr2_PDB_ins_code 
_struct_conn.ptnr1_auth_asym_id 
_struct_conn.ptnr1_auth_comp_id 
_struct_conn.ptnr1_auth_seq_id 
_struct_conn.ptnr2_auth_asym_id 
_struct_conn.ptnr2_auth_comp_id 
_struct_conn.ptnr2_auth_seq_id 
_struct_conn.ptnr2_symmetry 
_struct_conn.pdbx_ptnr3_label_atom_id 
_struct_conn.pdbx_ptnr3_label_seq_id 
_struct_conn.pdbx_ptnr3_label_comp_id 
_struct_conn.pdbx_ptnr3_label_asym_id 
_struct_conn.pdbx_ptnr3_label_alt_id 
_struct_conn.pdbx_ptnr3_PDB_ins_code 
_struct_conn.details 
_struct_conn.pdbx_dist_value 
_struct_conn.pdbx_value_order 
_struct_conn.pdbx_role 
disulf1 disulf ? ? A CYS 26 SG  ? ? ? 1_555 A CYS 115 SG ? ? X CYS 26 X CYS 115  1_555 ? ? ? ? ? ? ? 2.006 ? ? 
disulf2 disulf ? ? A CYS 28 SG  ? ? ? 1_555 A CYS 44  SG ? ? X CYS 28 X CYS 44   1_555 ? ? ? ? ? ? ? 2.012 ? ? 
disulf3 disulf ? ? A CYS 43 SG  ? ? ? 1_555 A CYS 95  SG ? ? X CYS 43 X CYS 95   1_555 ? ? ? ? ? ? ? 2.023 ? ? 
disulf4 disulf ? ? A CYS 49 SG  ? ? ? 1_555 A CYS 122 SG ? ? X CYS 49 X CYS 122  1_555 ? ? ? ? ? ? ? 2.027 ? ? 
disulf5 disulf ? ? A CYS 50 SG  ? ? ? 1_555 A CYS 88  SG ? ? X CYS 50 X CYS 88   1_555 ? ? ? ? ? ? ? 2.042 ? ? 
disulf6 disulf ? ? A CYS 57 SG  ? ? ? 1_555 A CYS 81  SG ? ? X CYS 57 X CYS 81   1_555 ? ? ? ? ? ? ? 2.016 ? ? 
disulf7 disulf ? ? A CYS 75 SG  ? ? ? 1_555 A CYS 86  SG ? ? X CYS 75 X CYS 86   1_555 ? ? ? ? ? ? ? 1.999 ? ? 
metalc1 metalc ? ? A TYR 27 O   ? ? ? 1_555 B CA  .   CA ? ? X TYR 27 X CA  1123 1_555 ? ? ? ? ? ? ? 2.468 ? ? 
metalc2 metalc ? ? A GLY 31 N   ? ? ? 1_555 B CA  .   CA ? ? X GLY 31 X CA  1123 1_555 ? ? ? ? ? ? ? 3.323 ? ? 
metalc3 metalc ? ? A GLY 32 N   ? ? ? 1_555 B CA  .   CA ? ? X GLY 32 X CA  1123 1_555 ? ? ? ? ? ? ? 2.876 ? ? 
metalc4 metalc ? ? A ASP 48 OD1 ? ? ? 1_555 B CA  .   CA ? ? X ASP 48 X CA  1123 1_555 ? ? ? ? ? ? ? 2.672 ? ? 
metalc5 metalc ? ? A ASP 48 OD2 ? ? ? 1_555 B CA  .   CA ? ? X ASP 48 X CA  1123 1_555 ? ? ? ? ? ? ? 2.511 ? ? 
# 
loop_
_struct_conn_type.id 
_struct_conn_type.criteria 
_struct_conn_type.reference 
disulf ? ? 
metalc ? ? 
# 
loop_
_pdbx_struct_conn_angle.id 
_pdbx_struct_conn_angle.ptnr1_label_atom_id 
_pdbx_struct_conn_angle.ptnr1_label_alt_id 
_pdbx_struct_conn_angle.ptnr1_label_asym_id 
_pdbx_struct_conn_angle.ptnr1_label_comp_id 
_pdbx_struct_conn_angle.ptnr1_label_seq_id 
_pdbx_struct_conn_angle.ptnr1_auth_atom_id 
_pdbx_struct_conn_angle.ptnr1_auth_asym_id 
_pdbx_struct_conn_angle.ptnr1_auth_comp_id 
_pdbx_struct_conn_angle.ptnr1_auth_seq_id 
_pdbx_struct_conn_angle.ptnr1_PDB_ins_code 
_pdbx_struct_conn_angle.ptnr1_symmetry 
_pdbx_struct_conn_angle.ptnr2_label_atom_id 
_pdbx_struct_conn_angle.ptnr2_label_alt_id 
_pdbx_struct_conn_angle.ptnr2_label_asym_id 
_pdbx_struct_conn_angle.ptnr2_label_comp_id 
_pdbx_struct_conn_angle.ptnr2_label_seq_id 
_pdbx_struct_conn_angle.ptnr2_auth_atom_id 
_pdbx_struct_conn_angle.ptnr2_auth_asym_id 
_pdbx_struct_conn_angle.ptnr2_auth_comp_id 
_pdbx_struct_conn_angle.ptnr2_auth_seq_id 
_pdbx_struct_conn_angle.ptnr2_PDB_ins_code 
_pdbx_struct_conn_angle.ptnr2_symmetry 
_pdbx_struct_conn_angle.ptnr3_label_atom_id 
_pdbx_struct_conn_angle.ptnr3_label_alt_id 
_pdbx_struct_conn_angle.ptnr3_label_asym_id 
_pdbx_struct_conn_angle.ptnr3_label_comp_id 
_pdbx_struct_conn_angle.ptnr3_label_seq_id 
_pdbx_struct_conn_angle.ptnr3_auth_atom_id 
_pdbx_struct_conn_angle.ptnr3_auth_asym_id 
_pdbx_struct_conn_angle.ptnr3_auth_comp_id 
_pdbx_struct_conn_angle.ptnr3_auth_seq_id 
_pdbx_struct_conn_angle.ptnr3_PDB_ins_code 
_pdbx_struct_conn_angle.ptnr3_symmetry 
_pdbx_struct_conn_angle.value 
_pdbx_struct_conn_angle.value_esd 
1  O   ? A TYR 27 ? X TYR 27 ? 1_555 CA ? B CA . ? X CA 1123 ? 1_555 N   ? A GLY 31 ? X GLY 31 ? 1_555 133.6 ? 
2  O   ? A TYR 27 ? X TYR 27 ? 1_555 CA ? B CA . ? X CA 1123 ? 1_555 N   ? A GLY 32 ? X GLY 32 ? 1_555 134.2 ? 
3  N   ? A GLY 31 ? X GLY 31 ? 1_555 CA ? B CA . ? X CA 1123 ? 1_555 N   ? A GLY 32 ? X GLY 32 ? 1_555 51.2  ? 
4  O   ? A TYR 27 ? X TYR 27 ? 1_555 CA ? B CA . ? X CA 1123 ? 1_555 OD1 ? A ASP 48 ? X ASP 48 ? 1_555 101.4 ? 
5  N   ? A GLY 31 ? X GLY 31 ? 1_555 CA ? B CA . ? X CA 1123 ? 1_555 OD1 ? A ASP 48 ? X ASP 48 ? 1_555 73.0  ? 
6  N   ? A GLY 32 ? X GLY 32 ? 1_555 CA ? B CA . ? X CA 1123 ? 1_555 OD1 ? A ASP 48 ? X ASP 48 ? 1_555 118.4 ? 
7  O   ? A TYR 27 ? X TYR 27 ? 1_555 CA ? B CA . ? X CA 1123 ? 1_555 OD2 ? A ASP 48 ? X ASP 48 ? 1_555 145.9 ? 
8  N   ? A GLY 31 ? X GLY 31 ? 1_555 CA ? B CA . ? X CA 1123 ? 1_555 OD2 ? A ASP 48 ? X ASP 48 ? 1_555 63.0  ? 
9  N   ? A GLY 32 ? X GLY 32 ? 1_555 CA ? B CA . ? X CA 1123 ? 1_555 OD2 ? A ASP 48 ? X ASP 48 ? 1_555 79.9  ? 
10 OD1 ? A ASP 48 ? X ASP 48 ? 1_555 CA ? B CA . ? X CA 1123 ? 1_555 OD2 ? A ASP 48 ? X ASP 48 ? 1_555 50.0  ? 
# 
loop_
_pdbx_modification_feature.ordinal 
_pdbx_modification_feature.label_comp_id 
_pdbx_modification_feature.label_asym_id 
_pdbx_modification_feature.label_seq_id 
_pdbx_modification_feature.label_alt_id 
_pdbx_modification_feature.modified_residue_label_comp_id 
_pdbx_modification_feature.modified_residue_label_asym_id 
_pdbx_modification_feature.modified_residue_label_seq_id 
_pdbx_modification_feature.modified_residue_label_alt_id 
_pdbx_modification_feature.auth_comp_id 
_pdbx_modification_feature.auth_asym_id 
_pdbx_modification_feature.auth_seq_id 
_pdbx_modification_feature.PDB_ins_code 
_pdbx_modification_feature.symmetry 
_pdbx_modification_feature.modified_residue_auth_comp_id 
_pdbx_modification_feature.modified_residue_auth_asym_id 
_pdbx_modification_feature.modified_residue_auth_seq_id 
_pdbx_modification_feature.modified_residue_PDB_ins_code 
_pdbx_modification_feature.modified_residue_symmetry 
_pdbx_modification_feature.comp_id_linking_atom 
_pdbx_modification_feature.modified_residue_id_linking_atom 
_pdbx_modification_feature.modified_residue_id 
_pdbx_modification_feature.ref_pcm_id 
_pdbx_modification_feature.ref_comp_id 
_pdbx_modification_feature.type 
_pdbx_modification_feature.category 
1 CYS A 26 ? CYS A 115 ? CYS X 26 ? 1_555 CYS X 115 ? 1_555 SG SG . . . None 'Disulfide bridge' 
2 CYS A 28 ? CYS A 44  ? CYS X 28 ? 1_555 CYS X 44  ? 1_555 SG SG . . . None 'Disulfide bridge' 
3 CYS A 43 ? CYS A 95  ? CYS X 43 ? 1_555 CYS X 95  ? 1_555 SG SG . . . None 'Disulfide bridge' 
4 CYS A 49 ? CYS A 122 ? CYS X 49 ? 1_555 CYS X 122 ? 1_555 SG SG . . . None 'Disulfide bridge' 
5 CYS A 50 ? CYS A 88  ? CYS X 50 ? 1_555 CYS X 88  ? 1_555 SG SG . . . None 'Disulfide bridge' 
6 CYS A 57 ? CYS A 81  ? CYS X 57 ? 1_555 CYS X 81  ? 1_555 SG SG . . . None 'Disulfide bridge' 
7 CYS A 75 ? CYS A 86  ? CYS X 75 ? 1_555 CYS X 86  ? 1_555 SG SG . . . None 'Disulfide bridge' 
# 
_struct_sheet.id               XA 
_struct_sheet.type             ? 
_struct_sheet.number_strands   2 
_struct_sheet.details          ? 
# 
_struct_sheet_order.sheet_id     XA 
_struct_sheet_order.range_id_1   1 
_struct_sheet_order.range_id_2   2 
_struct_sheet_order.offset       ? 
_struct_sheet_order.sense        anti-parallel 
# 
loop_
_struct_sheet_range.sheet_id 
_struct_sheet_range.id 
_struct_sheet_range.beg_label_comp_id 
_struct_sheet_range.beg_label_asym_id 
_struct_sheet_range.beg_label_seq_id 
_struct_sheet_range.pdbx_beg_PDB_ins_code 
_struct_sheet_range.end_label_comp_id 
_struct_sheet_range.end_label_asym_id 
_struct_sheet_range.end_label_seq_id 
_struct_sheet_range.pdbx_end_PDB_ins_code 
_struct_sheet_range.beg_auth_comp_id 
_struct_sheet_range.beg_auth_asym_id 
_struct_sheet_range.beg_auth_seq_id 
_struct_sheet_range.end_auth_comp_id 
_struct_sheet_range.end_auth_asym_id 
_struct_sheet_range.end_auth_seq_id 
XA 1 TYR A 66 ? LYS A 69 ? TYR X 66 LYS X 69 
XA 2 ASP A 72 ? CYS A 75 ? ASP X 72 CYS X 75 
# 
_pdbx_struct_sheet_hbond.sheet_id                XA 
_pdbx_struct_sheet_hbond.range_id_1              1 
_pdbx_struct_sheet_hbond.range_id_2              2 
_pdbx_struct_sheet_hbond.range_1_label_atom_id   N 
_pdbx_struct_sheet_hbond.range_1_label_comp_id   LYS 
_pdbx_struct_sheet_hbond.range_1_label_asym_id   A 
_pdbx_struct_sheet_hbond.range_1_label_seq_id    69 
_pdbx_struct_sheet_hbond.range_1_PDB_ins_code    ? 
_pdbx_struct_sheet_hbond.range_1_auth_atom_id    N 
_pdbx_struct_sheet_hbond.range_1_auth_comp_id    LYS 
_pdbx_struct_sheet_hbond.range_1_auth_asym_id    X 
_pdbx_struct_sheet_hbond.range_1_auth_seq_id     69 
_pdbx_struct_sheet_hbond.range_2_label_atom_id   O 
_pdbx_struct_sheet_hbond.range_2_label_comp_id   ASP 
_pdbx_struct_sheet_hbond.range_2_label_asym_id   A 
_pdbx_struct_sheet_hbond.range_2_label_seq_id    72 
_pdbx_struct_sheet_hbond.range_2_PDB_ins_code    ? 
_pdbx_struct_sheet_hbond.range_2_auth_atom_id    O 
_pdbx_struct_sheet_hbond.range_2_auth_comp_id    ASP 
_pdbx_struct_sheet_hbond.range_2_auth_asym_id    X 
_pdbx_struct_sheet_hbond.range_2_auth_seq_id     72 
# 
_struct_site.id                   AC1 
_struct_site.pdbx_evidence_code   Software 
_struct_site.pdbx_auth_asym_id    ? 
_struct_site.pdbx_auth_comp_id    ? 
_struct_site.pdbx_auth_seq_id     ? 
_struct_site.pdbx_auth_ins_code   ? 
_struct_site.pdbx_num_residues    6 
_struct_site.details              'BINDING SITE FOR RESIDUE CA X1123' 
# 
loop_
_struct_site_gen.id 
_struct_site_gen.site_id 
_struct_site_gen.pdbx_num_res 
_struct_site_gen.label_comp_id 
_struct_site_gen.label_asym_id 
_struct_site_gen.label_seq_id 
_struct_site_gen.pdbx_auth_ins_code 
_struct_site_gen.auth_comp_id 
_struct_site_gen.auth_asym_id 
_struct_site_gen.auth_seq_id 
_struct_site_gen.label_atom_id 
_struct_site_gen.label_alt_id 
_struct_site_gen.symmetry 
_struct_site_gen.details 
1 AC1 6 TYR A 27 ? TYR X 27 . ? 1_555 ? 
2 AC1 6 GLY A 29 ? GLY X 29 . ? 1_555 ? 
3 AC1 6 LEU A 30 ? LEU X 30 . ? 1_555 ? 
4 AC1 6 GLY A 31 ? GLY X 31 . ? 1_555 ? 
5 AC1 6 GLY A 32 ? GLY X 32 . ? 1_555 ? 
6 AC1 6 ASP A 48 ? ASP X 48 . ? 1_555 ? 
# 
_pdbx_entry_details.entry_id                   1UMV 
_pdbx_entry_details.compound_details           ? 
_pdbx_entry_details.source_details             ? 
_pdbx_entry_details.nonpolymer_details         ? 
_pdbx_entry_details.sequence_details           ? 
_pdbx_entry_details.has_ligand_of_interest     ? 
_pdbx_entry_details.has_protein_modification   Y 
# 
loop_
_pdbx_validate_close_contact.id 
_pdbx_validate_close_contact.PDB_model_num 
_pdbx_validate_close_contact.auth_atom_id_1 
_pdbx_validate_close_contact.auth_asym_id_1 
_pdbx_validate_close_contact.auth_comp_id_1 
_pdbx_validate_close_contact.auth_seq_id_1 
_pdbx_validate_close_contact.PDB_ins_code_1 
_pdbx_validate_close_contact.label_alt_id_1 
_pdbx_validate_close_contact.auth_atom_id_2 
_pdbx_validate_close_contact.auth_asym_id_2 
_pdbx_validate_close_contact.auth_comp_id_2 
_pdbx_validate_close_contact.auth_seq_id_2 
_pdbx_validate_close_contact.PDB_ins_code_2 
_pdbx_validate_close_contact.label_alt_id_2 
_pdbx_validate_close_contact.dist 
1 1 ND2 X ASN 10 ? ? O X HOH 2008 ? ? 2.02 
2 1 O   X SER 23 ? ? O X HOH 2025 ? ? 2.11 
3 1 N   X GLY 56 ? ? O X HOH 2068 ? ? 2.13 
4 1 O   X TYR 64 ? ? O X HOH 2080 ? ? 2.15 
# 
_pdbx_validate_rmsd_bond.id                        1 
_pdbx_validate_rmsd_bond.PDB_model_num             1 
_pdbx_validate_rmsd_bond.auth_atom_id_1            CE2 
_pdbx_validate_rmsd_bond.auth_asym_id_1            X 
_pdbx_validate_rmsd_bond.auth_comp_id_1            TYR 
_pdbx_validate_rmsd_bond.auth_seq_id_1             51 
_pdbx_validate_rmsd_bond.PDB_ins_code_1            ? 
_pdbx_validate_rmsd_bond.label_alt_id_1            ? 
_pdbx_validate_rmsd_bond.auth_atom_id_2            CD2 
_pdbx_validate_rmsd_bond.auth_asym_id_2            X 
_pdbx_validate_rmsd_bond.auth_comp_id_2            TYR 
_pdbx_validate_rmsd_bond.auth_seq_id_2             51 
_pdbx_validate_rmsd_bond.PDB_ins_code_2            ? 
_pdbx_validate_rmsd_bond.label_alt_id_2            ? 
_pdbx_validate_rmsd_bond.bond_value                1.297 
_pdbx_validate_rmsd_bond.bond_target_value         1.389 
_pdbx_validate_rmsd_bond.bond_deviation            -0.092 
_pdbx_validate_rmsd_bond.bond_standard_deviation   0.015 
_pdbx_validate_rmsd_bond.linker_flag               N 
# 
loop_
_pdbx_validate_rmsd_angle.id 
_pdbx_validate_rmsd_angle.PDB_model_num 
_pdbx_validate_rmsd_angle.auth_atom_id_1 
_pdbx_validate_rmsd_angle.auth_asym_id_1 
_pdbx_validate_rmsd_angle.auth_comp_id_1 
_pdbx_validate_rmsd_angle.auth_seq_id_1 
_pdbx_validate_rmsd_angle.PDB_ins_code_1 
_pdbx_validate_rmsd_angle.label_alt_id_1 
_pdbx_validate_rmsd_angle.auth_atom_id_2 
_pdbx_validate_rmsd_angle.auth_asym_id_2 
_pdbx_validate_rmsd_angle.auth_comp_id_2 
_pdbx_validate_rmsd_angle.auth_seq_id_2 
_pdbx_validate_rmsd_angle.PDB_ins_code_2 
_pdbx_validate_rmsd_angle.label_alt_id_2 
_pdbx_validate_rmsd_angle.auth_atom_id_3 
_pdbx_validate_rmsd_angle.auth_asym_id_3 
_pdbx_validate_rmsd_angle.auth_comp_id_3 
_pdbx_validate_rmsd_angle.auth_seq_id_3 
_pdbx_validate_rmsd_angle.PDB_ins_code_3 
_pdbx_validate_rmsd_angle.label_alt_id_3 
_pdbx_validate_rmsd_angle.angle_value 
_pdbx_validate_rmsd_angle.angle_target_value 
_pdbx_validate_rmsd_angle.angle_deviation 
_pdbx_validate_rmsd_angle.angle_standard_deviation 
_pdbx_validate_rmsd_angle.linker_flag 
1 1 CG X ARG 90 ? ? CD X ARG 90 ? ? NE  X ARG 90 ? ? 94.28  111.80 -17.52 2.10 N 
2 1 NE X ARG 90 ? ? CZ X ARG 90 ? ? NH1 X ARG 90 ? ? 126.04 120.30 5.74   0.50 N 
3 1 NE X ARG 90 ? ? CZ X ARG 90 ? ? NH2 X ARG 90 ? ? 110.87 120.30 -9.43  0.50 N 
4 1 CB X ASP 98 ? ? CG X ASP 98 ? ? OD2 X ASP 98 ? ? 124.01 118.30 5.71   0.90 N 
# 
_pdbx_validate_peptide_omega.id               1 
_pdbx_validate_peptide_omega.PDB_model_num    1 
_pdbx_validate_peptide_omega.auth_comp_id_1   CYS 
_pdbx_validate_peptide_omega.auth_asym_id_1   X 
_pdbx_validate_peptide_omega.auth_seq_id_1    28 
_pdbx_validate_peptide_omega.PDB_ins_code_1   ? 
_pdbx_validate_peptide_omega.label_alt_id_1   ? 
_pdbx_validate_peptide_omega.auth_comp_id_2   GLY 
_pdbx_validate_peptide_omega.auth_asym_id_2   X 
_pdbx_validate_peptide_omega.auth_seq_id_2    29 
_pdbx_validate_peptide_omega.PDB_ins_code_2   ? 
_pdbx_validate_peptide_omega.label_alt_id_2   ? 
_pdbx_validate_peptide_omega.omega            -146.97 
# 
loop_
_chem_comp_atom.comp_id 
_chem_comp_atom.atom_id 
_chem_comp_atom.type_symbol 
_chem_comp_atom.pdbx_aromatic_flag 
_chem_comp_atom.pdbx_stereo_config 
_chem_comp_atom.pdbx_ordinal 
ALA N    N  N N 1   
ALA CA   C  N S 2   
ALA C    C  N N 3   
ALA O    O  N N 4   
ALA CB   C  N N 5   
ALA OXT  O  N N 6   
ALA H    H  N N 7   
ALA H2   H  N N 8   
ALA HA   H  N N 9   
ALA HB1  H  N N 10  
ALA HB2  H  N N 11  
ALA HB3  H  N N 12  
ALA HXT  H  N N 13  
ARG N    N  N N 14  
ARG CA   C  N S 15  
ARG C    C  N N 16  
ARG O    O  N N 17  
ARG CB   C  N N 18  
ARG CG   C  N N 19  
ARG CD   C  N N 20  
ARG NE   N  N N 21  
ARG CZ   C  N N 22  
ARG NH1  N  N N 23  
ARG NH2  N  N N 24  
ARG OXT  O  N N 25  
ARG H    H  N N 26  
ARG H2   H  N N 27  
ARG HA   H  N N 28  
ARG HB2  H  N N 29  
ARG HB3  H  N N 30  
ARG HG2  H  N N 31  
ARG HG3  H  N N 32  
ARG HD2  H  N N 33  
ARG HD3  H  N N 34  
ARG HE   H  N N 35  
ARG HH11 H  N N 36  
ARG HH12 H  N N 37  
ARG HH21 H  N N 38  
ARG HH22 H  N N 39  
ARG HXT  H  N N 40  
ASN N    N  N N 41  
ASN CA   C  N S 42  
ASN C    C  N N 43  
ASN O    O  N N 44  
ASN CB   C  N N 45  
ASN CG   C  N N 46  
ASN OD1  O  N N 47  
ASN ND2  N  N N 48  
ASN OXT  O  N N 49  
ASN H    H  N N 50  
ASN H2   H  N N 51  
ASN HA   H  N N 52  
ASN HB2  H  N N 53  
ASN HB3  H  N N 54  
ASN HD21 H  N N 55  
ASN HD22 H  N N 56  
ASN HXT  H  N N 57  
ASP N    N  N N 58  
ASP CA   C  N S 59  
ASP C    C  N N 60  
ASP O    O  N N 61  
ASP CB   C  N N 62  
ASP CG   C  N N 63  
ASP OD1  O  N N 64  
ASP OD2  O  N N 65  
ASP OXT  O  N N 66  
ASP H    H  N N 67  
ASP H2   H  N N 68  
ASP HA   H  N N 69  
ASP HB2  H  N N 70  
ASP HB3  H  N N 71  
ASP HD2  H  N N 72  
ASP HXT  H  N N 73  
CA  CA   CA N N 74  
CYS N    N  N N 75  
CYS CA   C  N R 76  
CYS C    C  N N 77  
CYS O    O  N N 78  
CYS CB   C  N N 79  
CYS SG   S  N N 80  
CYS OXT  O  N N 81  
CYS H    H  N N 82  
CYS H2   H  N N 83  
CYS HA   H  N N 84  
CYS HB2  H  N N 85  
CYS HB3  H  N N 86  
CYS HG   H  N N 87  
CYS HXT  H  N N 88  
GLN N    N  N N 89  
GLN CA   C  N S 90  
GLN C    C  N N 91  
GLN O    O  N N 92  
GLN CB   C  N N 93  
GLN CG   C  N N 94  
GLN CD   C  N N 95  
GLN OE1  O  N N 96  
GLN NE2  N  N N 97  
GLN OXT  O  N N 98  
GLN H    H  N N 99  
GLN H2   H  N N 100 
GLN HA   H  N N 101 
GLN HB2  H  N N 102 
GLN HB3  H  N N 103 
GLN HG2  H  N N 104 
GLN HG3  H  N N 105 
GLN HE21 H  N N 106 
GLN HE22 H  N N 107 
GLN HXT  H  N N 108 
GLU N    N  N N 109 
GLU CA   C  N S 110 
GLU C    C  N N 111 
GLU O    O  N N 112 
GLU CB   C  N N 113 
GLU CG   C  N N 114 
GLU CD   C  N N 115 
GLU OE1  O  N N 116 
GLU OE2  O  N N 117 
GLU OXT  O  N N 118 
GLU H    H  N N 119 
GLU H2   H  N N 120 
GLU HA   H  N N 121 
GLU HB2  H  N N 122 
GLU HB3  H  N N 123 
GLU HG2  H  N N 124 
GLU HG3  H  N N 125 
GLU HE2  H  N N 126 
GLU HXT  H  N N 127 
GLY N    N  N N 128 
GLY CA   C  N N 129 
GLY C    C  N N 130 
GLY O    O  N N 131 
GLY OXT  O  N N 132 
GLY H    H  N N 133 
GLY H2   H  N N 134 
GLY HA2  H  N N 135 
GLY HA3  H  N N 136 
GLY HXT  H  N N 137 
HIS N    N  N N 138 
HIS CA   C  N S 139 
HIS C    C  N N 140 
HIS O    O  N N 141 
HIS CB   C  N N 142 
HIS CG   C  Y N 143 
HIS ND1  N  Y N 144 
HIS CD2  C  Y N 145 
HIS CE1  C  Y N 146 
HIS NE2  N  Y N 147 
HIS OXT  O  N N 148 
HIS H    H  N N 149 
HIS H2   H  N N 150 
HIS HA   H  N N 151 
HIS HB2  H  N N 152 
HIS HB3  H  N N 153 
HIS HD1  H  N N 154 
HIS HD2  H  N N 155 
HIS HE1  H  N N 156 
HIS HE2  H  N N 157 
HIS HXT  H  N N 158 
HOH O    O  N N 159 
HOH H1   H  N N 160 
HOH H2   H  N N 161 
ILE N    N  N N 162 
ILE CA   C  N S 163 
ILE C    C  N N 164 
ILE O    O  N N 165 
ILE CB   C  N S 166 
ILE CG1  C  N N 167 
ILE CG2  C  N N 168 
ILE CD1  C  N N 169 
ILE OXT  O  N N 170 
ILE H    H  N N 171 
ILE H2   H  N N 172 
ILE HA   H  N N 173 
ILE HB   H  N N 174 
ILE HG12 H  N N 175 
ILE HG13 H  N N 176 
ILE HG21 H  N N 177 
ILE HG22 H  N N 178 
ILE HG23 H  N N 179 
ILE HD11 H  N N 180 
ILE HD12 H  N N 181 
ILE HD13 H  N N 182 
ILE HXT  H  N N 183 
LEU N    N  N N 184 
LEU CA   C  N S 185 
LEU C    C  N N 186 
LEU O    O  N N 187 
LEU CB   C  N N 188 
LEU CG   C  N N 189 
LEU CD1  C  N N 190 
LEU CD2  C  N N 191 
LEU OXT  O  N N 192 
LEU H    H  N N 193 
LEU H2   H  N N 194 
LEU HA   H  N N 195 
LEU HB2  H  N N 196 
LEU HB3  H  N N 197 
LEU HG   H  N N 198 
LEU HD11 H  N N 199 
LEU HD12 H  N N 200 
LEU HD13 H  N N 201 
LEU HD21 H  N N 202 
LEU HD22 H  N N 203 
LEU HD23 H  N N 204 
LEU HXT  H  N N 205 
LYS N    N  N N 206 
LYS CA   C  N S 207 
LYS C    C  N N 208 
LYS O    O  N N 209 
LYS CB   C  N N 210 
LYS CG   C  N N 211 
LYS CD   C  N N 212 
LYS CE   C  N N 213 
LYS NZ   N  N N 214 
LYS OXT  O  N N 215 
LYS H    H  N N 216 
LYS H2   H  N N 217 
LYS HA   H  N N 218 
LYS HB2  H  N N 219 
LYS HB3  H  N N 220 
LYS HG2  H  N N 221 
LYS HG3  H  N N 222 
LYS HD2  H  N N 223 
LYS HD3  H  N N 224 
LYS HE2  H  N N 225 
LYS HE3  H  N N 226 
LYS HZ1  H  N N 227 
LYS HZ2  H  N N 228 
LYS HZ3  H  N N 229 
LYS HXT  H  N N 230 
MET N    N  N N 231 
MET CA   C  N S 232 
MET C    C  N N 233 
MET O    O  N N 234 
MET CB   C  N N 235 
MET CG   C  N N 236 
MET SD   S  N N 237 
MET CE   C  N N 238 
MET OXT  O  N N 239 
MET H    H  N N 240 
MET H2   H  N N 241 
MET HA   H  N N 242 
MET HB2  H  N N 243 
MET HB3  H  N N 244 
MET HG2  H  N N 245 
MET HG3  H  N N 246 
MET HE1  H  N N 247 
MET HE2  H  N N 248 
MET HE3  H  N N 249 
MET HXT  H  N N 250 
PHE N    N  N N 251 
PHE CA   C  N S 252 
PHE C    C  N N 253 
PHE O    O  N N 254 
PHE CB   C  N N 255 
PHE CG   C  Y N 256 
PHE CD1  C  Y N 257 
PHE CD2  C  Y N 258 
PHE CE1  C  Y N 259 
PHE CE2  C  Y N 260 
PHE CZ   C  Y N 261 
PHE OXT  O  N N 262 
PHE H    H  N N 263 
PHE H2   H  N N 264 
PHE HA   H  N N 265 
PHE HB2  H  N N 266 
PHE HB3  H  N N 267 
PHE HD1  H  N N 268 
PHE HD2  H  N N 269 
PHE HE1  H  N N 270 
PHE HE2  H  N N 271 
PHE HZ   H  N N 272 
PHE HXT  H  N N 273 
PRO N    N  N N 274 
PRO CA   C  N S 275 
PRO C    C  N N 276 
PRO O    O  N N 277 
PRO CB   C  N N 278 
PRO CG   C  N N 279 
PRO CD   C  N N 280 
PRO OXT  O  N N 281 
PRO H    H  N N 282 
PRO HA   H  N N 283 
PRO HB2  H  N N 284 
PRO HB3  H  N N 285 
PRO HG2  H  N N 286 
PRO HG3  H  N N 287 
PRO HD2  H  N N 288 
PRO HD3  H  N N 289 
PRO HXT  H  N N 290 
SER N    N  N N 291 
SER CA   C  N S 292 
SER C    C  N N 293 
SER O    O  N N 294 
SER CB   C  N N 295 
SER OG   O  N N 296 
SER OXT  O  N N 297 
SER H    H  N N 298 
SER H2   H  N N 299 
SER HA   H  N N 300 
SER HB2  H  N N 301 
SER HB3  H  N N 302 
SER HG   H  N N 303 
SER HXT  H  N N 304 
THR N    N  N N 305 
THR CA   C  N S 306 
THR C    C  N N 307 
THR O    O  N N 308 
THR CB   C  N R 309 
THR OG1  O  N N 310 
THR CG2  C  N N 311 
THR OXT  O  N N 312 
THR H    H  N N 313 
THR H2   H  N N 314 
THR HA   H  N N 315 
THR HB   H  N N 316 
THR HG1  H  N N 317 
THR HG21 H  N N 318 
THR HG22 H  N N 319 
THR HG23 H  N N 320 
THR HXT  H  N N 321 
TRP N    N  N N 322 
TRP CA   C  N S 323 
TRP C    C  N N 324 
TRP O    O  N N 325 
TRP CB   C  N N 326 
TRP CG   C  Y N 327 
TRP CD1  C  Y N 328 
TRP CD2  C  Y N 329 
TRP NE1  N  Y N 330 
TRP CE2  C  Y N 331 
TRP CE3  C  Y N 332 
TRP CZ2  C  Y N 333 
TRP CZ3  C  Y N 334 
TRP CH2  C  Y N 335 
TRP OXT  O  N N 336 
TRP H    H  N N 337 
TRP H2   H  N N 338 
TRP HA   H  N N 339 
TRP HB2  H  N N 340 
TRP HB3  H  N N 341 
TRP HD1  H  N N 342 
TRP HE1  H  N N 343 
TRP HE3  H  N N 344 
TRP HZ2  H  N N 345 
TRP HZ3  H  N N 346 
TRP HH2  H  N N 347 
TRP HXT  H  N N 348 
TYR N    N  N N 349 
TYR CA   C  N S 350 
TYR C    C  N N 351 
TYR O    O  N N 352 
TYR CB   C  N N 353 
TYR CG   C  Y N 354 
TYR CD1  C  Y N 355 
TYR CD2  C  Y N 356 
TYR CE1  C  Y N 357 
TYR CE2  C  Y N 358 
TYR CZ   C  Y N 359 
TYR OH   O  N N 360 
TYR OXT  O  N N 361 
TYR H    H  N N 362 
TYR H2   H  N N 363 
TYR HA   H  N N 364 
TYR HB2  H  N N 365 
TYR HB3  H  N N 366 
TYR HD1  H  N N 367 
TYR HD2  H  N N 368 
TYR HE1  H  N N 369 
TYR HE2  H  N N 370 
TYR HH   H  N N 371 
TYR HXT  H  N N 372 
VAL N    N  N N 373 
VAL CA   C  N S 374 
VAL C    C  N N 375 
VAL O    O  N N 376 
VAL CB   C  N N 377 
VAL CG1  C  N N 378 
VAL CG2  C  N N 379 
VAL OXT  O  N N 380 
VAL H    H  N N 381 
VAL H2   H  N N 382 
VAL HA   H  N N 383 
VAL HB   H  N N 384 
VAL HG11 H  N N 385 
VAL HG12 H  N N 386 
VAL HG13 H  N N 387 
VAL HG21 H  N N 388 
VAL HG22 H  N N 389 
VAL HG23 H  N N 390 
VAL HXT  H  N N 391 
# 
loop_
_chem_comp_bond.comp_id 
_chem_comp_bond.atom_id_1 
_chem_comp_bond.atom_id_2 
_chem_comp_bond.value_order 
_chem_comp_bond.pdbx_aromatic_flag 
_chem_comp_bond.pdbx_stereo_config 
_chem_comp_bond.pdbx_ordinal 
ALA N   CA   sing N N 1   
ALA N   H    sing N N 2   
ALA N   H2   sing N N 3   
ALA CA  C    sing N N 4   
ALA CA  CB   sing N N 5   
ALA CA  HA   sing N N 6   
ALA C   O    doub N N 7   
ALA C   OXT  sing N N 8   
ALA CB  HB1  sing N N 9   
ALA CB  HB2  sing N N 10  
ALA CB  HB3  sing N N 11  
ALA OXT HXT  sing N N 12  
ARG N   CA   sing N N 13  
ARG N   H    sing N N 14  
ARG N   H2   sing N N 15  
ARG CA  C    sing N N 16  
ARG CA  CB   sing N N 17  
ARG CA  HA   sing N N 18  
ARG C   O    doub N N 19  
ARG C   OXT  sing N N 20  
ARG CB  CG   sing N N 21  
ARG CB  HB2  sing N N 22  
ARG CB  HB3  sing N N 23  
ARG CG  CD   sing N N 24  
ARG CG  HG2  sing N N 25  
ARG CG  HG3  sing N N 26  
ARG CD  NE   sing N N 27  
ARG CD  HD2  sing N N 28  
ARG CD  HD3  sing N N 29  
ARG NE  CZ   sing N N 30  
ARG NE  HE   sing N N 31  
ARG CZ  NH1  sing N N 32  
ARG CZ  NH2  doub N N 33  
ARG NH1 HH11 sing N N 34  
ARG NH1 HH12 sing N N 35  
ARG NH2 HH21 sing N N 36  
ARG NH2 HH22 sing N N 37  
ARG OXT HXT  sing N N 38  
ASN N   CA   sing N N 39  
ASN N   H    sing N N 40  
ASN N   H2   sing N N 41  
ASN CA  C    sing N N 42  
ASN CA  CB   sing N N 43  
ASN CA  HA   sing N N 44  
ASN C   O    doub N N 45  
ASN C   OXT  sing N N 46  
ASN CB  CG   sing N N 47  
ASN CB  HB2  sing N N 48  
ASN CB  HB3  sing N N 49  
ASN CG  OD1  doub N N 50  
ASN CG  ND2  sing N N 51  
ASN ND2 HD21 sing N N 52  
ASN ND2 HD22 sing N N 53  
ASN OXT HXT  sing N N 54  
ASP N   CA   sing N N 55  
ASP N   H    sing N N 56  
ASP N   H2   sing N N 57  
ASP CA  C    sing N N 58  
ASP CA  CB   sing N N 59  
ASP CA  HA   sing N N 60  
ASP C   O    doub N N 61  
ASP C   OXT  sing N N 62  
ASP CB  CG   sing N N 63  
ASP CB  HB2  sing N N 64  
ASP CB  HB3  sing N N 65  
ASP CG  OD1  doub N N 66  
ASP CG  OD2  sing N N 67  
ASP OD2 HD2  sing N N 68  
ASP OXT HXT  sing N N 69  
CYS N   CA   sing N N 70  
CYS N   H    sing N N 71  
CYS N   H2   sing N N 72  
CYS CA  C    sing N N 73  
CYS CA  CB   sing N N 74  
CYS CA  HA   sing N N 75  
CYS C   O    doub N N 76  
CYS C   OXT  sing N N 77  
CYS CB  SG   sing N N 78  
CYS CB  HB2  sing N N 79  
CYS CB  HB3  sing N N 80  
CYS SG  HG   sing N N 81  
CYS OXT HXT  sing N N 82  
GLN N   CA   sing N N 83  
GLN N   H    sing N N 84  
GLN N   H2   sing N N 85  
GLN CA  C    sing N N 86  
GLN CA  CB   sing N N 87  
GLN CA  HA   sing N N 88  
GLN C   O    doub N N 89  
GLN C   OXT  sing N N 90  
GLN CB  CG   sing N N 91  
GLN CB  HB2  sing N N 92  
GLN CB  HB3  sing N N 93  
GLN CG  CD   sing N N 94  
GLN CG  HG2  sing N N 95  
GLN CG  HG3  sing N N 96  
GLN CD  OE1  doub N N 97  
GLN CD  NE2  sing N N 98  
GLN NE2 HE21 sing N N 99  
GLN NE2 HE22 sing N N 100 
GLN OXT HXT  sing N N 101 
GLU N   CA   sing N N 102 
GLU N   H    sing N N 103 
GLU N   H2   sing N N 104 
GLU CA  C    sing N N 105 
GLU CA  CB   sing N N 106 
GLU CA  HA   sing N N 107 
GLU C   O    doub N N 108 
GLU C   OXT  sing N N 109 
GLU CB  CG   sing N N 110 
GLU CB  HB2  sing N N 111 
GLU CB  HB3  sing N N 112 
GLU CG  CD   sing N N 113 
GLU CG  HG2  sing N N 114 
GLU CG  HG3  sing N N 115 
GLU CD  OE1  doub N N 116 
GLU CD  OE2  sing N N 117 
GLU OE2 HE2  sing N N 118 
GLU OXT HXT  sing N N 119 
GLY N   CA   sing N N 120 
GLY N   H    sing N N 121 
GLY N   H2   sing N N 122 
GLY CA  C    sing N N 123 
GLY CA  HA2  sing N N 124 
GLY CA  HA3  sing N N 125 
GLY C   O    doub N N 126 
GLY C   OXT  sing N N 127 
GLY OXT HXT  sing N N 128 
HIS N   CA   sing N N 129 
HIS N   H    sing N N 130 
HIS N   H2   sing N N 131 
HIS CA  C    sing N N 132 
HIS CA  CB   sing N N 133 
HIS CA  HA   sing N N 134 
HIS C   O    doub N N 135 
HIS C   OXT  sing N N 136 
HIS CB  CG   sing N N 137 
HIS CB  HB2  sing N N 138 
HIS CB  HB3  sing N N 139 
HIS CG  ND1  sing Y N 140 
HIS CG  CD2  doub Y N 141 
HIS ND1 CE1  doub Y N 142 
HIS ND1 HD1  sing N N 143 
HIS CD2 NE2  sing Y N 144 
HIS CD2 HD2  sing N N 145 
HIS CE1 NE2  sing Y N 146 
HIS CE1 HE1  sing N N 147 
HIS NE2 HE2  sing N N 148 
HIS OXT HXT  sing N N 149 
HOH O   H1   sing N N 150 
HOH O   H2   sing N N 151 
ILE N   CA   sing N N 152 
ILE N   H    sing N N 153 
ILE N   H2   sing N N 154 
ILE CA  C    sing N N 155 
ILE CA  CB   sing N N 156 
ILE CA  HA   sing N N 157 
ILE C   O    doub N N 158 
ILE C   OXT  sing N N 159 
ILE CB  CG1  sing N N 160 
ILE CB  CG2  sing N N 161 
ILE CB  HB   sing N N 162 
ILE CG1 CD1  sing N N 163 
ILE CG1 HG12 sing N N 164 
ILE CG1 HG13 sing N N 165 
ILE CG2 HG21 sing N N 166 
ILE CG2 HG22 sing N N 167 
ILE CG2 HG23 sing N N 168 
ILE CD1 HD11 sing N N 169 
ILE CD1 HD12 sing N N 170 
ILE CD1 HD13 sing N N 171 
ILE OXT HXT  sing N N 172 
LEU N   CA   sing N N 173 
LEU N   H    sing N N 174 
LEU N   H2   sing N N 175 
LEU CA  C    sing N N 176 
LEU CA  CB   sing N N 177 
LEU CA  HA   sing N N 178 
LEU C   O    doub N N 179 
LEU C   OXT  sing N N 180 
LEU CB  CG   sing N N 181 
LEU CB  HB2  sing N N 182 
LEU CB  HB3  sing N N 183 
LEU CG  CD1  sing N N 184 
LEU CG  CD2  sing N N 185 
LEU CG  HG   sing N N 186 
LEU CD1 HD11 sing N N 187 
LEU CD1 HD12 sing N N 188 
LEU CD1 HD13 sing N N 189 
LEU CD2 HD21 sing N N 190 
LEU CD2 HD22 sing N N 191 
LEU CD2 HD23 sing N N 192 
LEU OXT HXT  sing N N 193 
LYS N   CA   sing N N 194 
LYS N   H    sing N N 195 
LYS N   H2   sing N N 196 
LYS CA  C    sing N N 197 
LYS CA  CB   sing N N 198 
LYS CA  HA   sing N N 199 
LYS C   O    doub N N 200 
LYS C   OXT  sing N N 201 
LYS CB  CG   sing N N 202 
LYS CB  HB2  sing N N 203 
LYS CB  HB3  sing N N 204 
LYS CG  CD   sing N N 205 
LYS CG  HG2  sing N N 206 
LYS CG  HG3  sing N N 207 
LYS CD  CE   sing N N 208 
LYS CD  HD2  sing N N 209 
LYS CD  HD3  sing N N 210 
LYS CE  NZ   sing N N 211 
LYS CE  HE2  sing N N 212 
LYS CE  HE3  sing N N 213 
LYS NZ  HZ1  sing N N 214 
LYS NZ  HZ2  sing N N 215 
LYS NZ  HZ3  sing N N 216 
LYS OXT HXT  sing N N 217 
MET N   CA   sing N N 218 
MET N   H    sing N N 219 
MET N   H2   sing N N 220 
MET CA  C    sing N N 221 
MET CA  CB   sing N N 222 
MET CA  HA   sing N N 223 
MET C   O    doub N N 224 
MET C   OXT  sing N N 225 
MET CB  CG   sing N N 226 
MET CB  HB2  sing N N 227 
MET CB  HB3  sing N N 228 
MET CG  SD   sing N N 229 
MET CG  HG2  sing N N 230 
MET CG  HG3  sing N N 231 
MET SD  CE   sing N N 232 
MET CE  HE1  sing N N 233 
MET CE  HE2  sing N N 234 
MET CE  HE3  sing N N 235 
MET OXT HXT  sing N N 236 
PHE N   CA   sing N N 237 
PHE N   H    sing N N 238 
PHE N   H2   sing N N 239 
PHE CA  C    sing N N 240 
PHE CA  CB   sing N N 241 
PHE CA  HA   sing N N 242 
PHE C   O    doub N N 243 
PHE C   OXT  sing N N 244 
PHE CB  CG   sing N N 245 
PHE CB  HB2  sing N N 246 
PHE CB  HB3  sing N N 247 
PHE CG  CD1  doub Y N 248 
PHE CG  CD2  sing Y N 249 
PHE CD1 CE1  sing Y N 250 
PHE CD1 HD1  sing N N 251 
PHE CD2 CE2  doub Y N 252 
PHE CD2 HD2  sing N N 253 
PHE CE1 CZ   doub Y N 254 
PHE CE1 HE1  sing N N 255 
PHE CE2 CZ   sing Y N 256 
PHE CE2 HE2  sing N N 257 
PHE CZ  HZ   sing N N 258 
PHE OXT HXT  sing N N 259 
PRO N   CA   sing N N 260 
PRO N   CD   sing N N 261 
PRO N   H    sing N N 262 
PRO CA  C    sing N N 263 
PRO CA  CB   sing N N 264 
PRO CA  HA   sing N N 265 
PRO C   O    doub N N 266 
PRO C   OXT  sing N N 267 
PRO CB  CG   sing N N 268 
PRO CB  HB2  sing N N 269 
PRO CB  HB3  sing N N 270 
PRO CG  CD   sing N N 271 
PRO CG  HG2  sing N N 272 
PRO CG  HG3  sing N N 273 
PRO CD  HD2  sing N N 274 
PRO CD  HD3  sing N N 275 
PRO OXT HXT  sing N N 276 
SER N   CA   sing N N 277 
SER N   H    sing N N 278 
SER N   H2   sing N N 279 
SER CA  C    sing N N 280 
SER CA  CB   sing N N 281 
SER CA  HA   sing N N 282 
SER C   O    doub N N 283 
SER C   OXT  sing N N 284 
SER CB  OG   sing N N 285 
SER CB  HB2  sing N N 286 
SER CB  HB3  sing N N 287 
SER OG  HG   sing N N 288 
SER OXT HXT  sing N N 289 
THR N   CA   sing N N 290 
THR N   H    sing N N 291 
THR N   H2   sing N N 292 
THR CA  C    sing N N 293 
THR CA  CB   sing N N 294 
THR CA  HA   sing N N 295 
THR C   O    doub N N 296 
THR C   OXT  sing N N 297 
THR CB  OG1  sing N N 298 
THR CB  CG2  sing N N 299 
THR CB  HB   sing N N 300 
THR OG1 HG1  sing N N 301 
THR CG2 HG21 sing N N 302 
THR CG2 HG22 sing N N 303 
THR CG2 HG23 sing N N 304 
THR OXT HXT  sing N N 305 
TRP N   CA   sing N N 306 
TRP N   H    sing N N 307 
TRP N   H2   sing N N 308 
TRP CA  C    sing N N 309 
TRP CA  CB   sing N N 310 
TRP CA  HA   sing N N 311 
TRP C   O    doub N N 312 
TRP C   OXT  sing N N 313 
TRP CB  CG   sing N N 314 
TRP CB  HB2  sing N N 315 
TRP CB  HB3  sing N N 316 
TRP CG  CD1  doub Y N 317 
TRP CG  CD2  sing Y N 318 
TRP CD1 NE1  sing Y N 319 
TRP CD1 HD1  sing N N 320 
TRP CD2 CE2  doub Y N 321 
TRP CD2 CE3  sing Y N 322 
TRP NE1 CE2  sing Y N 323 
TRP NE1 HE1  sing N N 324 
TRP CE2 CZ2  sing Y N 325 
TRP CE3 CZ3  doub Y N 326 
TRP CE3 HE3  sing N N 327 
TRP CZ2 CH2  doub Y N 328 
TRP CZ2 HZ2  sing N N 329 
TRP CZ3 CH2  sing Y N 330 
TRP CZ3 HZ3  sing N N 331 
TRP CH2 HH2  sing N N 332 
TRP OXT HXT  sing N N 333 
TYR N   CA   sing N N 334 
TYR N   H    sing N N 335 
TYR N   H2   sing N N 336 
TYR CA  C    sing N N 337 
TYR CA  CB   sing N N 338 
TYR CA  HA   sing N N 339 
TYR C   O    doub N N 340 
TYR C   OXT  sing N N 341 
TYR CB  CG   sing N N 342 
TYR CB  HB2  sing N N 343 
TYR CB  HB3  sing N N 344 
TYR CG  CD1  doub Y N 345 
TYR CG  CD2  sing Y N 346 
TYR CD1 CE1  sing Y N 347 
TYR CD1 HD1  sing N N 348 
TYR CD2 CE2  doub Y N 349 
TYR CD2 HD2  sing N N 350 
TYR CE1 CZ   doub Y N 351 
TYR CE1 HE1  sing N N 352 
TYR CE2 CZ   sing Y N 353 
TYR CE2 HE2  sing N N 354 
TYR CZ  OH   sing N N 355 
TYR OH  HH   sing N N 356 
TYR OXT HXT  sing N N 357 
VAL N   CA   sing N N 358 
VAL N   H    sing N N 359 
VAL N   H2   sing N N 360 
VAL CA  C    sing N N 361 
VAL CA  CB   sing N N 362 
VAL CA  HA   sing N N 363 
VAL C   O    doub N N 364 
VAL C   OXT  sing N N 365 
VAL CB  CG1  sing N N 366 
VAL CB  CG2  sing N N 367 
VAL CB  HB   sing N N 368 
VAL CG1 HG11 sing N N 369 
VAL CG1 HG12 sing N N 370 
VAL CG1 HG13 sing N N 371 
VAL CG2 HG21 sing N N 372 
VAL CG2 HG22 sing N N 373 
VAL CG2 HG23 sing N N 374 
VAL OXT HXT  sing N N 375 
# 
_pdbx_initial_refinement_model.id               1 
_pdbx_initial_refinement_model.entity_id_list   ? 
_pdbx_initial_refinement_model.type             'experimental model' 
_pdbx_initial_refinement_model.source_name      PDB 
_pdbx_initial_refinement_model.accession_code   1GOD 
_pdbx_initial_refinement_model.details          'PDB ENTRY 1GOD' 
# 
_atom_sites.entry_id                    1UMV 
_atom_sites.fract_transf_matrix[1][1]   0.00135115 
_atom_sites.fract_transf_matrix[1][2]   0.01959864 
_atom_sites.fract_transf_matrix[1][3]   -0.01547151 
_atom_sites.fract_transf_matrix[2][1]   -0.01616964 
_atom_sites.fract_transf_matrix[2][2]   -0.00488433 
_atom_sites.fract_transf_matrix[2][3]   -0.00759938 
_atom_sites.fract_transf_matrix[3][1]   -0.00535863 
_atom_sites.fract_transf_matrix[3][2]   0.00621625 
_atom_sites.fract_transf_matrix[3][3]   0.00740651 
_atom_sites.fract_transf_vector[1]      0.400688 
_atom_sites.fract_transf_vector[2]      0.303727 
_atom_sites.fract_transf_vector[3]      0.363181 
# 
loop_
_atom_type.symbol 
C  
CA 
N  
O  
S  
# 
loop_
_atom_site.group_PDB 
_atom_site.id 
_atom_site.type_symbol 
_atom_site.label_atom_id 
_atom_site.label_alt_id 
_atom_site.label_comp_id 
_atom_site.label_asym_id 
_atom_site.label_entity_id 
_atom_site.label_seq_id 
_atom_site.pdbx_PDB_ins_code 
_atom_site.Cartn_x 
_atom_site.Cartn_y 
_atom_site.Cartn_z 
_atom_site.occupancy 
_atom_site.B_iso_or_equiv 
_atom_site.pdbx_formal_charge 
_atom_site.auth_seq_id 
_atom_site.auth_comp_id 
_atom_site.auth_asym_id 
_atom_site.auth_atom_id 
_atom_site.pdbx_PDB_model_num 
ATOM   1    N  N   . SER A 1 1   ? 3.214   10.750  -1.334  1.00 10.67 ? 1    SER X N   1 
ATOM   2    C  CA  . SER A 1 1   ? 3.369   10.270  -2.758  1.00 10.91 ? 1    SER X CA  1 
ATOM   3    C  C   . SER A 1 1   ? 3.803   8.770   -2.842  1.00 9.83  ? 1    SER X C   1 
ATOM   4    O  O   . SER A 1 1   ? 4.286   8.238   -1.886  1.00 10.85 ? 1    SER X O   1 
ATOM   5    C  CB  . SER A 1 1   ? 4.363   11.159  -3.459  1.00 12.01 ? 1    SER X CB  1 
ATOM   6    O  OG  . SER A 1 1   ? 5.690   10.735  -3.183  1.00 13.14 ? 1    SER X OG  1 
ATOM   7    N  N   . LEU A 1 2   ? 3.592   8.103   -3.990  1.00 11.21 ? 2    LEU X N   1 
ATOM   8    C  CA  . LEU A 1 2   ? 3.983   6.705   -4.191  1.00 12.08 ? 2    LEU X CA  1 
ATOM   9    C  C   . LEU A 1 2   ? 5.481   6.576   -4.054  1.00 10.93 ? 2    LEU X C   1 
ATOM   10   O  O   . LEU A 1 2   ? 5.969   5.570   -3.588  1.00 10.96 ? 2    LEU X O   1 
ATOM   11   C  CB  . LEU A 1 2   ? 3.490   6.151   -5.558  1.00 13.37 ? 2    LEU X CB  1 
ATOM   12   C  CG  . LEU A 1 2   ? 1.962   5.931   -5.558  1.00 14.44 ? 2    LEU X CG  1 
ATOM   13   C  CD1 . LEU A 1 2   ? 1.447   5.636   -6.953  1.00 18.61 ? 2    LEU X CD1 1 
ATOM   14   C  CD2 . LEU A 1 2   ? 1.627   4.787   -4.605  1.00 15.21 ? 2    LEU X CD2 1 
ATOM   15   N  N   . TRP A 1 3   ? 6.250   7.618   -4.372  1.00 10.63 ? 3    TRP X N   1 
ATOM   16   C  CA  . TRP A 1 3   ? 7.684   7.522   -4.113  1.00 11.83 ? 3    TRP X CA  1 
ATOM   17   C  C   . TRP A 1 3   ? 7.943   7.308   -2.600  1.00 10.35 ? 3    TRP X C   1 
ATOM   18   O  O   . TRP A 1 3   ? 8.852   6.547   -2.199  1.00 11.97 ? 3    TRP X O   1 
ATOM   19   C  CB  . TRP A 1 3   ? 8.356   8.822   -4.577  1.00 12.72 ? 3    TRP X CB  1 
ATOM   20   C  CG  . TRP A 1 3   ? 8.013   9.271   -5.961  1.00 15.20 ? 3    TRP X CG  1 
ATOM   21   C  CD1 . TRP A 1 3   ? 7.199   10.303  -6.307  1.00 14.33 ? 3    TRP X CD1 1 
ATOM   22   C  CD2 . TRP A 1 3   ? 8.544   8.753   -7.186  1.00 16.13 ? 3    TRP X CD2 1 
ATOM   23   N  NE1 . TRP A 1 3   ? 7.183   10.438  -7.682  1.00 15.63 ? 3    TRP X NE1 1 
ATOM   24   C  CE2 . TRP A 1 3   ? 7.997   9.487   -8.230  1.00 15.75 ? 3    TRP X CE2 1 
ATOM   25   C  CE3 . TRP A 1 3   ? 9.397   7.689   -7.505  1.00 17.48 ? 3    TRP X CE3 1 
ATOM   26   C  CZ2 . TRP A 1 3   ? 8.270   9.205   -9.555  1.00 19.38 ? 3    TRP X CZ2 1 
ATOM   27   C  CZ3 . TRP A 1 3   ? 9.698   7.441   -8.828  1.00 19.26 ? 3    TRP X CZ3 1 
ATOM   28   C  CH2 . TRP A 1 3   ? 9.135   8.177   -9.824  1.00 18.75 ? 3    TRP X CH2 1 
ATOM   29   N  N   . GLN A 1 4   ? 7.229   8.079   -1.772  1.00 11.68 ? 4    GLN X N   1 
ATOM   30   C  CA  . GLN A 1 4   ? 7.345   8.010   -0.308  1.00 12.56 ? 4    GLN X CA  1 
ATOM   31   C  C   . GLN A 1 4   ? 6.783   6.686   0.206   1.00 11.94 ? 4    GLN X C   1 
ATOM   32   O  O   . GLN A 1 4   ? 7.345   6.087   1.120   1.00 11.87 ? 4    GLN X O   1 
ATOM   33   C  CB  . GLN A 1 4   ? 6.681   9.226   0.380   1.00 11.59 ? 4    GLN X CB  1 
ATOM   34   C  CG  . GLN A 1 4   ? 7.246   10.592  -0.129  1.00 13.26 ? 4    GLN X CG  1 
ATOM   35   C  CD  . GLN A 1 4   ? 6.477   11.703  0.453   1.00 14.08 ? 4    GLN X CD  1 
ATOM   36   O  OE1 . GLN A 1 4   ? 5.273   11.740  0.249   1.00 13.20 ? 4    GLN X OE1 1 
ATOM   37   N  NE2 . GLN A 1 4   ? 7.097   12.496  1.351   1.00 16.24 ? 4    GLN X NE2 1 
ATOM   38   N  N   . PHE A 1 5   ? 5.709   6.189   -0.414  1.00 10.26 ? 5    PHE X N   1 
ATOM   39   C  CA  . PHE A 1 5   ? 5.240   4.860   -0.063  1.00 11.25 ? 5    PHE X CA  1 
ATOM   40   C  C   . PHE A 1 5   ? 6.369   3.854   -0.248  1.00 12.78 ? 5    PHE X C   1 
ATOM   41   O  O   . PHE A 1 5   ? 6.592   2.984   0.608   1.00 13.12 ? 5    PHE X O   1 
ATOM   42   C  CB  . PHE A 1 5   ? 4.003   4.541   -0.892  1.00 9.88  ? 5    PHE X CB  1 
ATOM   43   C  CG  . PHE A 1 5   ? 3.267   3.241   -0.509  1.00 11.98 ? 5    PHE X CG  1 
ATOM   44   C  CD1 . PHE A 1 5   ? 3.207   2.751   0.817   1.00 12.14 ? 5    PHE X CD1 1 
ATOM   45   C  CD2 . PHE A 1 5   ? 2.509   2.638   -1.466  1.00 11.40 ? 5    PHE X CD2 1 
ATOM   46   C  CE1 . PHE A 1 5   ? 2.493   1.581   1.112   1.00 9.96  ? 5    PHE X CE1 1 
ATOM   47   C  CE2 . PHE A 1 5   ? 1.738   1.460   -1.167  1.00 12.73 ? 5    PHE X CE2 1 
ATOM   48   C  CZ  . PHE A 1 5   ? 1.754   0.950   0.125   1.00 12.78 ? 5    PHE X CZ  1 
ATOM   49   N  N   . GLY A 1 6   ? 7.091   3.939   -1.361  1.00 13.52 ? 6    GLY X N   1 
ATOM   50   C  CA  . GLY A 1 6   ? 8.176   2.998   -1.604  1.00 12.60 ? 6    GLY X CA  1 
ATOM   51   C  C   . GLY A 1 6   ? 9.284   3.163   -0.589  1.00 13.79 ? 6    GLY X C   1 
ATOM   52   O  O   . GLY A 1 6   ? 9.835   2.155   -0.082  1.00 11.90 ? 6    GLY X O   1 
ATOM   53   N  N   . LYS A 1 7   ? 9.629   4.397   -0.262  1.00 15.98 ? 7    LYS X N   1 
ATOM   54   C  CA  . LYS A 1 7   ? 10.562  4.630   0.866   1.00 18.03 ? 7    LYS X CA  1 
ATOM   55   C  C   . LYS A 1 7   ? 10.115  4.024   2.179   1.00 18.49 ? 7    LYS X C   1 
ATOM   56   O  O   . LYS A 1 7   ? 10.909  3.394   2.901   1.00 18.83 ? 7    LYS X O   1 
ATOM   57   C  CB  . LYS A 1 7   ? 10.894  6.116   1.023   1.00 20.89 ? 7    LYS X CB  1 
ATOM   58   C  CG  . LYS A 1 7   ? 11.608  6.730   -0.165  1.00 22.41 ? 7    LYS X CG  1 
ATOM   59   C  CD  . LYS A 1 7   ? 12.882  6.041   -0.573  1.00 25.50 ? 7    LYS X CD  1 
ATOM   60   C  CE  . LYS A 1 7   ? 13.656  6.866   -1.707  1.00 25.95 ? 7    LYS X CE  1 
ATOM   61   N  NZ  . LYS A 1 7   ? 15.145  6.454   -1.897  1.00 28.49 ? 7    LYS X NZ  1 
ATOM   62   N  N   . MET A 1 8   ? 8.850   4.176   2.523   1.00 15.90 ? 8    MET X N   1 
ATOM   63   C  CA  . MET A 1 8   ? 8.294   3.568   3.731   1.00 16.60 ? 8    MET X CA  1 
ATOM   64   C  C   . MET A 1 8   ? 8.377   2.053   3.769   1.00 16.28 ? 8    MET X C   1 
ATOM   65   O  O   . MET A 1 8   ? 8.725   1.436   4.814   1.00 15.39 ? 8    MET X O   1 
ATOM   66   C  CB  . MET A 1 8   ? 6.807   3.910   3.795   1.00 18.52 ? 8    MET X CB  1 
ATOM   67   C  CG  . MET A 1 8   ? 6.340   4.632   4.955   1.00 18.48 ? 8    MET X CG  1 
ATOM   68   S  SD  . MET A 1 8   ? 4.567   4.944   4.959   1.00 16.53 ? 8    MET X SD  1 
ATOM   69   C  CE  . MET A 1 8   ? 4.407   6.721   5.320   1.00 16.65 ? 8    MET X CE  1 
ATOM   70   N  N   . ILE A 1 9   ? 7.983   1.457   2.646   1.00 14.22 ? 9    ILE X N   1 
ATOM   71   C  CA  . ILE A 1 9   ? 8.007   -0.003  2.468   1.00 13.20 ? 9    ILE X CA  1 
ATOM   72   C  C   . ILE A 1 9   ? 9.464   -0.501  2.648   1.00 15.60 ? 9    ILE X C   1 
ATOM   73   O  O   . ILE A 1 9   ? 9.725   -1.443  3.390   1.00 15.08 ? 9    ILE X O   1 
ATOM   74   C  CB  . ILE A 1 9   ? 7.446   -0.396  1.082   1.00 14.55 ? 9    ILE X CB  1 
ATOM   75   C  CG1 . ILE A 1 9   ? 5.916   -0.286  1.096   1.00 13.25 ? 9    ILE X CG1 1 
ATOM   76   C  CG2 . ILE A 1 9   ? 7.864   -1.802  0.724   1.00 15.53 ? 9    ILE X CG2 1 
ATOM   77   C  CD1 . ILE A 1 9   ? 5.305   -0.180  -0.252  1.00 13.31 ? 9    ILE X CD1 1 
ATOM   78   N  N   . ASN A 1 10  ? 10.390  0.189   2.010   1.00 15.47 ? 10   ASN X N   1 
ATOM   79   C  CA  . ASN A 1 10  ? 11.813  -0.077  2.145   1.00 18.88 ? 10   ASN X CA  1 
ATOM   80   C  C   . ASN A 1 10  ? 12.257  -0.109  3.615   1.00 16.79 ? 10   ASN X C   1 
ATOM   81   O  O   . ASN A 1 10  ? 12.991  -1.028  4.087   1.00 16.50 ? 10   ASN X O   1 
ATOM   82   C  CB  . ASN A 1 10  ? 12.577  1.076   1.418   1.00 22.96 ? 10   ASN X CB  1 
ATOM   83   C  CG  . ASN A 1 10  ? 13.592  0.588   0.373   1.00 28.18 ? 10   ASN X CG  1 
ATOM   84   O  OD1 . ASN A 1 10  ? 14.822  0.632   0.643   1.00 30.00 ? 10   ASN X OD1 1 
ATOM   85   N  ND2 . ASN A 1 10  ? 13.104  0.210   -0.883  1.00 29.16 ? 10   ASN X ND2 1 
ATOM   86   N  N   . TYR A 1 11  ? 11.846  0.928   4.323   1.00 15.53 ? 11   TYR X N   1 
ATOM   87   C  CA  . TYR A 1 11  ? 12.244  1.167   5.702   1.00 18.06 ? 11   TYR X CA  1 
ATOM   88   C  C   . TYR A 1 11  ? 11.698  0.105   6.629   1.00 19.48 ? 11   TYR X C   1 
ATOM   89   O  O   . TYR A 1 11  ? 12.419  -0.479  7.451   1.00 18.83 ? 11   TYR X O   1 
ATOM   90   C  CB  . TYR A 1 11  ? 11.771  2.556   6.150   1.00 21.01 ? 11   TYR X CB  1 
ATOM   91   C  CG  . TYR A 1 11  ? 12.330  2.905   7.510   1.00 22.32 ? 11   TYR X CG  1 
ATOM   92   C  CD1 . TYR A 1 11  ? 13.686  3.133   7.662   1.00 24.80 ? 11   TYR X CD1 1 
ATOM   93   C  CD2 . TYR A 1 11  ? 11.523  2.924   8.634   1.00 24.38 ? 11   TYR X CD2 1 
ATOM   94   C  CE1 . TYR A 1 11  ? 14.229  3.415   8.882   1.00 26.15 ? 11   TYR X CE1 1 
ATOM   95   C  CE2 . TYR A 1 11  ? 12.080  3.225   9.906   1.00 26.28 ? 11   TYR X CE2 1 
ATOM   96   C  CZ  . TYR A 1 11  ? 13.423  3.459   9.992   1.00 26.00 ? 11   TYR X CZ  1 
ATOM   97   O  OH  . TYR A 1 11  ? 14.012  3.749   11.197  1.00 26.15 ? 11   TYR X OH  1 
ATOM   98   N  N   . VAL A 1 12  ? 10.423  -0.197  6.461   1.00 18.29 ? 12   VAL X N   1 
ATOM   99   C  CA  . VAL A 1 12  ? 9.732   -1.105  7.304   1.00 19.60 ? 12   VAL X CA  1 
ATOM   100  C  C   . VAL A 1 12  ? 9.966   -2.562  6.956   1.00 20.06 ? 12   VAL X C   1 
ATOM   101  O  O   . VAL A 1 12  ? 10.088  -3.372  7.847   1.00 18.62 ? 12   VAL X O   1 
ATOM   102  C  CB  . VAL A 1 12  ? 8.209   -0.757  7.293   1.00 20.90 ? 12   VAL X CB  1 
ATOM   103  C  CG1 . VAL A 1 12  ? 7.385   -1.832  7.982   1.00 20.77 ? 12   VAL X CG1 1 
ATOM   104  C  CG2 . VAL A 1 12  ? 8.013   0.563   7.938   1.00 21.30 ? 12   VAL X CG2 1 
ATOM   105  N  N   . MET A 1 13  ? 9.994   -2.896  5.668   1.00 17.86 ? 13   MET X N   1 
ATOM   106  C  CA  . MET A 1 13  ? 10.045  -4.254  5.202   1.00 17.95 ? 13   MET X CA  1 
ATOM   107  C  C   . MET A 1 13  ? 11.434  -4.719  4.726   1.00 16.13 ? 13   MET X C   1 
ATOM   108  O  O   . MET A 1 13  ? 11.638  -5.909  4.491   1.00 17.83 ? 13   MET X O   1 
ATOM   109  C  CB  . MET A 1 13  ? 9.094   -4.443  3.999   1.00 17.82 ? 13   MET X CB  1 
ATOM   110  C  CG  . MET A 1 13  ? 7.574   -4.279  4.268   1.00 19.64 ? 13   MET X CG  1 
ATOM   111  S  SD  . MET A 1 13  ? 7.047   -5.101  5.809   1.00 19.83 ? 13   MET X SD  1 
ATOM   112  C  CE  . MET A 1 13  ? 7.147   -6.747  5.355   1.00 21.24 ? 13   MET X CE  1 
ATOM   113  N  N   . GLY A 1 14  ? 12.340  -3.779  4.471   1.00 15.32 ? 14   GLY X N   1 
ATOM   114  C  CA  . GLY A 1 14  ? 13.663  -4.073  3.976   1.00 14.67 ? 14   GLY X CA  1 
ATOM   115  C  C   . GLY A 1 14  ? 13.822  -3.622  2.539   1.00 19.17 ? 14   GLY X C   1 
ATOM   116  O  O   . GLY A 1 14  ? 12.817  -3.364  1.860   1.00 17.18 ? 14   GLY X O   1 
ATOM   117  N  N   . GLU A 1 15  ? 15.075  -3.538  2.085   1.00 19.01 ? 15   GLU X N   1 
ATOM   118  C  CA  . GLU A 1 15  ? 15.468  -3.201  0.716   1.00 21.71 ? 15   GLU X CA  1 
ATOM   119  C  C   . GLU A 1 15  ? 14.671  -3.906  -0.356  1.00 18.11 ? 15   GLU X C   1 
ATOM   120  O  O   . GLU A 1 15  ? 14.398  -3.334  -1.394  1.00 16.78 ? 15   GLU X O   1 
ATOM   121  C  CB  . GLU A 1 15  ? 16.948  -3.623  0.529   1.00 25.81 ? 15   GLU X CB  1 
ATOM   122  C  CG  . GLU A 1 15  ? 17.939  -2.563  0.123   1.00 30.94 ? 15   GLU X CG  1 
ATOM   123  C  CD  . GLU A 1 15  ? 17.420  -1.543  -0.876  1.00 32.80 ? 15   GLU X CD  1 
ATOM   124  O  OE1 . GLU A 1 15  ? 16.791  -0.554  -0.440  1.00 34.44 ? 15   GLU X OE1 1 
ATOM   125  O  OE2 . GLU A 1 15  ? 17.689  -1.694  -2.110  1.00 36.71 ? 15   GLU X OE2 1 
ATOM   126  N  N   . SER A 1 16  ? 14.312  -5.159  -0.142  1.00 16.36 ? 16   SER X N   1 
ATOM   127  C  CA  . SER A 1 16  ? 13.640  -5.938  -1.201  1.00 17.86 ? 16   SER X CA  1 
ATOM   128  C  C   . SER A 1 16  ? 12.140  -5.641  -1.231  1.00 16.53 ? 16   SER X C   1 
ATOM   129  O  O   . SER A 1 16  ? 11.394  -6.066  -2.124  1.00 16.08 ? 16   SER X O   1 
ATOM   130  C  CB  . SER A 1 16  ? 13.891  -7.444  -1.006  1.00 19.70 ? 16   SER X CB  1 
ATOM   131  O  OG  . SER A 1 16  ? 15.155  -7.802  -1.566  1.00 22.08 ? 16   SER X OG  1 
ATOM   132  N  N   . GLY A 1 17  ? 11.693  -4.923  -0.223  1.00 14.99 ? 17   GLY X N   1 
ATOM   133  C  CA  . GLY A 1 17  ? 10.288  -4.587  -0.078  1.00 13.62 ? 17   GLY X CA  1 
ATOM   134  C  C   . GLY A 1 17  ? 9.577   -3.990  -1.272  1.00 13.27 ? 17   GLY X C   1 
ATOM   135  O  O   . GLY A 1 17  ? 8.452   -4.405  -1.572  1.00 16.43 ? 17   GLY X O   1 
ATOM   136  N  N   . VAL A 1 18  ? 10.152  -2.985  -1.922  1.00 16.99 ? 18   VAL X N   1 
ATOM   137  C  CA  . VAL A 1 18  ? 9.441   -2.330  -3.022  1.00 19.54 ? 18   VAL X CA  1 
ATOM   138  C  C   . VAL A 1 18  ? 9.130   -3.285  -4.137  1.00 18.69 ? 18   VAL X C   1 
ATOM   139  O  O   . VAL A 1 18  ? 8.009   -3.354  -4.617  1.00 15.78 ? 18   VAL X O   1 
ATOM   140  C  CB  . VAL A 1 18  ? 10.142  -1.062  -3.483  1.00 21.91 ? 18   VAL X CB  1 
ATOM   141  C  CG1 . VAL A 1 18  ? 10.058  -0.871  -4.979  1.00 24.00 ? 18   VAL X CG1 1 
ATOM   142  C  CG2 . VAL A 1 18  ? 9.463   0.081   -2.839  1.00 23.00 ? 18   VAL X CG2 1 
ATOM   143  N  N   . LEU A 1 19  ? 10.088  -4.139  -4.490  1.00 16.56 ? 19   LEU X N   1 
ATOM   144  C  CA  . LEU A 1 19  ? 9.837   -5.091  -5.542  1.00 17.72 ? 19   LEU X CA  1 
ATOM   145  C  C   . LEU A 1 19  ? 8.874   -6.169  -5.057  1.00 17.77 ? 19   LEU X C   1 
ATOM   146  O  O   . LEU A 1 19  ? 8.086   -6.686  -5.814  1.00 19.02 ? 19   LEU X O   1 
ATOM   147  C  CB  . LEU A 1 19  ? 11.117  -5.756  -6.033  1.00 18.74 ? 19   LEU X CB  1 
ATOM   148  C  CG  . LEU A 1 19  ? 11.174  -6.110  -7.521  1.00 18.81 ? 19   LEU X CG  1 
ATOM   149  C  CD1 . LEU A 1 19  ? 10.660  -5.083  -8.534  1.00 20.57 ? 19   LEU X CD1 1 
ATOM   150  C  CD2 . LEU A 1 19  ? 12.618  -6.451  -7.804  1.00 20.98 ? 19   LEU X CD2 1 
ATOM   151  N  N   . GLN A 1 20  ? 8.988   -6.561  -3.802  1.00 13.95 ? 20   GLN X N   1 
ATOM   152  C  CA  . GLN A 1 20  ? 8.192   -7.632  -3.251  1.00 15.40 ? 20   GLN X CA  1 
ATOM   153  C  C   . GLN A 1 20  ? 6.706   -7.304  -3.110  1.00 17.39 ? 20   GLN X C   1 
ATOM   154  O  O   . GLN A 1 20  ? 5.837   -8.200  -3.195  1.00 17.21 ? 20   GLN X O   1 
ATOM   155  C  CB  . GLN A 1 20  ? 8.852   -8.058  -1.922  1.00 18.88 ? 20   GLN X CB  1 
ATOM   156  C  CG  . GLN A 1 20  ? 8.216   -9.149  -1.198  1.00 21.28 ? 20   GLN X CG  1 
ATOM   157  C  CD  . GLN A 1 20  ? 9.046   -9.611  0.011   1.00 23.61 ? 20   GLN X CD  1 
ATOM   158  O  OE1 . GLN A 1 20  ? 9.772   -8.816  0.594   1.00 22.43 ? 20   GLN X OE1 1 
ATOM   159  N  NE2 . GLN A 1 20  ? 8.867   -10.860 0.410   1.00 24.81 ? 20   GLN X NE2 1 
ATOM   160  N  N   . TYR A 1 21  ? 6.397   -6.017  -2.904  1.00 14.73 ? 21   TYR X N   1 
ATOM   161  C  CA  . TYR A 1 21  ? 5.045   -5.604  -2.592  1.00 16.57 ? 21   TYR X CA  1 
ATOM   162  C  C   . TYR A 1 21  ? 4.364   -4.797  -3.665  1.00 19.22 ? 21   TYR X C   1 
ATOM   163  O  O   . TYR A 1 21  ? 3.152   -4.744  -3.707  1.00 22.00 ? 21   TYR X O   1 
ATOM   164  C  CB  . TYR A 1 21  ? 5.026   -4.871  -1.243  1.00 15.74 ? 21   TYR X CB  1 
ATOM   165  C  CG  . TYR A 1 21  ? 5.142   -5.860  -0.118  1.00 15.25 ? 21   TYR X CG  1 
ATOM   166  C  CD1 . TYR A 1 21  ? 4.049   -6.536  0.322   1.00 13.55 ? 21   TYR X CD1 1 
ATOM   167  C  CD2 . TYR A 1 21  ? 6.348   -6.130  0.485   1.00 17.14 ? 21   TYR X CD2 1 
ATOM   168  C  CE1 . TYR A 1 21  ? 4.105   -7.432  1.323   1.00 14.75 ? 21   TYR X CE1 1 
ATOM   169  C  CE2 . TYR A 1 21  ? 6.434   -7.020  1.474   1.00 17.08 ? 21   TYR X CE2 1 
ATOM   170  C  CZ  . TYR A 1 21  ? 5.292   -7.693  1.910   1.00 16.43 ? 21   TYR X CZ  1 
ATOM   171  O  OH  . TYR A 1 21  ? 5.373   -8.614  2.930   1.00 16.85 ? 21   TYR X OH  1 
ATOM   172  N  N   . LEU A 1 22  ? 5.070   -4.140  -4.536  1.00 20.59 ? 22   LEU X N   1 
ATOM   173  C  CA  . LEU A 1 22  ? 4.237   -3.255  -5.350  1.00 22.21 ? 22   LEU X CA  1 
ATOM   174  C  C   . LEU A 1 22  ? 3.757   -3.845  -6.690  1.00 18.85 ? 22   LEU X C   1 
ATOM   175  O  O   . LEU A 1 22  ? 3.063   -3.161  -7.463  1.00 17.20 ? 22   LEU X O   1 
ATOM   176  C  CB  . LEU A 1 22  ? 4.801   -1.801  -5.397  1.00 23.17 ? 22   LEU X CB  1 
ATOM   177  C  CG  . LEU A 1 22  ? 4.820   -1.033  -4.019  1.00 24.56 ? 22   LEU X CG  1 
ATOM   178  C  CD1 . LEU A 1 22  ? 5.882   -1.593  -3.160  1.00 25.84 ? 22   LEU X CD1 1 
ATOM   179  C  CD2 . LEU A 1 22  ? 5.061   0.429   -4.132  1.00 25.50 ? 22   LEU X CD2 1 
ATOM   180  N  N   . SER A 1 23  ? 4.002   -5.137  -6.922  1.00 17.38 ? 23   SER X N   1 
ATOM   181  C  CA  . SER A 1 23  ? 3.147   -5.900  -7.826  1.00 16.17 ? 23   SER X CA  1 
ATOM   182  C  C   . SER A 1 23  ? 2.944   -7.241  -7.153  1.00 15.65 ? 23   SER X C   1 
ATOM   183  O  O   . SER A 1 23  ? 3.828   -8.113  -7.186  1.00 19.03 ? 23   SER X O   1 
ATOM   184  C  CB  . SER A 1 23  ? 3.719   -6.183  -9.219  1.00 19.47 ? 23   SER X CB  1 
ATOM   185  O  OG  . SER A 1 23  ? 2.657   -6.662  -10.059 1.00 19.05 ? 23   SER X OG  1 
ATOM   186  N  N   . TYR A 1 24  ? 1.861   -7.319  -6.400  1.00 15.18 ? 24   TYR X N   1 
ATOM   187  C  CA  . TYR A 1 24  ? 1.462   -8.570  -5.702  1.00 11.02 ? 24   TYR X CA  1 
ATOM   188  C  C   . TYR A 1 24  ? -0.056  -8.736  -5.772  1.00 11.85 ? 24   TYR X C   1 
ATOM   189  O  O   . TYR A 1 24  ? -0.818  -7.766  -5.625  1.00 11.43 ? 24   TYR X O   1 
ATOM   190  C  CB  . TYR A 1 24  ? 1.900   -8.508  -4.241  1.00 11.22 ? 24   TYR X CB  1 
ATOM   191  C  CG  . TYR A 1 24  ? 1.655   -9.761  -3.405  1.00 11.89 ? 24   TYR X CG  1 
ATOM   192  C  CD1 . TYR A 1 24  ? 0.428   -9.952  -2.750  1.00 10.17 ? 24   TYR X CD1 1 
ATOM   193  C  CD2 . TYR A 1 24  ? 2.635   -10.710 -3.228  1.00 11.23 ? 24   TYR X CD2 1 
ATOM   194  C  CE1 . TYR A 1 24  ? 0.176   -11.076 -1.947  1.00 11.39 ? 24   TYR X CE1 1 
ATOM   195  C  CE2 . TYR A 1 24  ? 2.385   -11.856 -2.420  1.00 14.28 ? 24   TYR X CE2 1 
ATOM   196  C  CZ  . TYR A 1 24  ? 1.169   -12.010 -1.769  1.00 12.57 ? 24   TYR X CZ  1 
ATOM   197  O  OH  . TYR A 1 24  ? 0.990   -13.108 -0.978  1.00 14.34 ? 24   TYR X OH  1 
ATOM   198  N  N   . GLY A 1 25  ? -0.518  -9.965  -5.964  1.00 12.82 ? 25   GLY X N   1 
ATOM   199  C  CA  . GLY A 1 25  ? -1.945  -10.220 -5.952  1.00 13.04 ? 25   GLY X CA  1 
ATOM   200  C  C   . GLY A 1 25  ? -2.729  -9.438  -6.972  1.00 12.20 ? 25   GLY X C   1 
ATOM   201  O  O   . GLY A 1 25  ? -2.217  -9.084  -8.054  1.00 12.92 ? 25   GLY X O   1 
ATOM   202  N  N   . CYS A 1 26  ? -3.978  -9.143  -6.618  1.00 12.91 ? 26   CYS X N   1 
ATOM   203  C  CA  . CYS A 1 26  ? -4.852  -8.336  -7.497  1.00 10.93 ? 26   CYS X CA  1 
ATOM   204  C  C   . CYS A 1 26  ? -4.873  -6.837  -7.230  1.00 10.91 ? 26   CYS X C   1 
ATOM   205  O  O   . CYS A 1 26  ? -5.406  -6.064  -8.090  1.00 12.20 ? 26   CYS X O   1 
ATOM   206  C  CB  . CYS A 1 26  ? -6.264  -8.911  -7.472  1.00 12.79 ? 26   CYS X CB  1 
ATOM   207  S  SG  . CYS A 1 26  ? -6.403  -10.602 -8.047  1.00 12.77 ? 26   CYS X SG  1 
ATOM   208  N  N   . TYR A 1 27  ? -4.330  -6.398  -6.075  1.00 10.94 ? 27   TYR X N   1 
ATOM   209  C  CA  . TYR A 1 27  ? -4.504  -5.009  -5.587  1.00 12.66 ? 27   TYR X CA  1 
ATOM   210  C  C   . TYR A 1 27  ? -3.193  -4.266  -5.292  1.00 13.45 ? 27   TYR X C   1 
ATOM   211  O  O   . TYR A 1 27  ? -3.226  -3.023  -5.248  1.00 16.41 ? 27   TYR X O   1 
ATOM   212  C  CB  . TYR A 1 27  ? -5.487  -4.905  -4.380  1.00 13.06 ? 27   TYR X CB  1 
ATOM   213  C  CG  . TYR A 1 27  ? -6.900  -5.015  -4.891  1.00 10.53 ? 27   TYR X CG  1 
ATOM   214  C  CD1 . TYR A 1 27  ? -7.520  -6.269  -5.040  1.00 11.58 ? 27   TYR X CD1 1 
ATOM   215  C  CD2 . TYR A 1 27  ? -7.565  -3.898  -5.399  1.00 11.88 ? 27   TYR X CD2 1 
ATOM   216  C  CE1 . TYR A 1 27  ? -8.756  -6.376  -5.632  1.00 10.71 ? 27   TYR X CE1 1 
ATOM   217  C  CE2 . TYR A 1 27  ? -8.802  -3.996  -5.969  1.00 12.20 ? 27   TYR X CE2 1 
ATOM   218  C  CZ  . TYR A 1 27  ? -9.408  -5.269  -6.064  1.00 12.52 ? 27   TYR X CZ  1 
ATOM   219  O  OH  . TYR A 1 27  ? -10.643 -5.400  -6.656  1.00 12.41 ? 27   TYR X OH  1 
ATOM   220  N  N   . CYS A 1 28  ? -2.104  -4.990  -5.038  1.00 14.94 ? 28   CYS X N   1 
ATOM   221  C  CA  . CYS A 1 28  ? -0.859  -4.337  -4.621  1.00 17.59 ? 28   CYS X CA  1 
ATOM   222  C  C   . CYS A 1 28  ? -0.253  -3.542  -5.755  1.00 23.42 ? 28   CYS X C   1 
ATOM   223  O  O   . CYS A 1 28  ? 0.094   -4.095  -6.787  1.00 27.19 ? 28   CYS X O   1 
ATOM   224  C  CB  . CYS A 1 28  ? 0.135   -5.303  -4.009  1.00 14.85 ? 28   CYS X CB  1 
ATOM   225  S  SG  . CYS A 1 28  ? -0.476  -5.911  -2.421  1.00 14.96 ? 28   CYS X SG  1 
ATOM   226  N  N   . GLY A 1 29  ? -0.113  -2.241  -5.509  1.00 26.79 ? 29   GLY X N   1 
ATOM   227  C  CA  . GLY A 1 29  ? -0.237  -1.221  -6.549  1.00 28.61 ? 29   GLY X CA  1 
ATOM   228  C  C   . GLY A 1 29  ? -1.497  -0.386  -6.418  1.00 27.86 ? 29   GLY X C   1 
ATOM   229  O  O   . GLY A 1 29  ? -1.975  -0.089  -5.340  1.00 32.35 ? 29   GLY X O   1 
ATOM   230  N  N   . LEU A 1 30  ? -2.074  -0.010  -7.530  1.00 27.59 ? 30   LEU X N   1 
ATOM   231  C  CA  . LEU A 1 30  ? -3.231  0.820   -7.460  1.00 27.53 ? 30   LEU X CA  1 
ATOM   232  C  C   . LEU A 1 30  ? -4.123  0.472   -8.568  1.00 27.22 ? 30   LEU X C   1 
ATOM   233  O  O   . LEU A 1 30  ? -3.675  0.019   -9.625  1.00 27.72 ? 30   LEU X O   1 
ATOM   234  C  CB  . LEU A 1 30  ? -2.870  2.317   -7.590  1.00 26.75 ? 30   LEU X CB  1 
ATOM   235  C  CG  . LEU A 1 30  ? -2.299  3.013   -6.382  1.00 24.89 ? 30   LEU X CG  1 
ATOM   236  C  CD1 . LEU A 1 30  ? -1.866  4.407   -6.716  1.00 24.92 ? 30   LEU X CD1 1 
ATOM   237  C  CD2 . LEU A 1 30  ? -3.302  3.041   -5.237  1.00 25.29 ? 30   LEU X CD2 1 
ATOM   238  N  N   . GLY A 1 31  ? -5.392  0.741   -8.345  1.00 25.26 ? 31   GLY X N   1 
ATOM   239  C  CA  . GLY A 1 31  ? -6.374  0.625   -9.398  1.00 25.64 ? 31   GLY X CA  1 
ATOM   240  C  C   . GLY A 1 31  ? -6.617  -0.831  -9.759  1.00 24.82 ? 31   GLY X C   1 
ATOM   241  O  O   . GLY A 1 31  ? -7.029  -1.107  -10.885 1.00 24.91 ? 31   GLY X O   1 
ATOM   242  N  N   . GLY A 1 32  ? -6.380  -1.738  -8.807  1.00 22.46 ? 32   GLY X N   1 
ATOM   243  C  CA  . GLY A 1 32  ? -6.563  -3.167  -9.042  1.00 19.43 ? 32   GLY X CA  1 
ATOM   244  C  C   . GLY A 1 32  ? -7.996  -3.523  -9.421  1.00 20.05 ? 32   GLY X C   1 
ATOM   245  O  O   . GLY A 1 32  ? -8.896  -2.643  -9.484  1.00 16.12 ? 32   GLY X O   1 
ATOM   246  N  N   . GLN A 1 33  ? -8.224  -4.831  -9.555  1.00 18.02 ? 33   GLN X N   1 
ATOM   247  C  CA  . GLN A 1 33  ? -9.490  -5.390  -10.014 1.00 16.00 ? 33   GLN X CA  1 
ATOM   248  C  C   . GLN A 1 33  ? -9.637  -6.799  -9.401  1.00 13.83 ? 33   GLN X C   1 
ATOM   249  O  O   . GLN A 1 33  ? -8.659  -7.429  -8.931  1.00 11.84 ? 33   GLN X O   1 
ATOM   250  C  CB  . GLN A 1 33  ? -9.489  -5.475  -11.544 1.00 15.83 ? 33   GLN X CB  1 
ATOM   251  C  CG  . GLN A 1 33  ? -8.625  -6.665  -12.086 1.00 16.15 ? 33   GLN X CG  1 
ATOM   252  C  CD  . GLN A 1 33  ? -8.558  -6.735  -13.598 1.00 18.00 ? 33   GLN X CD  1 
ATOM   253  O  OE1 . GLN A 1 33  ? -7.839  -7.608  -14.166 1.00 18.80 ? 33   GLN X OE1 1 
ATOM   254  N  NE2 . GLN A 1 33  ? -9.277  -5.854  -14.253 1.00 14.24 ? 33   GLN X NE2 1 
ATOM   255  N  N   . GLY A 1 34  ? -10.870 -7.283  -9.358  1.00 15.09 ? 34   GLY X N   1 
ATOM   256  C  CA  . GLY A 1 34  ? -11.163 -8.615  -8.881  1.00 14.85 ? 34   GLY X CA  1 
ATOM   257  C  C   . GLY A 1 34  ? -11.222 -8.754  -7.363  1.00 12.77 ? 34   GLY X C   1 
ATOM   258  O  O   . GLY A 1 34  ? -11.588 -7.843  -6.636  1.00 14.36 ? 34   GLY X O   1 
ATOM   259  N  N   . GLN A 1 35  ? -10.873 -9.955  -6.916  1.00 15.50 ? 35   GLN X N   1 
ATOM   260  C  CA  . GLN A 1 35  ? -10.928 -10.407 -5.530  1.00 14.68 ? 35   GLN X CA  1 
ATOM   261  C  C   . GLN A 1 35  ? -9.535  -10.464 -4.926  1.00 12.80 ? 35   GLN X C   1 
ATOM   262  O  O   . GLN A 1 35  ? -8.638  -10.975 -5.528  1.00 11.85 ? 35   GLN X O   1 
ATOM   263  C  CB  . GLN A 1 35  ? -11.580 -11.822 -5.454  1.00 14.82 ? 35   GLN X CB  1 
ATOM   264  C  CG  . GLN A 1 35  ? -12.979 -11.843 -6.057  1.00 16.39 ? 35   GLN X CG  1 
ATOM   265  C  CD  . GLN A 1 35  ? -13.981 -11.140 -5.196  1.00 16.89 ? 35   GLN X CD  1 
ATOM   266  O  OE1 . GLN A 1 35  ? -14.795 -10.277 -5.682  1.00 19.61 ? 35   GLN X OE1 1 
ATOM   267  N  NE2 . GLN A 1 35  ? -13.943 -11.451 -3.930  1.00 15.21 ? 35   GLN X NE2 1 
ATOM   268  N  N   . PRO A 1 36  ? -9.350  -9.883  -3.739  1.00 13.07 ? 36   PRO X N   1 
ATOM   269  C  CA  . PRO A 1 36  ? -8.052  -9.960  -3.038  1.00 13.61 ? 36   PRO X CA  1 
ATOM   270  C  C   . PRO A 1 36  ? -7.650  -11.431 -2.820  1.00 14.01 ? 36   PRO X C   1 
ATOM   271  O  O   . PRO A 1 36  ? -8.482  -12.302 -2.525  1.00 12.38 ? 36   PRO X O   1 
ATOM   272  C  CB  . PRO A 1 36  ? -8.297  -9.207  -1.742  1.00 14.02 ? 36   PRO X CB  1 
ATOM   273  C  CG  . PRO A 1 36  ? -9.395  -8.232  -2.105  1.00 14.12 ? 36   PRO X CG  1 
ATOM   274  C  CD  . PRO A 1 36  ? -10.302 -9.027  -3.053  1.00 12.82 ? 36   PRO X CD  1 
ATOM   275  N  N   . THR A 1 37  ? -6.396  -11.736 -3.040  1.00 13.95 ? 37   THR X N   1 
ATOM   276  C  CA  . THR A 1 37  ? -5.973  -13.167 -3.091  1.00 14.88 ? 37   THR X CA  1 
ATOM   277  C  C   . THR A 1 37  ? -5.755  -13.769 -1.710  1.00 14.64 ? 37   THR X C   1 
ATOM   278  O  O   . THR A 1 37  ? -5.929  -14.958 -1.481  1.00 13.42 ? 37   THR X O   1 
ATOM   279  C  CB  . THR A 1 37  ? -4.718  -13.320 -3.916  1.00 14.54 ? 37   THR X CB  1 
ATOM   280  O  OG1 . THR A 1 37  ? -3.676  -12.515 -3.387  1.00 14.15 ? 37   THR X OG1 1 
ATOM   281  C  CG2 . THR A 1 37  ? -4.931  -12.828 -5.381  1.00 15.37 ? 37   THR X CG2 1 
ATOM   282  N  N   . ASP A 1 38  ? -5.316  -12.904 -0.817  1.00 14.25 ? 38   ASP X N   1 
ATOM   283  C  CA  . ASP A 1 38  ? -4.885  -13.259 0.522   1.00 14.16 ? 38   ASP X CA  1 
ATOM   284  C  C   . ASP A 1 38  ? -4.774  -11.999 1.406   1.00 13.35 ? 38   ASP X C   1 
ATOM   285  O  O   . ASP A 1 38  ? -5.275  -10.924 1.037   1.00 14.19 ? 38   ASP X O   1 
ATOM   286  C  CB  . ASP A 1 38  ? -3.612  -14.069 0.466   1.00 11.74 ? 38   ASP X CB  1 
ATOM   287  C  CG  . ASP A 1 38  ? -2.402  -13.268 0.072   1.00 10.73 ? 38   ASP X CG  1 
ATOM   288  O  OD1 . ASP A 1 38  ? -2.503  -12.037 -0.240  1.00 14.72 ? 38   ASP X OD1 1 
ATOM   289  O  OD2 . ASP A 1 38  ? -1.251  -13.804 0.014   1.00 13.74 ? 38   ASP X OD2 1 
ATOM   290  N  N   . ALA A 1 39  ? -4.270  -12.171 2.636   1.00 14.33 ? 39   ALA X N   1 
ATOM   291  C  CA  . ALA A 1 39  ? -4.290  -11.094 3.605   1.00 14.50 ? 39   ALA X CA  1 
ATOM   292  C  C   . ALA A 1 39  ? -3.400  -9.964  3.135   1.00 13.10 ? 39   ALA X C   1 
ATOM   293  O  O   . ALA A 1 39  ? -3.786  -8.794  3.265   1.00 11.79 ? 39   ALA X O   1 
ATOM   294  C  CB  . ALA A 1 39  ? -3.813  -11.574 4.950   1.00 14.96 ? 39   ALA X CB  1 
ATOM   295  N  N   . THR A 1 40  ? -2.239  -10.295 2.560   1.00 11.73 ? 40   THR X N   1 
ATOM   296  C  CA  . THR A 1 40  ? -1.384  -9.216  2.108   1.00 13.85 ? 40   THR X CA  1 
ATOM   297  C  C   . THR A 1 40  ? -2.117  -8.365  1.042   1.00 14.05 ? 40   THR X C   1 
ATOM   298  O  O   . THR A 1 40  ? -2.065  -7.123  1.027   1.00 13.25 ? 40   THR X O   1 
ATOM   299  C  CB  . THR A 1 40  ? -0.116  -9.802  1.554   1.00 13.71 ? 40   THR X CB  1 
ATOM   300  O  OG1 . THR A 1 40  ? 0.671   -10.321 2.649   1.00 15.61 ? 40   THR X OG1 1 
ATOM   301  C  CG2 . THR A 1 40  ? 0.766   -8.722  0.829   1.00 12.68 ? 40   THR X CG2 1 
ATOM   302  N  N   . ASP A 1 41  ? -2.734  -9.045  0.104   1.00 10.53 ? 41   ASP X N   1 
ATOM   303  C  CA  . ASP A 1 41  ? -3.448  -8.388  -0.996  1.00 11.62 ? 41   ASP X CA  1 
ATOM   304  C  C   . ASP A 1 41  ? -4.603  -7.530  -0.429  1.00 11.91 ? 41   ASP X C   1 
ATOM   305  O  O   . ASP A 1 41  ? -4.920  -6.460  -0.956  1.00 11.02 ? 41   ASP X O   1 
ATOM   306  C  CB  . ASP A 1 41  ? -3.922  -9.487  -1.988  1.00 8.92  ? 41   ASP X CB  1 
ATOM   307  C  CG  . ASP A 1 41  ? -4.259  -8.924  -3.364  1.00 10.16 ? 41   ASP X CG  1 
ATOM   308  O  OD1 . ASP A 1 41  ? -3.694  -7.852  -3.688  1.00 11.71 ? 41   ASP X OD1 1 
ATOM   309  O  OD2 . ASP A 1 41  ? -5.065  -9.495  -4.138  1.00 9.09  ? 41   ASP X OD2 1 
ATOM   310  N  N   . ARG A 1 42  ? -5.255  -8.010  0.634   1.00 12.47 ? 42   ARG X N   1 
ATOM   311  C  CA  . ARG A 1 42  ? -6.297  -7.226  1.264   1.00 13.56 ? 42   ARG X CA  1 
ATOM   312  C  C   . ARG A 1 42  ? -5.722  -5.962  1.866   1.00 12.54 ? 42   ARG X C   1 
ATOM   313  O  O   . ARG A 1 42  ? -6.399  -4.953  1.881   1.00 11.43 ? 42   ARG X O   1 
ATOM   314  C  CB  . ARG A 1 42  ? -7.083  -8.002  2.278   1.00 17.34 ? 42   ARG X CB  1 
ATOM   315  C  CG  . ARG A 1 42  ? -8.218  -7.234  2.891   1.00 19.67 ? 42   ARG X CG  1 
ATOM   316  C  CD  . ARG A 1 42  ? -9.317  -8.066  3.369   1.00 22.71 ? 42   ARG X CD  1 
ATOM   317  N  NE  . ARG A 1 42  ? -9.883  -8.884  2.324   1.00 24.55 ? 42   ARG X NE  1 
ATOM   318  C  CZ  . ARG A 1 42  ? -10.907 -8.516  1.519   1.00 24.59 ? 42   ARG X CZ  1 
ATOM   319  N  NH1 . ARG A 1 42  ? -11.519 -7.346  1.640   1.00 23.12 ? 42   ARG X NH1 1 
ATOM   320  N  NH2 . ARG A 1 42  ? -11.342 -9.349  0.631   1.00 23.42 ? 42   ARG X NH2 1 
ATOM   321  N  N   . CYS A 1 43  ? -4.468  -5.996  2.296   1.00 12.58 ? 43   CYS X N   1 
ATOM   322  C  CA  . CYS A 1 43  ? -3.749  -4.749  2.731   1.00 11.43 ? 43   CYS X CA  1 
ATOM   323  C  C   . CYS A 1 43  ? -3.780  -3.687  1.633   1.00 11.15 ? 43   CYS X C   1 
ATOM   324  O  O   . CYS A 1 43  ? -4.077  -2.531  1.876   1.00 10.82 ? 43   CYS X O   1 
ATOM   325  C  CB  . CYS A 1 43  ? -2.280  -5.010  3.100   1.00 12.64 ? 43   CYS X CB  1 
ATOM   326  S  SG  . CYS A 1 43  ? -2.005  -6.140  4.506   1.00 13.94 ? 43   CYS X SG  1 
ATOM   327  N  N   . CYS A 1 44  ? -3.497  -4.113  0.399   1.00 12.03 ? 44   CYS X N   1 
ATOM   328  C  CA  . CYS A 1 44  ? -3.486  -3.175  -0.715  1.00 11.84 ? 44   CYS X CA  1 
ATOM   329  C  C   . CYS A 1 44  ? -4.869  -2.833  -1.181  1.00 12.25 ? 44   CYS X C   1 
ATOM   330  O  O   . CYS A 1 44  ? -5.115  -1.746  -1.689  1.00 9.89  ? 44   CYS X O   1 
ATOM   331  C  CB  . CYS A 1 44  ? -2.752  -3.846  -1.863  1.00 13.64 ? 44   CYS X CB  1 
ATOM   332  S  SG  . CYS A 1 44  ? -1.001  -4.227  -1.455  1.00 14.69 ? 44   CYS X SG  1 
ATOM   333  N  N   . PHE A 1 45  ? -5.793  -3.786  -1.062  1.00 10.16 ? 45   PHE X N   1 
ATOM   334  C  CA  . PHE A 1 45  ? -7.221  -3.454  -1.323  1.00 11.19 ? 45   PHE X CA  1 
ATOM   335  C  C   . PHE A 1 45  ? -7.674  -2.269  -0.453  1.00 10.97 ? 45   PHE X C   1 
ATOM   336  O  O   . PHE A 1 45  ? -8.194  -1.273  -0.951  1.00 11.86 ? 45   PHE X O   1 
ATOM   337  C  CB  . PHE A 1 45  ? -8.149  -4.680  -1.118  1.00 12.13 ? 45   PHE X CB  1 
ATOM   338  C  CG  . PHE A 1 45  ? -9.608  -4.379  -1.359  1.00 11.21 ? 45   PHE X CG  1 
ATOM   339  C  CD1 . PHE A 1 45  ? -10.131 -4.393  -2.641  1.00 13.60 ? 45   PHE X CD1 1 
ATOM   340  C  CD2 . PHE A 1 45  ? -10.467 -4.119  -0.301  1.00 14.27 ? 45   PHE X CD2 1 
ATOM   341  C  CE1 . PHE A 1 45  ? -11.492 -4.125  -2.878  1.00 15.02 ? 45   PHE X CE1 1 
ATOM   342  C  CE2 . PHE A 1 45  ? -11.833 -3.814  -0.543  1.00 14.29 ? 45   PHE X CE2 1 
ATOM   343  C  CZ  . PHE A 1 45  ? -12.324 -3.820  -1.818  1.00 12.86 ? 45   PHE X CZ  1 
ATOM   344  N  N   . VAL A 1 46  ? -7.449  -2.392  0.845   1.00 11.60 ? 46   VAL X N   1 
ATOM   345  C  CA  . VAL A 1 46  ? -7.782  -1.364  1.825   1.00 13.64 ? 46   VAL X CA  1 
ATOM   346  C  C   . VAL A 1 46  ? -7.009  -0.086  1.498   1.00 11.80 ? 46   VAL X C   1 
ATOM   347  O  O   . VAL A 1 46  ? -7.548  0.984   1.529   1.00 11.56 ? 46   VAL X O   1 
ATOM   348  C  CB  . VAL A 1 46  ? -7.496  -1.794  3.266   1.00 14.28 ? 46   VAL X CB  1 
ATOM   349  C  CG1 . VAL A 1 46  ? -7.645  -0.581  4.200   1.00 15.00 ? 46   VAL X CG1 1 
ATOM   350  C  CG2 . VAL A 1 46  ? -8.407  -2.952  3.673   1.00 14.88 ? 46   VAL X CG2 1 
ATOM   351  N  N   . HIS A 1 47  ? -5.760  -0.225  1.126   1.00 10.77 ? 47   HIS X N   1 
ATOM   352  C  CA  . HIS A 1 47  ? -4.950  0.942   0.644   1.00 11.66 ? 47   HIS X CA  1 
ATOM   353  C  C   . HIS A 1 47  ? -5.548  1.723   -0.529  1.00 12.06 ? 47   HIS X C   1 
ATOM   354  O  O   . HIS A 1 47  ? -5.570  2.963   -0.540  1.00 10.25 ? 47   HIS X O   1 
ATOM   355  C  CB  . HIS A 1 47  ? -3.521  0.467   0.360   1.00 11.42 ? 47   HIS X CB  1 
ATOM   356  C  CG  . HIS A 1 47  ? -2.566  1.554   -0.033  1.00 11.30 ? 47   HIS X CG  1 
ATOM   357  N  ND1 . HIS A 1 47  ? -2.317  1.905   -1.346  1.00 12.76 ? 47   HIS X ND1 1 
ATOM   358  C  CD2 . HIS A 1 47  ? -1.812  2.369   0.726   1.00 11.93 ? 47   HIS X CD2 1 
ATOM   359  C  CE1 . HIS A 1 47  ? -1.445  2.901   -1.374  1.00 13.85 ? 47   HIS X CE1 1 
ATOM   360  N  NE2 . HIS A 1 47  ? -1.126  3.208   -0.128  1.00 12.86 ? 47   HIS X NE2 1 
ATOM   361  N  N   . ASP A 1 48  ? -6.027  1.009   -1.532  1.00 11.70 ? 48   ASP X N   1 
ATOM   362  C  CA  . ASP A 1 48  ? -6.697  1.556   -2.660  1.00 14.70 ? 48   ASP X CA  1 
ATOM   363  C  C   . ASP A 1 48  ? -7.938  2.351   -2.292  1.00 13.25 ? 48   ASP X C   1 
ATOM   364  O  O   . ASP A 1 48  ? -8.154  3.482   -2.760  1.00 12.42 ? 48   ASP X O   1 
ATOM   365  C  CB  . ASP A 1 48  ? -7.140  0.389   -3.535  1.00 18.58 ? 48   ASP X CB  1 
ATOM   366  C  CG  . ASP A 1 48  ? -6.384  0.284   -4.769  1.00 24.47 ? 48   ASP X CG  1 
ATOM   367  O  OD1 . ASP A 1 48  ? -5.114  0.448   -4.764  1.00 29.07 ? 48   ASP X OD1 1 
ATOM   368  O  OD2 . ASP A 1 48  ? -6.968  -0.130  -5.789  1.00 29.10 ? 48   ASP X OD2 1 
ATOM   369  N  N   . CYS A 1 49  ? -8.755  1.732   -1.453  1.00 14.19 ? 49   CYS X N   1 
ATOM   370  C  CA  . CYS A 1 49  ? -9.979  2.322   -0.928  1.00 14.74 ? 49   CYS X CA  1 
ATOM   371  C  C   . CYS A 1 49  ? -9.640  3.566   -0.101  1.00 15.64 ? 49   CYS X C   1 
ATOM   372  O  O   . CYS A 1 49  ? -10.252 4.602   -0.241  1.00 17.64 ? 49   CYS X O   1 
ATOM   373  C  CB  . CYS A 1 49  ? -10.714 1.284   -0.079  1.00 13.02 ? 49   CYS X CB  1 
ATOM   374  S  SG  . CYS A 1 49  ? -11.443 -0.039  -1.107  1.00 15.08 ? 49   CYS X SG  1 
ATOM   375  N  N   . CYS A 1 50  ? -8.557  3.461   0.648   1.00 14.52 ? 50   CYS X N   1 
ATOM   376  C  CA  . CYS A 1 50  ? -8.028  4.583   1.432   1.00 13.49 ? 50   CYS X CA  1 
ATOM   377  C  C   . CYS A 1 50  ? -7.672  5.767   0.540   1.00 13.00 ? 50   CYS X C   1 
ATOM   378  O  O   . CYS A 1 50  ? -8.070  6.885   0.821   1.00 12.43 ? 50   CYS X O   1 
ATOM   379  C  CB  . CYS A 1 50  ? -6.800  4.169   2.225   1.00 13.72 ? 50   CYS X CB  1 
ATOM   380  S  SG  . CYS A 1 50  ? -6.393  5.305   3.574   1.00 12.59 ? 50   CYS X SG  1 
ATOM   381  N  N   . TYR A 1 51  ? -6.929  5.536   -0.534  1.00 11.99 ? 51   TYR X N   1 
ATOM   382  C  CA  . TYR A 1 51  ? -6.637  6.625   -1.474  1.00 13.06 ? 51   TYR X CA  1 
ATOM   383  C  C   . TYR A 1 51  ? -7.933  7.181   -2.088  1.00 13.52 ? 51   TYR X C   1 
ATOM   384  O  O   . TYR A 1 51  ? -8.048  8.375   -2.337  1.00 12.42 ? 51   TYR X O   1 
ATOM   385  C  CB  . TYR A 1 51  ? -5.728  6.155   -2.610  1.00 10.41 ? 51   TYR X CB  1 
ATOM   386  C  CG  . TYR A 1 51  ? -4.250  6.165   -2.376  1.00 11.38 ? 51   TYR X CG  1 
ATOM   387  C  CD1 . TYR A 1 51  ? -3.718  6.121   -1.117  1.00 10.55 ? 51   TYR X CD1 1 
ATOM   388  C  CD2 . TYR A 1 51  ? -3.381  6.187   -3.414  1.00 10.67 ? 51   TYR X CD2 1 
ATOM   389  C  CE1 . TYR A 1 51  ? -2.382  6.158   -0.927  1.00 9.98  ? 51   TYR X CE1 1 
ATOM   390  C  CE2 . TYR A 1 51  ? -2.096  6.235   -3.247  1.00 11.85 ? 51   TYR X CE2 1 
ATOM   391  C  CZ  . TYR A 1 51  ? -1.553  6.198   -1.981  1.00 11.96 ? 51   TYR X CZ  1 
ATOM   392  O  OH  . TYR A 1 51  ? -0.177  6.189   -1.849  1.00 10.14 ? 51   TYR X OH  1 
ATOM   393  N  N   . GLY A 1 52  ? -8.917  6.305   -2.296  1.00 15.80 ? 52   GLY X N   1 
ATOM   394  C  CA  . GLY A 1 52  ? -10.232 6.692   -2.812  1.00 15.76 ? 52   GLY X CA  1 
ATOM   395  C  C   . GLY A 1 52  ? -10.960 7.656   -1.912  1.00 16.51 ? 52   GLY X C   1 
ATOM   396  O  O   . GLY A 1 52  ? -11.847 8.414   -2.339  1.00 18.86 ? 52   GLY X O   1 
ATOM   397  N  N   . LYS A 1 53  ? -10.602 7.680   -0.645  1.00 16.89 ? 53   LYS X N   1 
ATOM   398  C  CA  . LYS A 1 53  ? -11.239 8.578   0.282   1.00 20.16 ? 53   LYS X CA  1 
ATOM   399  C  C   . LYS A 1 53  ? -10.547 9.948   0.395   1.00 20.38 ? 53   LYS X C   1 
ATOM   400  O  O   . LYS A 1 53  ? -11.014 10.853  1.119   1.00 23.26 ? 53   LYS X O   1 
ATOM   401  C  CB  . LYS A 1 53  ? -11.310 7.917   1.643   1.00 20.92 ? 53   LYS X CB  1 
ATOM   402  C  CG  . LYS A 1 53  ? -12.198 6.723   1.684   1.00 22.77 ? 53   LYS X CG  1 
ATOM   403  C  CD  . LYS A 1 53  ? -12.055 6.059   3.047   1.00 24.87 ? 53   LYS X CD  1 
ATOM   404  C  CE  . LYS A 1 53  ? -12.976 4.903   3.235   1.00 26.65 ? 53   LYS X CE  1 
ATOM   405  N  NZ  . LYS A 1 53  ? -12.730 4.308   4.626   1.00 28.98 ? 53   LYS X NZ  1 
ATOM   406  N  N   . VAL A 1 54  ? -9.436  10.129  -0.292  1.00 19.44 ? 54   VAL X N   1 
ATOM   407  C  CA  . VAL A 1 54  ? -8.706  11.390  -0.188  1.00 20.42 ? 54   VAL X CA  1 
ATOM   408  C  C   . VAL A 1 54  ? -9.288  12.391  -1.215  1.00 22.59 ? 54   VAL X C   1 
ATOM   409  O  O   . VAL A 1 54  ? -9.252  12.167  -2.423  1.00 23.19 ? 54   VAL X O   1 
ATOM   410  C  CB  . VAL A 1 54  ? -7.216  11.181  -0.387  1.00 19.18 ? 54   VAL X CB  1 
ATOM   411  C  CG1 . VAL A 1 54  ? -6.486  12.529  -0.484  1.00 19.07 ? 54   VAL X CG1 1 
ATOM   412  C  CG2 . VAL A 1 54  ? -6.639  10.336  0.769   1.00 18.43 ? 54   VAL X CG2 1 
ATOM   413  N  N   . THR A 1 55  ? -9.841  13.474  -0.674  1.00 24.92 ? 55   THR X N   1 
ATOM   414  C  CA  . THR A 1 55  ? -10.363 14.619  -1.394  1.00 26.24 ? 55   THR X CA  1 
ATOM   415  C  C   . THR A 1 55  ? -9.613  15.862  -0.967  1.00 25.41 ? 55   THR X C   1 
ATOM   416  O  O   . THR A 1 55  ? -9.597  16.231  0.219   1.00 30.00 ? 55   THR X O   1 
ATOM   417  C  CB  . THR A 1 55  ? -11.812 14.935  -0.902  1.00 27.49 ? 55   THR X CB  1 
ATOM   418  O  OG1 . THR A 1 55  ? -12.633 13.780  -0.992  1.00 29.13 ? 55   THR X OG1 1 
ATOM   419  C  CG2 . THR A 1 55  ? -12.444 15.935  -1.793  1.00 28.21 ? 55   THR X CG2 1 
ATOM   420  N  N   . GLY A 1 56  ? -9.090  16.563  -1.922  1.00 24.61 ? 56   GLY X N   1 
ATOM   421  C  CA  . GLY A 1 56  ? -8.552  17.880  -1.701  1.00 21.49 ? 56   GLY X CA  1 
ATOM   422  C  C   . GLY A 1 56  ? -7.109  17.847  -2.095  1.00 18.35 ? 56   GLY X C   1 
ATOM   423  O  O   . GLY A 1 56  ? -6.533  18.875  -2.364  1.00 16.95 ? 56   GLY X O   1 
ATOM   424  N  N   . CYS A 1 57  ? -6.551  16.647  -2.159  1.00 16.67 ? 57   CYS X N   1 
ATOM   425  C  CA  . CYS A 1 57  ? -5.151  16.474  -2.572  1.00 13.29 ? 57   CYS X CA  1 
ATOM   426  C  C   . CYS A 1 57  ? -5.010  15.157  -3.383  1.00 13.46 ? 57   CYS X C   1 
ATOM   427  O  O   . CYS A 1 57  ? -5.956  14.343  -3.501  1.00 12.40 ? 57   CYS X O   1 
ATOM   428  C  CB  . CYS A 1 57  ? -4.204  16.503  -1.337  1.00 13.47 ? 57   CYS X CB  1 
ATOM   429  S  SG  . CYS A 1 57  ? -4.582  15.299  -0.063  1.00 13.26 ? 57   CYS X SG  1 
ATOM   430  N  N   . ASN A 1 58  ? -3.825  14.938  -3.933  1.00 11.93 ? 58   ASN X N   1 
ATOM   431  C  CA  . ASN A 1 58  ? -3.591  13.773  -4.803  1.00 12.32 ? 58   ASN X CA  1 
ATOM   432  C  C   . ASN A 1 58  ? -2.727  12.724  -4.103  1.00 11.51 ? 58   ASN X C   1 
ATOM   433  O  O   . ASN A 1 58  ? -1.534  12.941  -3.886  1.00 11.03 ? 58   ASN X O   1 
ATOM   434  C  CB  . ASN A 1 58  ? -2.947  14.267  -6.089  1.00 13.77 ? 58   ASN X CB  1 
ATOM   435  C  CG  . ASN A 1 58  ? -2.748  13.182  -7.122  1.00 15.69 ? 58   ASN X CG  1 
ATOM   436  O  OD1 . ASN A 1 58  ? -2.596  11.990  -6.831  1.00 15.66 ? 58   ASN X OD1 1 
ATOM   437  N  ND2 . ASN A 1 58  ? -2.752  13.596  -8.344  1.00 12.86 ? 58   ASN X ND2 1 
ATOM   438  N  N   . PRO A 1 59  ? -3.302  11.588  -3.717  1.00 11.30 ? 59   PRO X N   1 
ATOM   439  C  CA  . PRO A 1 59  ? -2.499  10.598  -2.986  1.00 11.88 ? 59   PRO X CA  1 
ATOM   440  C  C   . PRO A 1 59  ? -1.352  9.945   -3.735  1.00 9.99  ? 59   PRO X C   1 
ATOM   441  O  O   . PRO A 1 59  ? -0.397  9.440   -3.118  1.00 11.93 ? 59   PRO X O   1 
ATOM   442  C  CB  . PRO A 1 59  ? -3.523  9.546   -2.560  1.00 12.26 ? 59   PRO X CB  1 
ATOM   443  C  CG  . PRO A 1 59  ? -4.672  9.699   -3.465  1.00 12.75 ? 59   PRO X CG  1 
ATOM   444  C  CD  . PRO A 1 59  ? -4.701  11.154  -3.901  1.00 13.47 ? 59   PRO X CD  1 
ATOM   445  N  N   . LYS A 1 60  ? -1.447  9.875   -5.045  1.00 12.40 ? 60   LYS X N   1 
ATOM   446  C  CA  . LYS A 1 60  ? -0.367  9.336   -5.852  1.00 12.79 ? 60   LYS X CA  1 
ATOM   447  C  C   . LYS A 1 60  ? 0.856   10.276  -5.927  1.00 13.56 ? 60   LYS X C   1 
ATOM   448  O  O   . LYS A 1 60  ? 2.015   9.847   -5.793  1.00 12.85 ? 60   LYS X O   1 
ATOM   449  C  CB  . LYS A 1 60  ? -0.867  9.033   -7.270  1.00 17.43 ? 60   LYS X CB  1 
ATOM   450  C  CG  . LYS A 1 60  ? -1.916  8.047   -7.375  1.00 19.02 ? 60   LYS X CG  1 
ATOM   451  C  CD  . LYS A 1 60  ? -2.363  7.814   -8.855  1.00 20.84 ? 60   LYS X CD  1 
ATOM   452  C  CE  . LYS A 1 60  ? -1.294  7.127   -9.718  1.00 22.05 ? 60   LYS X CE  1 
ATOM   453  N  NZ  . LYS A 1 60  ? -1.801  6.965   -11.118 1.00 20.22 ? 60   LYS X NZ  1 
ATOM   454  N  N   . ILE A 1 61  ? 0.567   11.561  -6.150  1.00 14.01 ? 61   ILE X N   1 
ATOM   455  C  CA  . ILE A 1 61  ? 1.577   12.565  -6.507  1.00 14.99 ? 61   ILE X CA  1 
ATOM   456  C  C   . ILE A 1 61  ? 2.038   13.423  -5.337  1.00 14.70 ? 61   ILE X C   1 
ATOM   457  O  O   . ILE A 1 61  ? 3.228   13.699  -5.186  1.00 16.04 ? 61   ILE X O   1 
ATOM   458  C  CB  . ILE A 1 61  ? 0.966   13.481  -7.617  1.00 19.30 ? 61   ILE X CB  1 
ATOM   459  C  CG1 . ILE A 1 61  ? 0.678   12.670  -8.889  1.00 21.16 ? 61   ILE X CG1 1 
ATOM   460  C  CG2 . ILE A 1 61  ? 1.931   14.671  -7.897  1.00 20.99 ? 61   ILE X CG2 1 
ATOM   461  C  CD1 . ILE A 1 61  ? 1.846   11.853  -9.407  1.00 22.14 ? 61   ILE X CD1 1 
ATOM   462  N  N   . ASP A 1 62  ? 1.145   13.869  -4.472  1.00 13.09 ? 62   ASP X N   1 
ATOM   463  C  CA  . ASP A 1 62  ? 1.558   14.903  -3.473  1.00 14.17 ? 62   ASP X CA  1 
ATOM   464  C  C   . ASP A 1 62  ? 2.431   14.366  -2.328  1.00 14.88 ? 62   ASP X C   1 
ATOM   465  O  O   . ASP A 1 62  ? 2.259   13.202  -1.855  1.00 13.12 ? 62   ASP X O   1 
ATOM   466  C  CB  . ASP A 1 62  ? 0.322   15.615  -2.873  1.00 15.53 ? 62   ASP X CB  1 
ATOM   467  C  CG  . ASP A 1 62  ? -0.510  16.322  -3.880  1.00 15.78 ? 62   ASP X CG  1 
ATOM   468  O  OD1 . ASP A 1 62  ? -0.024  16.569  -5.028  1.00 16.26 ? 62   ASP X OD1 1 
ATOM   469  O  OD2 . ASP A 1 62  ? -1.714  16.618  -3.631  1.00 13.99 ? 62   ASP X OD2 1 
ATOM   470  N  N   . SER A 1 63  ? 3.372   15.208  -1.871  1.00 15.28 ? 63   SER X N   1 
ATOM   471  C  CA  . SER A 1 63  ? 4.342   14.820  -0.835  1.00 16.29 ? 63   SER X CA  1 
ATOM   472  C  C   . SER A 1 63  ? 3.859   15.149  0.551   1.00 17.30 ? 63   SER X C   1 
ATOM   473  O  O   . SER A 1 63  ? 3.463   16.266  0.851   1.00 18.79 ? 63   SER X O   1 
ATOM   474  C  CB  . SER A 1 63  ? 5.706   15.513  -1.032  1.00 17.82 ? 63   SER X CB  1 
ATOM   475  O  OG  . SER A 1 63  ? 6.268   15.173  -2.270  1.00 19.28 ? 63   SER X OG  1 
ATOM   476  N  N   . TYR A 1 64  ? 3.931   14.188  1.416   1.00 15.11 ? 64   TYR X N   1 
ATOM   477  C  CA  . TYR A 1 64  ? 3.546   14.393  2.772   1.00 16.39 ? 64   TYR X CA  1 
ATOM   478  C  C   . TYR A 1 64  ? 4.786   14.484  3.674   1.00 17.29 ? 64   TYR X C   1 
ATOM   479  O  O   . TYR A 1 64  ? 5.929   14.546  3.169   1.00 18.68 ? 64   TYR X O   1 
ATOM   480  C  CB  . TYR A 1 64  ? 2.569   13.334  3.207   1.00 14.86 ? 64   TYR X CB  1 
ATOM   481  C  CG  . TYR A 1 64  ? 2.967   11.872  2.943   1.00 14.98 ? 64   TYR X CG  1 
ATOM   482  C  CD1 . TYR A 1 64  ? 4.037   11.258  3.641   1.00 14.86 ? 64   TYR X CD1 1 
ATOM   483  C  CD2 . TYR A 1 64  ? 2.268   11.095  2.014   1.00 14.55 ? 64   TYR X CD2 1 
ATOM   484  C  CE1 . TYR A 1 64  ? 4.388   9.878   3.391   1.00 15.25 ? 64   TYR X CE1 1 
ATOM   485  C  CE2 . TYR A 1 64  ? 2.613   9.718   1.770   1.00 15.08 ? 64   TYR X CE2 1 
ATOM   486  C  CZ  . TYR A 1 64  ? 3.671   9.151   2.444   1.00 13.50 ? 64   TYR X CZ  1 
ATOM   487  O  OH  . TYR A 1 64  ? 3.977   7.847   2.157   1.00 12.92 ? 64   TYR X OH  1 
ATOM   488  N  N   . THR A 1 65  ? 4.512   14.530  4.969   1.00 17.57 ? 65   THR X N   1 
ATOM   489  C  CA  . THR A 1 65  ? 5.523   14.651  6.011   1.00 18.98 ? 65   THR X CA  1 
ATOM   490  C  C   . THR A 1 65  ? 5.551   13.462  6.866   1.00 17.73 ? 65   THR X C   1 
ATOM   491  O  O   . THR A 1 65  ? 4.545   13.111  7.453   1.00 19.33 ? 65   THR X O   1 
ATOM   492  C  CB  . THR A 1 65  ? 5.222   15.869  6.867   1.00 20.86 ? 65   THR X CB  1 
ATOM   493  O  OG1 . THR A 1 65  ? 5.492   17.018  6.082   1.00 22.54 ? 65   THR X OG1 1 
ATOM   494  C  CG2 . THR A 1 65  ? 6.187   15.940  8.044   1.00 22.15 ? 65   THR X CG2 1 
ATOM   495  N  N   . TYR A 1 66  ? 6.712   12.817  6.944   1.00 22.16 ? 66   TYR X N   1 
ATOM   496  C  CA  . TYR A 1 66  ? 6.848   11.605  7.783   1.00 21.92 ? 66   TYR X CA  1 
ATOM   497  C  C   . TYR A 1 66  ? 8.253   11.485  8.359   1.00 25.33 ? 66   TYR X C   1 
ATOM   498  O  O   . TYR A 1 66  ? 9.231   12.058  7.838   1.00 23.98 ? 66   TYR X O   1 
ATOM   499  C  CB  . TYR A 1 66  ? 6.502   10.286  7.053   1.00 22.92 ? 66   TYR X CB  1 
ATOM   500  C  CG  . TYR A 1 66  ? 7.508   9.753   6.011   1.00 23.19 ? 66   TYR X CG  1 
ATOM   501  C  CD1 . TYR A 1 66  ? 8.177   8.544   6.202   1.00 23.99 ? 66   TYR X CD1 1 
ATOM   502  C  CD2 . TYR A 1 66  ? 7.728   10.426  4.838   1.00 22.99 ? 66   TYR X CD2 1 
ATOM   503  C  CE1 . TYR A 1 66  ? 9.055   8.033   5.232   1.00 24.60 ? 66   TYR X CE1 1 
ATOM   504  C  CE2 . TYR A 1 66  ? 8.605   9.960   3.863   1.00 22.97 ? 66   TYR X CE2 1 
ATOM   505  C  CZ  . TYR A 1 66  ? 9.288   8.753   4.063   1.00 23.21 ? 66   TYR X CZ  1 
ATOM   506  O  OH  . TYR A 1 66  ? 10.184  8.313   3.100   1.00 23.36 ? 66   TYR X OH  1 
ATOM   507  N  N   . SER A 1 67  ? 8.316   10.695  9.408   1.00 29.00 ? 67   SER X N   1 
ATOM   508  C  CA  . SER A 1 67  ? 9.593   10.363  10.025  1.00 33.15 ? 67   SER X CA  1 
ATOM   509  C  C   . SER A 1 67  ? 9.756   8.848   10.086  1.00 33.19 ? 67   SER X C   1 
ATOM   510  O  O   . SER A 1 67  ? 8.786   8.102   10.154  1.00 34.27 ? 67   SER X O   1 
ATOM   511  C  CB  . SER A 1 67  ? 9.647   10.958  11.423  1.00 33.40 ? 67   SER X CB  1 
ATOM   512  O  OG  . SER A 1 67  ? 8.661   10.341  12.218  1.00 34.35 ? 67   SER X OG  1 
ATOM   513  N  N   . LYS A 1 68  ? 11.011  8.405   10.036  1.00 34.19 ? 68   LYS X N   1 
ATOM   514  C  CA  . LYS A 1 68  ? 11.373  6.989   10.092  1.00 34.38 ? 68   LYS X CA  1 
ATOM   515  C  C   . LYS A 1 68  ? 12.425  6.894   11.219  1.00 33.50 ? 68   LYS X C   1 
ATOM   516  O  O   . LYS A 1 68  ? 13.520  7.403   11.051  1.00 33.17 ? 68   LYS X O   1 
ATOM   517  C  CB  . LYS A 1 68  ? 12.003  6.557   8.764   1.00 35.88 ? 68   LYS X CB  1 
ATOM   518  C  CG  . LYS A 1 68  ? 11.119  6.723   7.514   1.00 37.20 ? 68   LYS X CG  1 
ATOM   519  C  CD  . LYS A 1 68  ? 11.830  6.347   6.195   1.00 37.90 ? 68   LYS X CD  1 
ATOM   520  C  CE  . LYS A 1 68  ? 12.453  7.567   5.504   1.00 38.59 ? 68   LYS X CE  1 
ATOM   521  N  NZ  . LYS A 1 68  ? 13.018  7.240   4.153   1.00 39.15 ? 68   LYS X NZ  1 
ATOM   522  N  N   . LYS A 1 69  ? 12.102  6.346   12.385  1.00 32.34 ? 69   LYS X N   1 
ATOM   523  C  CA  . LYS A 1 69  ? 13.170  6.110   13.370  1.00 33.13 ? 69   LYS X CA  1 
ATOM   524  C  C   . LYS A 1 69  ? 12.991  4.752   14.039  1.00 32.10 ? 69   LYS X C   1 
ATOM   525  O  O   . LYS A 1 69  ? 11.859  4.267   14.214  1.00 32.20 ? 69   LYS X O   1 
ATOM   526  C  CB  . LYS A 1 69  ? 13.256  7.268   14.385  1.00 34.32 ? 69   LYS X CB  1 
ATOM   527  C  CG  . LYS A 1 69  ? 13.936  6.931   15.730  1.00 35.30 ? 69   LYS X CG  1 
ATOM   528  C  CD  . LYS A 1 69  ? 14.496  8.199   16.467  1.00 36.51 ? 69   LYS X CD  1 
ATOM   529  C  CE  . LYS A 1 69  ? 15.916  7.959   17.070  1.00 36.15 ? 69   LYS X CE  1 
ATOM   530  N  NZ  . LYS A 1 69  ? 17.018  8.912   16.593  1.00 35.45 ? 69   LYS X NZ  1 
ATOM   531  N  N   . ASN A 1 70  ? 14.115  4.086   14.317  1.00 31.78 ? 70   ASN X N   1 
ATOM   532  C  CA  . ASN A 1 70  ? 14.074  2.741   14.939  1.00 30.96 ? 70   ASN X CA  1 
ATOM   533  C  C   . ASN A 1 70  ? 12.972  1.814   14.361  1.00 30.46 ? 70   ASN X C   1 
ATOM   534  O  O   . ASN A 1 70  ? 12.245  1.176   15.086  1.00 30.26 ? 70   ASN X O   1 
ATOM   535  C  CB  . ASN A 1 70  ? 13.928  2.834   16.463  1.00 29.38 ? 70   ASN X CB  1 
ATOM   536  C  CG  . ASN A 1 70  ? 14.952  3.791   17.099  1.00 27.96 ? 70   ASN X CG  1 
ATOM   537  O  OD1 . ASN A 1 70  ? 16.098  3.962   16.595  1.00 25.65 ? 70   ASN X OD1 1 
ATOM   538  N  ND2 . ASN A 1 70  ? 14.540  4.427   18.217  1.00 26.11 ? 70   ASN X ND2 1 
ATOM   539  N  N   . GLY A 1 71  ? 12.856  1.766   13.047  1.00 31.44 ? 71   GLY X N   1 
ATOM   540  C  CA  . GLY A 1 71  ? 12.063  0.720   12.425  1.00 33.99 ? 71   GLY X CA  1 
ATOM   541  C  C   . GLY A 1 71  ? 10.609  1.036   12.117  1.00 35.09 ? 71   GLY X C   1 
ATOM   542  O  O   . GLY A 1 71  ? 9.942   0.287   11.378  1.00 34.43 ? 71   GLY X O   1 
ATOM   543  N  N   . ASP A 1 72  ? 10.056  2.101   12.679  1.00 35.58 ? 72   ASP X N   1 
ATOM   544  C  CA  . ASP A 1 72  ? 8.751   2.406   12.170  1.00 36.49 ? 72   ASP X CA  1 
ATOM   545  C  C   . ASP A 1 72  ? 8.472   3.873   11.824  1.00 34.93 ? 72   ASP X C   1 
ATOM   546  O  O   . ASP A 1 72  ? 9.346   4.760   11.950  1.00 32.29 ? 72   ASP X O   1 
ATOM   547  C  CB  . ASP A 1 72  ? 7.579   1.512   12.769  1.00 39.67 ? 72   ASP X CB  1 
ATOM   548  C  CG  . ASP A 1 72  ? 7.293   1.715   14.265  1.00 42.00 ? 72   ASP X CG  1 
ATOM   549  O  OD1 . ASP A 1 72  ? 8.024   1.145   15.120  1.00 43.30 ? 72   ASP X OD1 1 
ATOM   550  O  OD2 . ASP A 1 72  ? 6.281   2.345   14.691  1.00 44.91 ? 72   ASP X OD2 1 
ATOM   551  N  N   . VAL A 1 73  ? 7.308   4.049   11.227  1.00 31.94 ? 73   VAL X N   1 
ATOM   552  C  CA  . VAL A 1 73  ? 6.957   5.249   10.565  1.00 31.04 ? 73   VAL X CA  1 
ATOM   553  C  C   . VAL A 1 73  ? 5.894   5.912   11.385  1.00 28.35 ? 73   VAL X C   1 
ATOM   554  O  O   . VAL A 1 73  ? 5.005   5.241   11.970  1.00 27.36 ? 73   VAL X O   1 
ATOM   555  C  CB  . VAL A 1 73  ? 6.391   4.927   9.196   1.00 30.74 ? 73   VAL X CB  1 
ATOM   556  C  CG1 . VAL A 1 73  ? 5.854   6.168   8.548   1.00 30.48 ? 73   VAL X CG1 1 
ATOM   557  C  CG2 . VAL A 1 73  ? 7.470   4.246   8.344   1.00 31.57 ? 73   VAL X CG2 1 
ATOM   558  N  N   . VAL A 1 74  ? 6.021   7.220   11.475  1.00 27.44 ? 74   VAL X N   1 
ATOM   559  C  CA  . VAL A 1 74  ? 4.999   8.100   12.076  1.00 28.16 ? 74   VAL X CA  1 
ATOM   560  C  C   . VAL A 1 74  ? 4.710   9.307   11.116  1.00 25.71 ? 74   VAL X C   1 
ATOM   561  O  O   . VAL A 1 74  ? 5.599   9.978   10.607  1.00 24.56 ? 74   VAL X O   1 
ATOM   562  C  CB  . VAL A 1 74  ? 5.422   8.612   13.497  1.00 29.71 ? 74   VAL X CB  1 
ATOM   563  C  CG1 . VAL A 1 74  ? 4.350   9.503   14.078  1.00 30.84 ? 74   VAL X CG1 1 
ATOM   564  C  CG2 . VAL A 1 74  ? 5.683   7.459   14.413  1.00 29.94 ? 74   VAL X CG2 1 
ATOM   565  N  N   . CYS A 1 75  ? 3.428   9.515   10.828  1.00 25.20 ? 75   CYS X N   1 
ATOM   566  C  CA  . CYS A 1 75  ? 2.978   10.615  9.978   1.00 22.47 ? 75   CYS X CA  1 
ATOM   567  C  C   . CYS A 1 75  ? 2.784   11.862  10.759  1.00 23.38 ? 75   CYS X C   1 
ATOM   568  O  O   . CYS A 1 75  ? 2.202   11.798  11.861  1.00 25.90 ? 75   CYS X O   1 
ATOM   569  C  CB  . CYS A 1 75  ? 1.629   10.259  9.396   1.00 18.65 ? 75   CYS X CB  1 
ATOM   570  S  SG  . CYS A 1 75  ? 1.728   8.884   8.194   1.00 16.96 ? 75   CYS X SG  1 
ATOM   571  N  N   . GLY A 1 76  ? 3.271   12.968  10.197  1.00 24.96 ? 76   GLY X N   1 
ATOM   572  C  CA  . GLY A 1 76  ? 3.257   14.275  10.822  1.00 26.74 ? 76   GLY X CA  1 
ATOM   573  C  C   . GLY A 1 76  ? 2.725   15.381  9.917   1.00 27.62 ? 76   GLY X C   1 
ATOM   574  O  O   . GLY A 1 76  ? 1.889   15.166  9.043   1.00 28.95 ? 76   GLY X O   1 
ATOM   575  N  N   . GLY A 1 77  ? 3.203   16.591  10.120  1.00 28.76 ? 77   GLY X N   1 
ATOM   576  C  CA  . GLY A 1 77  ? 2.718   17.720  9.344   1.00 29.51 ? 77   GLY X CA  1 
ATOM   577  C  C   . GLY A 1 77  ? 1.341   18.179  9.780   1.00 29.34 ? 77   GLY X C   1 
ATOM   578  O  O   . GLY A 1 77  ? 0.552   17.403  10.424  1.00 30.66 ? 77   GLY X O   1 
ATOM   579  N  N   . ASP A 1 78  ? 1.060   19.432  9.438   1.00 28.56 ? 78   ASP X N   1 
ATOM   580  C  CA  . ASP A 1 78  ? -0.191  20.134  9.796   1.00 27.79 ? 78   ASP X CA  1 
ATOM   581  C  C   . ASP A 1 78  ? -1.118  20.348  8.595   1.00 25.68 ? 78   ASP X C   1 
ATOM   582  O  O   . ASP A 1 78  ? -2.046  21.194  8.662   1.00 25.07 ? 78   ASP X O   1 
ATOM   583  C  CB  . ASP A 1 78  ? 0.052   21.550  10.362  1.00 30.98 ? 78   ASP X CB  1 
ATOM   584  C  CG  . ASP A 1 78  ? 1.256   21.671  11.258  1.00 33.94 ? 78   ASP X CG  1 
ATOM   585  O  OD1 . ASP A 1 78  ? 2.024   22.700  11.056  1.00 34.81 ? 78   ASP X OD1 1 
ATOM   586  O  OD2 . ASP A 1 78  ? 1.464   20.846  12.203  1.00 34.41 ? 78   ASP X OD2 1 
ATOM   587  N  N   . ASN A 1 79  ? -0.866  19.664  7.472   1.00 21.26 ? 79   ASN X N   1 
ATOM   588  C  CA  . ASN A 1 79  ? -1.820  19.663  6.359   1.00 17.60 ? 79   ASN X CA  1 
ATOM   589  C  C   . ASN A 1 79  ? -2.546  18.346  6.459   1.00 17.43 ? 79   ASN X C   1 
ATOM   590  O  O   . ASN A 1 79  ? -1.970  17.261  6.164   1.00 14.63 ? 79   ASN X O   1 
ATOM   591  C  CB  . ASN A 1 79  ? -1.119  19.858  5.033   1.00 16.83 ? 79   ASN X CB  1 
ATOM   592  C  CG  . ASN A 1 79  ? -2.007  19.635  3.848   1.00 16.80 ? 79   ASN X CG  1 
ATOM   593  O  OD1 . ASN A 1 79  ? -3.140  19.164  3.966   1.00 18.16 ? 79   ASN X OD1 1 
ATOM   594  N  ND2 . ASN A 1 79  ? -1.504  19.923  2.720   1.00 13.25 ? 79   ASN X ND2 1 
ATOM   595  N  N   . PRO A 1 80  ? -3.794  18.403  6.892   1.00 16.25 ? 80   PRO X N   1 
ATOM   596  C  CA  . PRO A 1 80  ? -4.513  17.162  7.177   1.00 15.42 ? 80   PRO X CA  1 
ATOM   597  C  C   . PRO A 1 80  ? -4.736  16.278  5.957   1.00 13.38 ? 80   PRO X C   1 
ATOM   598  O  O   . PRO A 1 80  ? -4.901  15.065  6.126   1.00 15.20 ? 80   PRO X O   1 
ATOM   599  C  CB  . PRO A 1 80  ? -5.827  17.633  7.780   1.00 17.42 ? 80   PRO X CB  1 
ATOM   600  C  CG  . PRO A 1 80  ? -5.902  18.993  7.507   1.00 17.22 ? 80   PRO X CG  1 
ATOM   601  C  CD  . PRO A 1 80  ? -4.607  19.587  7.173   1.00 18.20 ? 80   PRO X CD  1 
ATOM   602  N  N   . CYS A 1 81  ? -4.831  16.863  4.784   1.00 13.86 ? 81   CYS X N   1 
ATOM   603  C  CA  . CYS A 1 81  ? -5.046  16.051  3.590   1.00 14.03 ? 81   CYS X CA  1 
ATOM   604  C  C   . CYS A 1 81  ? -3.818  15.230  3.276   1.00 13.45 ? 81   CYS X C   1 
ATOM   605  O  O   . CYS A 1 81  ? -3.907  14.020  2.961   1.00 10.15 ? 81   CYS X O   1 
ATOM   606  C  CB  . CYS A 1 81  ? -5.480  16.932  2.418   1.00 14.01 ? 81   CYS X CB  1 
ATOM   607  S  SG  . CYS A 1 81  ? -6.137  16.017  1.001   1.00 15.12 ? 81   CYS X SG  1 
ATOM   608  N  N   . LYS A 1 82  ? -2.648  15.857  3.393   1.00 13.73 ? 82   LYS X N   1 
ATOM   609  C  CA  . LYS A 1 82  ? -1.429  15.139  3.126   1.00 14.34 ? 82   LYS X CA  1 
ATOM   610  C  C   . LYS A 1 82  ? -1.196  14.090  4.210   1.00 13.33 ? 82   LYS X C   1 
ATOM   611  O  O   . LYS A 1 82  ? -0.666  13.056  3.923   1.00 15.00 ? 82   LYS X O   1 
ATOM   612  C  CB  . LYS A 1 82  ? -0.231  16.073  3.078   1.00 15.40 ? 82   LYS X CB  1 
ATOM   613  C  CG  . LYS A 1 82  ? -0.058  16.808  1.742   1.00 16.24 ? 82   LYS X CG  1 
ATOM   614  C  CD  . LYS A 1 82  ? 0.929   17.927  1.830   1.00 17.62 ? 82   LYS X CD  1 
ATOM   615  C  CE  . LYS A 1 82  ? 1.397   18.380  0.465   1.00 19.71 ? 82   LYS X CE  1 
ATOM   616  N  NZ  . LYS A 1 82  ? 2.141   19.622  0.750   1.00 22.55 ? 82   LYS X NZ  1 
ATOM   617  N  N   . LYS A 1 83  ? -1.546  14.397  5.462   1.00 12.94 ? 83   LYS X N   1 
ATOM   618  C  CA  . LYS A 1 83  ? -1.378  13.429  6.525   1.00 15.29 ? 83   LYS X CA  1 
ATOM   619  C  C   . LYS A 1 83  ? -2.309  12.248  6.300   1.00 14.30 ? 83   LYS X C   1 
ATOM   620  O  O   . LYS A 1 83  ? -1.906  11.135  6.618   1.00 16.28 ? 83   LYS X O   1 
ATOM   621  C  CB  . LYS A 1 83  ? -1.579  14.090  7.885   1.00 17.36 ? 83   LYS X CB  1 
ATOM   622  C  CG  . LYS A 1 83  ? -1.359  13.142  9.024   1.00 20.06 ? 83   LYS X CG  1 
ATOM   623  C  CD  . LYS A 1 83  ? -1.461  13.821  10.384  1.00 22.15 ? 83   LYS X CD  1 
ATOM   624  C  CE  . LYS A 1 83  ? -0.855  12.951  11.424  1.00 23.55 ? 83   LYS X CE  1 
ATOM   625  N  NZ  . LYS A 1 83  ? -1.519  13.120  12.726  1.00 27.79 ? 83   LYS X NZ  1 
ATOM   626  N  N   . GLN A 1 84  ? -3.537  12.478  5.823   1.00 12.62 ? 84   GLN X N   1 
ATOM   627  C  CA  . GLN A 1 84  ? -4.454  11.389  5.394   1.00 15.47 ? 84   GLN X CA  1 
ATOM   628  C  C   . GLN A 1 84  ? -3.820  10.454  4.355   1.00 13.02 ? 84   GLN X C   1 
ATOM   629  O  O   . GLN A 1 84  ? -3.964  9.245   4.442   1.00 12.92 ? 84   GLN X O   1 
ATOM   630  C  CB  . GLN A 1 84  ? -5.764  11.988  4.859   1.00 17.42 ? 84   GLN X CB  1 
ATOM   631  C  CG  . GLN A 1 84  ? -6.891  10.989  4.643   1.00 19.53 ? 84   GLN X CG  1 
ATOM   632  C  CD  . GLN A 1 84  ? -8.071  11.613  3.917   1.00 19.11 ? 84   GLN X CD  1 
ATOM   633  O  OE1 . GLN A 1 84  ? -8.150  12.846  3.732   1.00 21.83 ? 84   GLN X OE1 1 
ATOM   634  N  NE2 . GLN A 1 84  ? -8.981  10.779  3.508   1.00 20.98 ? 84   GLN X NE2 1 
ATOM   635  N  N   . ILE A 1 85  ? -3.088  10.993  3.385   1.00 12.74 ? 85   ILE X N   1 
ATOM   636  C  CA  . ILE A 1 85  ? -2.373  10.193  2.421   1.00 10.62 ? 85   ILE X CA  1 
ATOM   637  C  C   . ILE A 1 85  ? -1.319  9.373   3.169   1.00 12.62 ? 85   ILE X C   1 
ATOM   638  O  O   . ILE A 1 85  ? -1.186  8.181   2.957   1.00 12.31 ? 85   ILE X O   1 
ATOM   639  C  CB  . ILE A 1 85  ? -1.659  11.108  1.362   1.00 11.22 ? 85   ILE X CB  1 
ATOM   640  C  CG1 . ILE A 1 85  ? -2.675  11.936  0.546   1.00 11.50 ? 85   ILE X CG1 1 
ATOM   641  C  CG2 . ILE A 1 85  ? -0.878  10.253  0.411   1.00 12.86 ? 85   ILE X CG2 1 
ATOM   642  C  CD1 . ILE A 1 85  ? -1.938  13.023  -0.147  1.00 9.83  ? 85   ILE X CD1 1 
ATOM   643  N  N   . CYS A 1 86  ? -0.569  10.029  4.033   1.00 13.80 ? 86   CYS X N   1 
ATOM   644  C  CA  . CYS A 1 86  ? 0.540   9.384   4.712   1.00 13.48 ? 86   CYS X CA  1 
ATOM   645  C  C   . CYS A 1 86  ? -0.010  8.217   5.509   1.00 12.24 ? 86   CYS X C   1 
ATOM   646  O  O   . CYS A 1 86  ? 0.597   7.133   5.541   1.00 11.63 ? 86   CYS X O   1 
ATOM   647  C  CB  . CYS A 1 86  ? 1.230   10.385  5.635   1.00 13.60 ? 86   CYS X CB  1 
ATOM   648  S  SG  . CYS A 1 86  ? 2.614   9.696   6.597   1.00 14.83 ? 86   CYS X SG  1 
ATOM   649  N  N   . GLU A 1 87  ? -1.178  8.423   6.134   1.00 13.25 ? 87   GLU X N   1 
ATOM   650  C  CA  . GLU A 1 87  ? -1.775  7.399   6.985   1.00 12.94 ? 87   GLU X CA  1 
ATOM   651  C  C   . GLU A 1 87  ? -2.184  6.177   6.158   1.00 10.11 ? 87   GLU X C   1 
ATOM   652  O  O   . GLU A 1 87  ? -1.950  5.039   6.587   1.00 11.21 ? 87   GLU X O   1 
ATOM   653  C  CB  . GLU A 1 87  ? -2.948  7.991   7.781   1.00 15.83 ? 87   GLU X CB  1 
ATOM   654  C  CG  . GLU A 1 87  ? -2.464  8.775   8.969   1.00 18.81 ? 87   GLU X CG  1 
ATOM   655  C  CD  . GLU A 1 87  ? -1.837  7.843   10.017  1.00 21.83 ? 87   GLU X CD  1 
ATOM   656  O  OE1 . GLU A 1 87  ? -0.691  8.075   10.416  1.00 22.69 ? 87   GLU X OE1 1 
ATOM   657  O  OE2 . GLU A 1 87  ? -2.526  6.867   10.389  1.00 23.74 ? 87   GLU X OE2 1 
ATOM   658  N  N   . CYS A 1 88  ? -2.655  6.390   4.935   1.00 10.24 ? 88   CYS X N   1 
ATOM   659  C  CA  . CYS A 1 88  ? -2.986  5.288   4.054   1.00 10.89 ? 88   CYS X CA  1 
ATOM   660  C  C   . CYS A 1 88  ? -1.763  4.392   3.847   1.00 10.92 ? 88   CYS X C   1 
ATOM   661  O  O   . CYS A 1 88  ? -1.827  3.144   3.941   1.00 11.37 ? 88   CYS X O   1 
ATOM   662  C  CB  . CYS A 1 88  ? -3.522  5.830   2.701   1.00 10.02 ? 88   CYS X CB  1 
ATOM   663  S  SG  . CYS A 1 88  ? -5.094  6.590   2.663   1.00 11.90 ? 88   CYS X SG  1 
ATOM   664  N  N   . ASP A 1 89  ? -0.638  5.037   3.580   1.00 10.39 ? 89   ASP X N   1 
ATOM   665  C  CA  . ASP A 1 89  ? 0.612   4.365   3.295   1.00 11.03 ? 89   ASP X CA  1 
ATOM   666  C  C   . ASP A 1 89  ? 1.150   3.664   4.545   1.00 10.44 ? 89   ASP X C   1 
ATOM   667  O  O   . ASP A 1 89  ? 1.612   2.515   4.478   1.00 11.00 ? 89   ASP X O   1 
ATOM   668  C  CB  . ASP A 1 89  ? 1.652   5.359   2.756   1.00 10.13 ? 89   ASP X CB  1 
ATOM   669  C  CG  . ASP A 1 89  ? 1.396   5.818   1.340   1.00 11.03 ? 89   ASP X CG  1 
ATOM   670  O  OD1 . ASP A 1 89  ? 0.424   5.343   0.670   1.00 10.33 ? 89   ASP X OD1 1 
ATOM   671  O  OD2 . ASP A 1 89  ? 2.163   6.696   0.809   1.00 10.75 ? 89   ASP X OD2 1 
ATOM   672  N  N   . ARG A 1 90  ? 1.200   4.388   5.647   1.00 12.09 ? 90   ARG X N   1 
ATOM   673  C  CA  . ARG A 1 90  ? 1.671   3.866   6.930   1.00 12.67 ? 90   ARG X CA  1 
ATOM   674  C  C   . ARG A 1 90  ? 0.872   2.614   7.330   1.00 11.83 ? 90   ARG X C   1 
ATOM   675  O  O   . ARG A 1 90  ? 1.464   1.582   7.641   1.00 13.32 ? 90   ARG X O   1 
ATOM   676  C  CB  . ARG A 1 90  ? 1.531   4.923   8.013   1.00 15.41 ? 90   ARG X CB  1 
ATOM   677  C  CG  . ARG A 1 90  ? 2.215   4.675   9.333   1.00 18.73 ? 90   ARG X CG  1 
ATOM   678  C  CD  . ARG A 1 90  ? 1.572   5.510   10.480  1.00 20.19 ? 90   ARG X CD  1 
ATOM   679  N  NE  . ARG A 1 90  ? 1.183   4.383   11.226  1.00 26.27 ? 90   ARG X NE  1 
ATOM   680  C  CZ  . ARG A 1 90  ? 0.047   3.912   11.454  1.00 22.48 ? 90   ARG X CZ  1 
ATOM   681  N  NH1 . ARG A 1 90  ? -1.115  4.552   11.294  1.00 23.14 ? 90   ARG X NH1 1 
ATOM   682  N  NH2 . ARG A 1 90  ? 0.134   2.751   12.023  1.00 24.77 ? 90   ARG X NH2 1 
ATOM   683  N  N   . VAL A 1 91  ? -0.443  2.722   7.314   1.00 10.47 ? 91   VAL X N   1 
ATOM   684  C  CA  . VAL A 1 91  ? -1.309  1.584   7.657   1.00 12.84 ? 91   VAL X CA  1 
ATOM   685  C  C   . VAL A 1 91  ? -0.991  0.391   6.778   1.00 13.97 ? 91   VAL X C   1 
ATOM   686  O  O   . VAL A 1 91  ? -0.795  -0.743  7.265   1.00 12.96 ? 91   VAL X O   1 
ATOM   687  C  CB  . VAL A 1 91  ? -2.846  1.962   7.615   1.00 12.43 ? 91   VAL X CB  1 
ATOM   688  C  CG1 . VAL A 1 91  ? -3.754  0.682   7.688   1.00 11.55 ? 91   VAL X CG1 1 
ATOM   689  C  CG2 . VAL A 1 91  ? -3.140  2.964   8.791   1.00 12.07 ? 91   VAL X CG2 1 
ATOM   690  N  N   . ALA A 1 92  ? -0.910  0.637   5.469   1.00 12.39 ? 92   ALA X N   1 
ATOM   691  C  CA  . ALA A 1 92  ? -0.581  -0.417  4.552   1.00 13.39 ? 92   ALA X CA  1 
ATOM   692  C  C   . ALA A 1 92  ? 0.766   -1.078  4.838   1.00 12.77 ? 92   ALA X C   1 
ATOM   693  O  O   . ALA A 1 92  ? 0.838   -2.310  4.835   1.00 13.54 ? 92   ALA X O   1 
ATOM   694  C  CB  . ALA A 1 92  ? -0.678  0.048   3.078   1.00 12.40 ? 92   ALA X CB  1 
ATOM   695  N  N   . THR A 1 93  ? 1.828   -0.337  5.055   1.00 12.92 ? 93   THR X N   1 
ATOM   696  C  CA  . THR A 1 93  ? 3.075   -0.987  5.448   1.00 13.25 ? 93   THR X CA  1 
ATOM   697  C  C   . THR A 1 93  ? 2.981   -1.862  6.733   1.00 13.36 ? 93   THR X C   1 
ATOM   698  O  O   . THR A 1 93  ? 3.582   -2.967  6.792   1.00 14.22 ? 93   THR X O   1 
ATOM   699  C  CB  . THR A 1 93  ? 4.245   -0.011  5.564   1.00 16.47 ? 93   THR X CB  1 
ATOM   700  O  OG1 . THR A 1 93  ? 4.174   0.668   6.838   1.00 22.19 ? 93   THR X OG1 1 
ATOM   701  C  CG2 . THR A 1 93  ? 4.203   1.028   4.482   1.00 14.87 ? 93   THR X CG2 1 
ATOM   702  N  N   . THR A 1 94  ? 2.243   -1.423  7.747   1.00 13.19 ? 94   THR X N   1 
ATOM   703  C  CA  . THR A 1 94  ? 2.168   -2.158  9.024   1.00 13.24 ? 94   THR X CA  1 
ATOM   704  C  C   . THR A 1 94  ? 1.381   -3.439  8.755   1.00 11.80 ? 94   THR X C   1 
ATOM   705  O  O   . THR A 1 94  ? 1.663   -4.478  9.387   1.00 12.30 ? 94   THR X O   1 
ATOM   706  C  CB  . THR A 1 94  ? 1.525   -1.342  10.192  1.00 12.72 ? 94   THR X CB  1 
ATOM   707  O  OG1 . THR A 1 94  ? 0.184   -0.966  9.844   1.00 12.09 ? 94   THR X OG1 1 
ATOM   708  C  CG2 . THR A 1 94  ? 2.216   -0.004  10.359  1.00 15.18 ? 94   THR X CG2 1 
ATOM   709  N  N   . CYS A 1 95  ? 0.419   -3.341  7.836   1.00 14.10 ? 95   CYS X N   1 
ATOM   710  C  CA  . CYS A 1 95  ? -0.407  -4.472  7.436   1.00 13.60 ? 95   CYS X CA  1 
ATOM   711  C  C   . CYS A 1 95  ? 0.445   -5.540  6.699   1.00 12.81 ? 95   CYS X C   1 
ATOM   712  O  O   . CYS A 1 95  ? 0.302   -6.753  6.934   1.00 12.47 ? 95   CYS X O   1 
ATOM   713  C  CB  . CYS A 1 95  ? -1.651  -3.978  6.660   1.00 13.68 ? 95   CYS X CB  1 
ATOM   714  S  SG  . CYS A 1 95  ? -2.808  -5.305  6.163   1.00 14.37 ? 95   CYS X SG  1 
ATOM   715  N  N   . PHE A 1 96  ? 1.356   -5.096  5.835   1.00 10.51 ? 96   PHE X N   1 
ATOM   716  C  CA  . PHE A 1 96  ? 2.306   -5.990  5.173   1.00 12.23 ? 96   PHE X CA  1 
ATOM   717  C  C   . PHE A 1 96  ? 3.169   -6.713  6.219   1.00 11.88 ? 96   PHE X C   1 
ATOM   718  O  O   . PHE A 1 96  ? 3.319   -7.936  6.178   1.00 14.14 ? 96   PHE X O   1 
ATOM   719  C  CB  . PHE A 1 96  ? 3.275   -5.261  4.261   1.00 12.13 ? 96   PHE X CB  1 
ATOM   720  C  CG  . PHE A 1 96  ? 2.661   -4.555  3.073   1.00 11.75 ? 96   PHE X CG  1 
ATOM   721  C  CD1 . PHE A 1 96  ? 1.432   -4.940  2.497   1.00 12.85 ? 96   PHE X CD1 1 
ATOM   722  C  CD2 . PHE A 1 96  ? 3.307   -3.506  2.511   1.00 10.85 ? 96   PHE X CD2 1 
ATOM   723  C  CE1 . PHE A 1 96  ? 0.944   -4.224  1.364   1.00 12.82 ? 96   PHE X CE1 1 
ATOM   724  C  CE2 . PHE A 1 96  ? 2.821   -2.842  1.377   1.00 11.81 ? 96   PHE X CE2 1 
ATOM   725  C  CZ  . PHE A 1 96  ? 1.637   -3.208  0.822   1.00 13.56 ? 96   PHE X CZ  1 
ATOM   726  N  N   . ARG A 1 97  ? 3.735   -5.964  7.144   1.00 12.38 ? 97   ARG X N   1 
ATOM   727  C  CA  . ARG A 1 97  ? 4.524   -6.582  8.244   1.00 13.06 ? 97   ARG X CA  1 
ATOM   728  C  C   . ARG A 1 97  ? 3.680   -7.608  9.024   1.00 12.64 ? 97   ARG X C   1 
ATOM   729  O  O   . ARG A 1 97  ? 4.128   -8.727  9.395   1.00 15.52 ? 97   ARG X O   1 
ATOM   730  C  CB  . ARG A 1 97  ? 5.078   -5.493  9.163   1.00 14.17 ? 97   ARG X CB  1 
ATOM   731  C  CG  . ARG A 1 97  ? 5.869   -6.018  10.354  1.00 17.65 ? 97   ARG X CG  1 
ATOM   732  C  CD  . ARG A 1 97  ? 6.984   -7.027  10.020  1.00 20.06 ? 97   ARG X CD  1 
ATOM   733  N  NE  . ARG A 1 97  ? 8.170   -6.415  9.405   1.00 23.16 ? 97   ARG X NE  1 
ATOM   734  C  CZ  . ARG A 1 97  ? 9.138   -7.041  8.731   1.00 25.19 ? 97   ARG X CZ  1 
ATOM   735  N  NH1 . ARG A 1 97  ? 9.129   -8.354  8.558   1.00 26.10 ? 97   ARG X NH1 1 
ATOM   736  N  NH2 . ARG A 1 97  ? 10.150  -6.334  8.231   1.00 25.59 ? 97   ARG X NH2 1 
ATOM   737  N  N   . ASP A 1 98  ? 2.447   -7.274  9.301   1.00 12.68 ? 98   ASP X N   1 
ATOM   738  C  CA  . ASP A 1 98  ? 1.607   -8.129  10.181  1.00 15.22 ? 98   ASP X CA  1 
ATOM   739  C  C   . ASP A 1 98  ? 1.288   -9.469  9.526   1.00 16.67 ? 98   ASP X C   1 
ATOM   740  O  O   . ASP A 1 98  ? 1.049   -10.501 10.220  1.00 18.18 ? 98   ASP X O   1 
ATOM   741  C  CB  . ASP A 1 98  ? 0.292   -7.389  10.505  1.00 18.47 ? 98   ASP X CB  1 
ATOM   742  C  CG  . ASP A 1 98  ? -0.486  -8.048  11.604  1.00 19.42 ? 98   ASP X CG  1 
ATOM   743  O  OD1 . ASP A 1 98  ? 0.073   -8.318  12.645  1.00 22.41 ? 98   ASP X OD1 1 
ATOM   744  O  OD2 . ASP A 1 98  ? -1.664  -8.376  11.510  1.00 20.87 ? 98   ASP X OD2 1 
ATOM   745  N  N   . ASN A 1 99  ? 1.312   -9.467  8.196   1.00 15.58 ? 99   ASN X N   1 
ATOM   746  C  CA  . ASN A 1 99  ? 0.905   -10.631 7.387   1.00 15.39 ? 99   ASN X CA  1 
ATOM   747  C  C   . ASN A 1 99  ? 2.032   -11.303 6.636   1.00 16.07 ? 99   ASN X C   1 
ATOM   748  O  O   . ASN A 1 99  ? 1.787   -12.109 5.770   1.00 17.94 ? 99   ASN X O   1 
ATOM   749  C  CB  . ASN A 1 99  ? -0.211  -10.211 6.433   1.00 15.67 ? 99   ASN X CB  1 
ATOM   750  C  CG  . ASN A 1 99  ? -1.510  -9.906  7.165   1.00 17.59 ? 99   ASN X CG  1 
ATOM   751  O  OD1 . ASN A 1 99  ? -2.168  -10.824 7.659   1.00 17.80 ? 99   ASN X OD1 1 
ATOM   752  N  ND2 . ASN A 1 99  ? -1.882  -8.633  7.236   1.00 16.43 ? 99   ASN X ND2 1 
ATOM   753  N  N   . LYS A 1 100 ? 3.264   -10.950 6.940   1.00 18.00 ? 100  LYS X N   1 
ATOM   754  C  CA  . LYS A 1 100 ? 4.432   -11.442 6.254   1.00 22.82 ? 100  LYS X CA  1 
ATOM   755  C  C   . LYS A 1 100 ? 4.465   -12.969 6.257   1.00 22.87 ? 100  LYS X C   1 
ATOM   756  O  O   . LYS A 1 100 ? 4.988   -13.578 5.331   1.00 21.78 ? 100  LYS X O   1 
ATOM   757  C  CB  . LYS A 1 100 ? 5.728   -10.876 6.893   1.00 24.83 ? 100  LYS X CB  1 
ATOM   758  C  CG  . LYS A 1 100 ? 7.074   -11.024 6.017   1.00 27.07 ? 100  LYS X CG  1 
ATOM   759  C  CD  . LYS A 1 100 ? 6.813   -11.107 4.505   1.00 29.07 ? 100  LYS X CD  1 
ATOM   760  C  CE  . LYS A 1 100 ? 8.033   -10.913 3.560   1.00 29.48 ? 100  LYS X CE  1 
ATOM   761  N  NZ  . LYS A 1 100 ? 8.470   -9.464  3.258   1.00 31.53 ? 100  LYS X NZ  1 
ATOM   762  N  N   . ASP A 1 101 ? 3.856   -13.584 7.269   1.00 26.16 ? 101  ASP X N   1 
ATOM   763  C  CA  . ASP A 1 101 ? 3.956   -15.016 7.378   1.00 28.66 ? 101  ASP X CA  1 
ATOM   764  C  C   . ASP A 1 101 ? 3.040   -15.757 6.418   1.00 27.24 ? 101  ASP X C   1 
ATOM   765  O  O   . ASP A 1 101 ? 3.208   -16.973 6.225   1.00 26.04 ? 101  ASP X O   1 
ATOM   766  C  CB  . ASP A 1 101 ? 3.871   -15.461 8.842   1.00 32.28 ? 101  ASP X CB  1 
ATOM   767  C  CG  . ASP A 1 101 ? 2.489   -15.484 9.363   1.00 33.90 ? 101  ASP X CG  1 
ATOM   768  O  OD1 . ASP A 1 101 ? 1.692   -16.338 8.958   1.00 35.72 ? 101  ASP X OD1 1 
ATOM   769  O  OD2 . ASP A 1 101 ? 2.109   -14.690 10.216  1.00 39.71 ? 101  ASP X OD2 1 
ATOM   770  N  N   . THR A 1 102 ? 2.140   -15.053 5.729   1.00 23.19 ? 102  THR X N   1 
ATOM   771  C  CA  . THR A 1 102 ? 1.382   -15.722 4.665   1.00 22.03 ? 102  THR X CA  1 
ATOM   772  C  C   . THR A 1 102 ? 1.720   -15.198 3.268   1.00 18.20 ? 102  THR X C   1 
ATOM   773  O  O   . THR A 1 102 ? 1.020   -15.509 2.344   1.00 20.23 ? 102  THR X O   1 
ATOM   774  C  CB  . THR A 1 102 ? -0.156  -15.679 4.892   1.00 21.61 ? 102  THR X CB  1 
ATOM   775  O  OG1 . THR A 1 102 ? -0.631  -14.324 5.031   1.00 21.58 ? 102  THR X OG1 1 
ATOM   776  C  CG2 . THR A 1 102 ? -0.586  -16.406 6.187   1.00 21.44 ? 102  THR X CG2 1 
ATOM   777  N  N   . TYR A 1 103 ? 2.727   -14.352 3.133   1.00 16.68 ? 103  TYR X N   1 
ATOM   778  C  CA  . TYR A 1 103 ? 3.203   -13.897 1.819   1.00 18.20 ? 103  TYR X CA  1 
ATOM   779  C  C   . TYR A 1 103 ? 3.610   -15.082 0.931   1.00 20.13 ? 103  TYR X C   1 
ATOM   780  O  O   . TYR A 1 103 ? 4.386   -15.937 1.351   1.00 18.25 ? 103  TYR X O   1 
ATOM   781  C  CB  . TYR A 1 103 ? 4.405   -12.957 1.963   1.00 18.67 ? 103  TYR X CB  1 
ATOM   782  C  CG  . TYR A 1 103 ? 4.857   -12.333 0.659   1.00 17.69 ? 103  TYR X CG  1 
ATOM   783  C  CD1 . TYR A 1 103 ? 5.664   -13.042 -0.256  1.00 15.73 ? 103  TYR X CD1 1 
ATOM   784  C  CD2 . TYR A 1 103 ? 4.483   -11.045 0.314   1.00 17.11 ? 103  TYR X CD2 1 
ATOM   785  C  CE1 . TYR A 1 103 ? 6.041   -12.505 -1.438  1.00 15.01 ? 103  TYR X CE1 1 
ATOM   786  C  CE2 . TYR A 1 103 ? 4.922   -10.486 -0.876  1.00 16.71 ? 103  TYR X CE2 1 
ATOM   787  C  CZ  . TYR A 1 103 ? 5.667   -11.234 -1.761  1.00 16.84 ? 103  TYR X CZ  1 
ATOM   788  O  OH  . TYR A 1 103 ? 6.106   -10.715 -2.978  1.00 18.45 ? 103  TYR X OH  1 
ATOM   789  N  N   . ASP A 1 104 ? 3.081   -15.151 -0.284  1.00 17.88 ? 104  ASP X N   1 
ATOM   790  C  CA  . ASP A 1 104 ? 3.286   -16.344 -1.117  1.00 17.71 ? 104  ASP X CA  1 
ATOM   791  C  C   . ASP A 1 104 ? 3.713   -15.856 -2.480  1.00 18.15 ? 104  ASP X C   1 
ATOM   792  O  O   . ASP A 1 104 ? 2.991   -15.090 -3.122  1.00 17.05 ? 104  ASP X O   1 
ATOM   793  C  CB  . ASP A 1 104 ? 1.978   -17.101 -1.202  1.00 18.29 ? 104  ASP X CB  1 
ATOM   794  C  CG  . ASP A 1 104 ? 2.069   -18.358 -2.040  1.00 19.55 ? 104  ASP X CG  1 
ATOM   795  O  OD1 . ASP A 1 104 ? 2.956   -18.555 -2.850  1.00 18.11 ? 104  ASP X OD1 1 
ATOM   796  O  OD2 . ASP A 1 104 ? 1.234   -19.223 -1.934  1.00 21.96 ? 104  ASP X OD2 1 
ATOM   797  N  N   . ILE A 1 105 ? 4.886   -16.285 -2.901  1.00 18.29 ? 105  ILE X N   1 
ATOM   798  C  CA  . ILE A 1 105 ? 5.479   -15.818 -4.130  1.00 19.19 ? 105  ILE X CA  1 
ATOM   799  C  C   . ILE A 1 105 ? 4.621   -16.178 -5.361  1.00 18.11 ? 105  ILE X C   1 
ATOM   800  O  O   . ILE A 1 105 ? 4.812   -15.558 -6.383  1.00 18.86 ? 105  ILE X O   1 
ATOM   801  C  CB  . ILE A 1 105 ? 6.956   -16.275 -4.243  1.00 22.08 ? 105  ILE X CB  1 
ATOM   802  C  CG1 . ILE A 1 105 ? 7.659   -15.542 -5.368  1.00 23.44 ? 105  ILE X CG1 1 
ATOM   803  C  CG2 . ILE A 1 105 ? 7.054   -17.771 -4.393  1.00 24.44 ? 105  ILE X CG2 1 
ATOM   804  C  CD1 . ILE A 1 105 ? 9.201   -15.526 -5.282  1.00 23.80 ? 105  ILE X CD1 1 
ATOM   805  N  N   . LYS A 1 106 ? 3.666   -17.119 -5.236  1.00 18.80 ? 106  LYS X N   1 
ATOM   806  C  CA  . LYS A 1 106 ? 2.640   -17.346 -6.272  1.00 19.67 ? 106  LYS X CA  1 
ATOM   807  C  C   . LYS A 1 106 ? 2.030   -16.000 -6.735  1.00 17.63 ? 106  LYS X C   1 
ATOM   808  O  O   . LYS A 1 106 ? 1.755   -15.806 -7.930  1.00 16.23 ? 106  LYS X O   1 
ATOM   809  C  CB  . LYS A 1 106 ? 1.538   -18.316 -5.719  1.00 21.84 ? 106  LYS X CB  1 
ATOM   810  C  CG  . LYS A 1 106 ? 0.438   -18.695 -6.698  1.00 25.22 ? 106  LYS X CG  1 
ATOM   811  C  CD  . LYS A 1 106 ? -0.821  -19.349 -6.023  1.00 28.08 ? 106  LYS X CD  1 
ATOM   812  C  CE  . LYS A 1 106 ? -1.944  -19.617 -7.115  1.00 30.85 ? 106  LYS X CE  1 
ATOM   813  N  NZ  . LYS A 1 106 ? -3.382  -19.993 -6.650  1.00 31.85 ? 106  LYS X NZ  1 
ATOM   814  N  N   . TYR A 1 107 ? 1.826   -15.069 -5.806  1.00 15.59 ? 107  TYR X N   1 
ATOM   815  C  CA  . TYR A 1 107 ? 1.089   -13.807 -6.104  1.00 13.35 ? 107  TYR X CA  1 
ATOM   816  C  C   . TYR A 1 107 ? 2.029   -12.652 -6.435  1.00 13.58 ? 107  TYR X C   1 
ATOM   817  O  O   . TYR A 1 107 ? 1.563   -11.557 -6.757  1.00 13.26 ? 107  TYR X O   1 
ATOM   818  C  CB  . TYR A 1 107 ? 0.158   -13.427 -4.938  1.00 14.27 ? 107  TYR X CB  1 
ATOM   819  C  CG  . TYR A 1 107 ? -0.888  -14.483 -4.605  1.00 13.83 ? 107  TYR X CG  1 
ATOM   820  C  CD1 . TYR A 1 107 ? -1.738  -14.922 -5.569  1.00 13.60 ? 107  TYR X CD1 1 
ATOM   821  C  CD2 . TYR A 1 107 ? -0.969  -15.095 -3.337  1.00 16.61 ? 107  TYR X CD2 1 
ATOM   822  C  CE1 . TYR A 1 107 ? -2.694  -15.888 -5.304  1.00 14.47 ? 107  TYR X CE1 1 
ATOM   823  C  CE2 . TYR A 1 107 ? -1.933  -16.064 -3.061  1.00 16.10 ? 107  TYR X CE2 1 
ATOM   824  C  CZ  . TYR A 1 107 ? -2.762  -16.478 -4.087  1.00 16.21 ? 107  TYR X CZ  1 
ATOM   825  O  OH  . TYR A 1 107 ? -3.713  -17.439 -3.912  1.00 18.41 ? 107  TYR X OH  1 
ATOM   826  N  N   . TRP A 1 108 ? 3.345   -12.857 -6.346  1.00 14.36 ? 108  TRP X N   1 
ATOM   827  C  CA  . TRP A 1 108 ? 4.316   -11.850 -6.833  1.00 14.84 ? 108  TRP X CA  1 
ATOM   828  C  C   . TRP A 1 108 ? 4.230   -11.671 -8.323  1.00 13.97 ? 108  TRP X C   1 
ATOM   829  O  O   . TRP A 1 108 ? 4.356   -12.682 -9.061  1.00 14.94 ? 108  TRP X O   1 
ATOM   830  C  CB  . TRP A 1 108 ? 5.708   -12.375 -6.545  1.00 16.04 ? 108  TRP X CB  1 
ATOM   831  C  CG  . TRP A 1 108 ? 6.786   -11.372 -6.621  1.00 16.28 ? 108  TRP X CG  1 
ATOM   832  C  CD1 . TRP A 1 108 ? 6.729   -10.059 -6.243  1.00 18.15 ? 108  TRP X CD1 1 
ATOM   833  C  CD2 . TRP A 1 108 ? 8.103   -11.583 -7.126  1.00 16.86 ? 108  TRP X CD2 1 
ATOM   834  N  NE1 . TRP A 1 108 ? 7.957   -9.464  -6.419  1.00 18.01 ? 108  TRP X NE1 1 
ATOM   835  C  CE2 . TRP A 1 108 ? 8.816   -10.360 -6.968  1.00 17.40 ? 108  TRP X CE2 1 
ATOM   836  C  CE3 . TRP A 1 108 ? 8.777   -12.693 -7.639  1.00 18.76 ? 108  TRP X CE3 1 
ATOM   837  C  CZ2 . TRP A 1 108 ? 10.163  -10.224 -7.308  1.00 16.45 ? 108  TRP X CZ2 1 
ATOM   838  C  CZ3 . TRP A 1 108 ? 10.141  -12.525 -8.015  1.00 17.07 ? 108  TRP X CZ3 1 
ATOM   839  C  CH2 . TRP A 1 108 ? 10.789  -11.310 -7.810  1.00 16.14 ? 108  TRP X CH2 1 
ATOM   840  N  N   . PHE A 1 109 ? 3.982   -10.432 -8.772  1.00 14.39 ? 109  PHE X N   1 
ATOM   841  C  CA  . PHE A 1 109 ? 3.811   -10.152 -10.190 1.00 14.57 ? 109  PHE X CA  1 
ATOM   842  C  C   . PHE A 1 109 ? 2.827   -11.172 -10.762 1.00 14.07 ? 109  PHE X C   1 
ATOM   843  O  O   . PHE A 1 109 ? 3.080   -11.851 -11.724 1.00 15.93 ? 109  PHE X O   1 
ATOM   844  C  CB  . PHE A 1 109 ? 5.176   -10.193 -10.866 1.00 14.24 ? 109  PHE X CB  1 
ATOM   845  C  CG  . PHE A 1 109 ? 5.917   -8.912  -10.693 1.00 17.35 ? 109  PHE X CG  1 
ATOM   846  C  CD1 . PHE A 1 109 ? 6.786   -8.756  -9.620  1.00 19.93 ? 109  PHE X CD1 1 
ATOM   847  C  CD2 . PHE A 1 109 ? 5.688   -7.843  -11.547 1.00 19.18 ? 109  PHE X CD2 1 
ATOM   848  C  CE1 . PHE A 1 109 ? 7.478   -7.528  -9.427  1.00 22.41 ? 109  PHE X CE1 1 
ATOM   849  C  CE2 . PHE A 1 109 ? 6.357   -6.624  -11.377 1.00 18.75 ? 109  PHE X CE2 1 
ATOM   850  C  CZ  . PHE A 1 109 ? 7.236   -6.464  -10.293 1.00 21.49 ? 109  PHE X CZ  1 
ATOM   851  N  N   . TYR A 1 110 ? 1.714   -11.310 -10.070 1.00 15.82 ? 110  TYR X N   1 
ATOM   852  C  CA  . TYR A 1 110 ? 0.569   -12.086 -10.499 1.00 17.10 ? 110  TYR X CA  1 
ATOM   853  C  C   . TYR A 1 110 ? -0.032  -11.339 -11.691 1.00 19.34 ? 110  TYR X C   1 
ATOM   854  O  O   . TYR A 1 110 ? -0.303  -10.172 -11.621 1.00 23.18 ? 110  TYR X O   1 
ATOM   855  C  CB  . TYR A 1 110 ? -0.454  -12.020 -9.376  1.00 16.38 ? 110  TYR X CB  1 
ATOM   856  C  CG  . TYR A 1 110 ? -1.456  -13.151 -9.274  1.00 14.42 ? 110  TYR X CG  1 
ATOM   857  C  CD1 . TYR A 1 110 ? -1.045  -14.467 -9.277  1.00 15.16 ? 110  TYR X CD1 1 
ATOM   858  C  CD2 . TYR A 1 110 ? -2.806  -12.871 -9.062  1.00 13.64 ? 110  TYR X CD2 1 
ATOM   859  C  CE1 . TYR A 1 110 ? -1.960  -15.522 -9.144  1.00 18.35 ? 110  TYR X CE1 1 
ATOM   860  C  CE2 . TYR A 1 110 ? -3.727  -13.944 -8.897  1.00 16.61 ? 110  TYR X CE2 1 
ATOM   861  C  CZ  . TYR A 1 110 ? -3.284  -15.255 -8.951  1.00 16.90 ? 110  TYR X CZ  1 
ATOM   862  O  OH  . TYR A 1 110 ? -4.169  -16.356 -8.792  1.00 19.84 ? 110  TYR X OH  1 
ATOM   863  N  N   . GLY A 1 111 ? -0.334  -11.949 -12.774 1.00 23.31 ? 111  GLY X N   1 
ATOM   864  C  CA  . GLY A 1 111 ? -0.902  -11.061 -13.802 1.00 23.29 ? 111  GLY X CA  1 
ATOM   865  C  C   . GLY A 1 111 ? -2.257  -10.368 -13.443 1.00 22.69 ? 111  GLY X C   1 
ATOM   866  O  O   . GLY A 1 111 ? -3.022  -10.883 -12.669 1.00 21.62 ? 111  GLY X O   1 
ATOM   867  N  N   . ALA A 1 112 ? -2.535  -9.189  -13.996 1.00 23.00 ? 112  ALA X N   1 
ATOM   868  C  CA  . ALA A 1 112 ? -3.930  -8.722  -14.139 1.00 21.64 ? 112  ALA X CA  1 
ATOM   869  C  C   . ALA A 1 112 ? -4.887  -9.793  -14.704 1.00 19.13 ? 112  ALA X C   1 
ATOM   870  O  O   . ALA A 1 112 ? -6.063  -9.892  -14.325 1.00 17.82 ? 112  ALA X O   1 
ATOM   871  C  CB  . ALA A 1 112 ? -3.986  -7.486  -15.039 1.00 22.59 ? 112  ALA X CB  1 
ATOM   872  N  N   . LYS A 1 113 ? -4.412  -10.543 -15.684 1.00 21.11 ? 113  LYS X N   1 
ATOM   873  C  CA  . LYS A 1 113 ? -5.202  -11.560 -16.339 1.00 21.37 ? 113  LYS X CA  1 
ATOM   874  C  C   . LYS A 1 113 ? -5.643  -12.679 -15.377 1.00 21.97 ? 113  LYS X C   1 
ATOM   875  O  O   . LYS A 1 113 ? -6.528  -13.449 -15.704 1.00 24.03 ? 113  LYS X O   1 
ATOM   876  C  CB  . LYS A 1 113 ? -4.415  -12.126 -17.546 1.00 25.17 ? 113  LYS X CB  1 
ATOM   877  C  CG  . LYS A 1 113 ? -2.985  -12.537 -17.152 1.00 28.70 ? 113  LYS X CG  1 
ATOM   878  C  CD  . LYS A 1 113 ? -2.408  -13.730 -17.935 1.00 31.66 ? 113  LYS X CD  1 
ATOM   879  C  CE  . LYS A 1 113 ? -1.494  -14.597 -17.038 1.00 33.72 ? 113  LYS X CE  1 
ATOM   880  N  NZ  . LYS A 1 113 ? -0.075  -14.604 -17.557 1.00 35.48 ? 113  LYS X NZ  1 
ATOM   881  N  N   . ASN A 1 114 ? -5.059  -12.737 -14.174 1.00 19.64 ? 114  ASN X N   1 
ATOM   882  C  CA  . ASN A 1 114 ? -5.458  -13.699 -13.151 1.00 16.53 ? 114  ASN X CA  1 
ATOM   883  C  C   . ASN A 1 114 ? -6.439  -13.121 -12.152 1.00 15.99 ? 114  ASN X C   1 
ATOM   884  O  O   . ASN A 1 114 ? -6.889  -13.825 -11.228 1.00 17.75 ? 114  ASN X O   1 
ATOM   885  C  CB  . ASN A 1 114 ? -4.238  -14.176 -12.382 1.00 18.74 ? 114  ASN X CB  1 
ATOM   886  C  CG  . ASN A 1 114 ? -3.430  -15.169 -13.135 1.00 22.78 ? 114  ASN X CG  1 
ATOM   887  O  OD1 . ASN A 1 114 ? -2.233  -15.240 -12.916 1.00 28.91 ? 114  ASN X OD1 1 
ATOM   888  N  ND2 . ASN A 1 114 ? -4.044  -15.926 -14.042 1.00 18.94 ? 114  ASN X ND2 1 
ATOM   889  N  N   . CYS A 1 115 ? -6.817  -11.862 -12.358 1.00 14.15 ? 115  CYS X N   1 
ATOM   890  C  CA  . CYS A 1 115 ? -7.741  -11.164 -11.478 1.00 13.49 ? 115  CYS X CA  1 
ATOM   891  C  C   . CYS A 1 115 ? -8.950  -10.658 -12.234 1.00 15.26 ? 115  CYS X C   1 
ATOM   892  O  O   . CYS A 1 115 ? -9.547  -9.677  -11.848 1.00 16.49 ? 115  CYS X O   1 
ATOM   893  C  CB  . CYS A 1 115 ? -7.030  -9.963  -10.878 1.00 13.60 ? 115  CYS X CB  1 
ATOM   894  S  SG  . CYS A 1 115 ? -5.632  -10.436 -9.891  1.00 15.06 ? 115  CYS X SG  1 
ATOM   895  N  N   . GLN A 1 116 ? -9.261  -11.266 -13.369 1.00 17.55 ? 116  GLN X N   1 
ATOM   896  C  CA  . GLN A 1 116 ? -10.402 -10.807 -14.190 1.00 18.73 ? 116  GLN X CA  1 
ATOM   897  C  C   . GLN A 1 116 ? -11.710 -11.394 -13.689 1.00 21.75 ? 116  GLN X C   1 
ATOM   898  O  O   . GLN A 1 116 ? -12.280 -12.242 -14.310 1.00 25.43 ? 116  GLN X O   1 
ATOM   899  C  CB  . GLN A 1 116 ? -10.182 -11.197 -15.657 1.00 18.83 ? 116  GLN X CB  1 
ATOM   900  C  CG  . GLN A 1 116 ? -8.995  -10.418 -16.238 1.00 19.48 ? 116  GLN X CG  1 
ATOM   901  C  CD  . GLN A 1 116 ? -8.554  -10.919 -17.611 1.00 22.74 ? 116  GLN X CD  1 
ATOM   902  O  OE1 . GLN A 1 116 ? -8.931  -12.038 -18.004 1.00 23.78 ? 116  GLN X OE1 1 
ATOM   903  N  NE2 . GLN A 1 116 ? -7.704  -10.124 -18.320 1.00 20.17 ? 116  GLN X NE2 1 
ATOM   904  N  N   . GLU A 1 117 ? -12.142 -10.993 -12.518 1.00 21.54 ? 117  GLU X N   1 
ATOM   905  C  CA  . GLU A 1 117 ? -13.428 -11.431 -12.046 1.00 21.67 ? 117  GLU X CA  1 
ATOM   906  C  C   . GLU A 1 117 ? -14.047 -10.205 -11.415 1.00 21.21 ? 117  GLU X C   1 
ATOM   907  O  O   . GLU A 1 117 ? -13.396 -9.153  -11.286 1.00 21.71 ? 117  GLU X O   1 
ATOM   908  C  CB  . GLU A 1 117 ? -13.286 -12.598 -11.063 1.00 21.38 ? 117  GLU X CB  1 
ATOM   909  C  CG  . GLU A 1 117 ? -12.525 -12.291 -9.789  1.00 21.33 ? 117  GLU X CG  1 
ATOM   910  C  CD  . GLU A 1 117 ? -11.026 -12.491 -9.850  1.00 21.86 ? 117  GLU X CD  1 
ATOM   911  O  OE1 . GLU A 1 117 ? -10.464 -13.157 -10.773 1.00 17.58 ? 117  GLU X OE1 1 
ATOM   912  O  OE2 . GLU A 1 117 ? -10.396 -11.982 -8.915  1.00 23.06 ? 117  GLU X OE2 1 
ATOM   913  N  N   . LYS A 1 118 ? -15.309 -10.317 -11.006 1.00 21.97 ? 118  LYS X N   1 
ATOM   914  C  CA  . LYS A 1 118 ? -16.012 -9.168  -10.478 1.00 21.34 ? 118  LYS X CA  1 
ATOM   915  C  C   . LYS A 1 118 ? -15.212 -8.604  -9.345  1.00 20.81 ? 118  LYS X C   1 
ATOM   916  O  O   . LYS A 1 118 ? -14.674 -9.337  -8.518  1.00 20.51 ? 118  LYS X O   1 
ATOM   917  C  CB  . LYS A 1 118 ? -17.434 -9.516  -9.991  1.00 23.45 ? 118  LYS X CB  1 
ATOM   918  C  CG  . LYS A 1 118 ? -18.280 -8.256  -9.731  1.00 25.98 ? 118  LYS X CG  1 
ATOM   919  C  CD  . LYS A 1 118 ? -19.776 -8.494  -9.892  1.00 28.09 ? 118  LYS X CD  1 
ATOM   920  C  CE  . LYS A 1 118 ? -20.580 -7.192  -9.691  1.00 28.32 ? 118  LYS X CE  1 
ATOM   921  N  NZ  . LYS A 1 118 ? -20.204 -6.047  -10.577 1.00 25.75 ? 118  LYS X NZ  1 
ATOM   922  N  N   . SER A 1 119 ? -15.091 -7.287  -9.342  1.00 19.36 ? 119  SER X N   1 
ATOM   923  C  CA  . SER A 1 119 ? -14.370 -6.597  -8.289  1.00 19.79 ? 119  SER X CA  1 
ATOM   924  C  C   . SER A 1 119 ? -15.173 -6.363  -7.023  1.00 19.92 ? 119  SER X C   1 
ATOM   925  O  O   . SER A 1 119 ? -16.343 -5.885  -7.045  1.00 16.67 ? 119  SER X O   1 
ATOM   926  C  CB  . SER A 1 119 ? -13.858 -5.202  -8.744  1.00 19.61 ? 119  SER X CB  1 
ATOM   927  O  OG  . SER A 1 119 ? -12.906 -5.259  -9.786  1.00 20.81 ? 119  SER X OG  1 
ATOM   928  N  N   . GLU A 1 120 ? -14.467 -6.587  -5.903  1.00 16.54 ? 120  GLU X N   1 
ATOM   929  C  CA  . GLU A 1 120 ? -15.021 -6.284  -4.592  1.00 17.12 ? 120  GLU X CA  1 
ATOM   930  C  C   . GLU A 1 120 ? -15.116 -4.767  -4.467  1.00 18.19 ? 120  GLU X C   1 
ATOM   931  O  O   . GLU A 1 120 ? -14.153 -4.041  -4.782  1.00 17.30 ? 120  GLU X O   1 
ATOM   932  C  CB  . GLU A 1 120 ? -14.167 -6.896  -3.483  1.00 17.39 ? 120  GLU X CB  1 
ATOM   933  C  CG  . GLU A 1 120 ? -14.744 -6.646  -2.089  1.00 16.20 ? 120  GLU X CG  1 
ATOM   934  C  CD  . GLU A 1 120 ? -13.968 -7.248  -0.944  1.00 18.02 ? 120  GLU X CD  1 
ATOM   935  O  OE1 . GLU A 1 120 ? -13.382 -8.321  -1.077  1.00 18.57 ? 120  GLU X OE1 1 
ATOM   936  O  OE2 . GLU A 1 120 ? -13.922 -6.633  0.154   1.00 17.31 ? 120  GLU X OE2 1 
ATOM   937  N  N   . PRO A 1 121 ? -16.255 -4.237  -4.051  1.00 21.06 ? 121  PRO X N   1 
ATOM   938  C  CA  . PRO A 1 121 ? -16.386 -2.783  -3.922  1.00 20.46 ? 121  PRO X CA  1 
ATOM   939  C  C   . PRO A 1 121 ? -15.821 -2.236  -2.589  1.00 20.66 ? 121  PRO X C   1 
ATOM   940  O  O   . PRO A 1 121 ? -15.776 -2.911  -1.581  1.00 21.09 ? 121  PRO X O   1 
ATOM   941  C  CB  . PRO A 1 121 ? -17.907 -2.574  -4.015  1.00 21.76 ? 121  PRO X CB  1 
ATOM   942  C  CG  . PRO A 1 121 ? -18.441 -3.734  -3.321  1.00 21.76 ? 121  PRO X CG  1 
ATOM   943  C  CD  . PRO A 1 121 ? -17.509 -4.925  -3.676  1.00 21.52 ? 121  PRO X CD  1 
ATOM   944  N  N   . CYS A 1 122 ? -15.347 -0.997  -2.635  1.00 18.92 ? 122  CYS X N   1 
ATOM   945  C  CA  . CYS A 1 122 ? -14.991 -0.315  -1.428  1.00 18.94 ? 122  CYS X CA  1 
ATOM   946  C  C   . CYS A 1 122 ? -16.200 -0.069  -0.521  1.00 22.58 ? 122  CYS X C   1 
ATOM   947  O  O   . CYS A 1 122 ? -15.976 -0.162  0.686   1.00 21.51 ? 122  CYS X O   1 
ATOM   948  C  CB  . CYS A 1 122 ? -14.265 1.001   -1.740  1.00 19.16 ? 122  CYS X CB  1 
ATOM   949  S  SG  . CYS A 1 122 ? -12.629 0.835   -2.499  1.00 17.29 ? 122  CYS X SG  1 
HETATM 950  CA CA  . CA  B 2 .   ? -5.138  -1.796  -6.214  1.00 60.17 ? 1123 CA  X CA  1 
HETATM 951  O  O   . HOH C 3 .   ? 7.198   12.854  -3.043  1.00 19.82 ? 2001 HOH X O   1 
HETATM 952  O  O   . HOH C 3 .   ? 10.594  5.258   -3.595  1.00 25.17 ? 2002 HOH X O   1 
HETATM 953  O  O   . HOH C 3 .   ? 10.293  9.779   -1.375  1.00 16.07 ? 2003 HOH X O   1 
HETATM 954  O  O   . HOH C 3 .   ? 9.845   12.496  2.167   1.00 21.14 ? 2004 HOH X O   1 
HETATM 955  O  O   . HOH C 3 .   ? 13.622  4.054   2.881   1.00 31.02 ? 2005 HOH X O   1 
HETATM 956  O  O   . HOH C 3 .   ? 17.049  5.812   -3.372  1.00 36.37 ? 2006 HOH X O   1 
HETATM 957  O  O   . HOH C 3 .   ? 15.616  -1.086  4.766   1.00 24.76 ? 2007 HOH X O   1 
HETATM 958  O  O   . HOH C 3 .   ? 11.850  -1.333  -0.504  1.00 21.71 ? 2008 HOH X O   1 
HETATM 959  O  O   . HOH C 3 .   ? 14.972  2.483   4.362   1.00 25.96 ? 2009 HOH X O   1 
HETATM 960  O  O   . HOH C 3 .   ? 3.754   23.752  4.313   1.00 28.31 ? 2010 HOH X O   1 
HETATM 961  O  O   . HOH C 3 .   ? -9.039  10.363  7.534   1.00 34.12 ? 2011 HOH X O   1 
HETATM 962  O  O   . HOH C 3 .   ? -8.835  3.499   4.809   1.00 22.21 ? 2012 HOH X O   1 
HETATM 963  O  O   . HOH C 3 .   ? -3.267  -16.994 2.624   1.00 26.11 ? 2013 HOH X O   1 
HETATM 964  O  O   . HOH C 3 .   ? -6.977  -9.679  5.936   1.00 25.99 ? 2014 HOH X O   1 
HETATM 965  O  O   . HOH C 3 .   ? 16.439  -7.069  -3.782  1.00 28.49 ? 2015 HOH X O   1 
HETATM 966  O  O   . HOH C 3 .   ? -7.601  -11.752 4.622   1.00 34.76 ? 2016 HOH X O   1 
HETATM 967  O  O   . HOH C 3 .   ? 12.877  -3.604  -3.924  1.00 17.43 ? 2017 HOH X O   1 
HETATM 968  O  O   . HOH C 3 .   ? -12.788 4.077   -3.829  1.00 30.16 ? 2018 HOH X O   1 
HETATM 969  O  O   . HOH C 3 .   ? 3.110   -9.521  3.933   1.00 14.15 ? 2019 HOH X O   1 
HETATM 970  O  O   . HOH C 3 .   ? -8.590  17.583  4.159   1.00 34.32 ? 2020 HOH X O   1 
HETATM 971  O  O   . HOH C 3 .   ? 1.388   -2.748  -9.415  1.00 38.46 ? 2021 HOH X O   1 
HETATM 972  O  O   . HOH C 3 .   ? -4.796  7.630   -6.465  1.00 33.95 ? 2022 HOH X O   1 
HETATM 973  O  O   . HOH C 3 .   ? -5.215  9.835   -10.410 1.00 31.85 ? 2023 HOH X O   1 
HETATM 974  O  O   . HOH C 3 .   ? 2.255   -8.247  -12.138 1.00 40.83 ? 2024 HOH X O   1 
HETATM 975  O  O   . HOH C 3 .   ? 5.569   -7.222  -6.404  1.00 37.53 ? 2025 HOH X O   1 
HETATM 976  O  O   . HOH C 3 .   ? 6.683   18.649  0.593   1.00 34.89 ? 2026 HOH X O   1 
HETATM 977  O  O   . HOH C 3 .   ? -1.303  -6.438  -8.254  1.00 32.05 ? 2027 HOH X O   1 
HETATM 978  O  O   . HOH C 3 .   ? 0.453   -8.915  -9.037  1.00 19.26 ? 2028 HOH X O   1 
HETATM 979  O  O   . HOH C 3 .   ? -2.713  -8.404  -10.743 1.00 22.55 ? 2029 HOH X O   1 
HETATM 980  O  O   . HOH C 3 .   ? -5.179  -6.726  -10.830 1.00 21.63 ? 2030 HOH X O   1 
HETATM 981  O  O   . HOH C 3 .   ? -2.945  -3.485  -8.563  1.00 41.20 ? 2031 HOH X O   1 
HETATM 982  O  O   . HOH C 3 .   ? -3.153  -0.129  -2.981  1.00 15.98 ? 2032 HOH X O   1 
HETATM 983  O  O   . HOH C 3 .   ? -3.702  -2.516  -10.648 1.00 32.07 ? 2033 HOH X O   1 
HETATM 984  O  O   . HOH C 3 .   ? -7.405  3.014   -7.502  1.00 38.67 ? 2034 HOH X O   1 
HETATM 985  O  O   . HOH C 3 .   ? 1.116   23.305  4.086   1.00 21.22 ? 2035 HOH X O   1 
HETATM 986  O  O   . HOH C 3 .   ? -9.361  -0.565  -8.050  1.00 31.00 ? 2036 HOH X O   1 
HETATM 987  O  O   . HOH C 3 .   ? -5.218  11.340  8.938   1.00 24.87 ? 2037 HOH X O   1 
HETATM 988  O  O   . HOH C 3 .   ? -11.559 -7.604  -15.905 1.00 43.50 ? 2038 HOH X O   1 
HETATM 989  O  O   . HOH C 3 .   ? -6.455  9.139   8.108   1.00 23.00 ? 2039 HOH X O   1 
HETATM 990  O  O   . HOH C 3 .   ? -9.647  6.014   6.124   1.00 34.41 ? 2040 HOH X O   1 
HETATM 991  O  O   . HOH C 3 .   ? -13.238 10.052  4.918   1.00 40.47 ? 2041 HOH X O   1 
HETATM 992  O  O   . HOH C 3 .   ? -5.975  5.296   9.482   1.00 33.11 ? 2042 HOH X O   1 
HETATM 993  O  O   . HOH C 3 .   ? -6.242  2.673   5.742   1.00 12.91 ? 2043 HOH X O   1 
HETATM 994  O  O   . HOH C 3 .   ? -17.014 -8.898  -4.352  1.00 18.10 ? 2044 HOH X O   1 
HETATM 995  O  O   . HOH C 3 .   ? -14.757 -10.612 -1.557  1.00 16.54 ? 2045 HOH X O   1 
HETATM 996  O  O   . HOH C 3 .   ? -12.777 -13.782 -2.627  1.00 18.12 ? 2046 HOH X O   1 
HETATM 997  O  O   . HOH C 3 .   ? -8.391  -13.507 -6.468  1.00 22.91 ? 2047 HOH X O   1 
HETATM 998  O  O   . HOH C 3 .   ? -10.911 -12.403 -1.269  1.00 28.09 ? 2048 HOH X O   1 
HETATM 999  O  O   . HOH C 3 .   ? -9.344  -14.773 -3.148  1.00 36.76 ? 2049 HOH X O   1 
HETATM 1000 O  O   . HOH C 3 .   ? -3.776  -14.888 3.879   1.00 18.64 ? 2050 HOH X O   1 
HETATM 1001 O  O   . HOH C 3 .   ? -5.422  -7.834  5.552   1.00 18.02 ? 2051 HOH X O   1 
HETATM 1002 O  O   . HOH C 3 .   ? -0.710  -12.694 2.702   1.00 14.81 ? 2052 HOH X O   1 
HETATM 1003 O  O   . HOH C 3 .   ? -8.796  -11.898 1.707   1.00 40.15 ? 2053 HOH X O   1 
HETATM 1004 O  O   . HOH C 3 .   ? -11.775 -9.753  5.273   1.00 35.20 ? 2054 HOH X O   1 
HETATM 1005 O  O   . HOH C 3 .   ? -11.247 -5.366  3.987   1.00 29.99 ? 2055 HOH X O   1 
HETATM 1006 O  O   . HOH C 3 .   ? -3.807  -1.115  4.329   1.00 13.23 ? 2056 HOH X O   1 
HETATM 1007 O  O   . HOH C 3 .   ? -17.519 -10.905 -14.079 1.00 25.30 ? 2057 HOH X O   1 
HETATM 1008 O  O   . HOH C 3 .   ? -19.494 -2.652  -7.353  1.00 32.97 ? 2058 HOH X O   1 
HETATM 1009 O  O   . HOH C 3 .   ? -20.995 -4.928  -6.703  1.00 26.58 ? 2059 HOH X O   1 
HETATM 1010 O  O   . HOH C 3 .   ? -11.340 -0.589  2.453   1.00 32.05 ? 2060 HOH X O   1 
HETATM 1011 O  O   . HOH C 3 .   ? -10.376 -0.989  -4.872  1.00 25.30 ? 2061 HOH X O   1 
HETATM 1012 O  O   . HOH C 3 .   ? -10.859 2.486   -4.773  1.00 41.87 ? 2062 HOH X O   1 
HETATM 1013 O  O   . HOH C 3 .   ? -7.779  4.266   -5.201  1.00 38.91 ? 2063 HOH X O   1 
HETATM 1014 O  O   . HOH C 3 .   ? -12.801 4.518   -1.345  1.00 18.79 ? 2064 HOH X O   1 
HETATM 1015 O  O   . HOH C 3 .   ? -13.069 6.559   -5.104  1.00 34.02 ? 2065 HOH X O   1 
HETATM 1016 O  O   . HOH C 3 .   ? -9.504  14.334  1.972   1.00 27.78 ? 2066 HOH X O   1 
HETATM 1017 O  O   . HOH C 3 .   ? -9.387  17.544  2.073   1.00 32.33 ? 2067 HOH X O   1 
HETATM 1018 O  O   . HOH C 3 .   ? -9.875  16.077  -3.839  1.00 44.21 ? 2068 HOH X O   1 
HETATM 1019 O  O   . HOH C 3 .   ? -4.518  19.738  -3.415  1.00 36.81 ? 2069 HOH X O   1 
HETATM 1020 O  O   . HOH C 3 .   ? -1.935  15.965  -9.074  1.00 29.63 ? 2070 HOH X O   1 
HETATM 1021 O  O   . HOH C 3 .   ? -4.611  10.383  -7.751  1.00 17.82 ? 2071 HOH X O   1 
HETATM 1022 O  O   . HOH C 3 .   ? -2.209  11.446  -10.486 1.00 37.26 ? 2072 HOH X O   1 
HETATM 1023 O  O   . HOH C 3 .   ? 1.370   8.614   -1.208  1.00 12.06 ? 2073 HOH X O   1 
HETATM 1024 O  O   . HOH C 3 .   ? 5.031   15.837  -4.828  1.00 22.78 ? 2074 HOH X O   1 
HETATM 1025 O  O   . HOH C 3 .   ? 5.323   13.093  -7.176  1.00 21.33 ? 2075 HOH X O   1 
HETATM 1026 O  O   . HOH C 3 .   ? -1.324  17.525  -7.344  1.00 30.59 ? 2076 HOH X O   1 
HETATM 1027 O  O   . HOH C 3 .   ? -1.724  19.017  -1.648  1.00 21.96 ? 2077 HOH X O   1 
HETATM 1028 O  O   . HOH C 3 .   ? 2.489   18.022  -5.368  1.00 23.89 ? 2078 HOH X O   1 
HETATM 1029 O  O   . HOH C 3 .   ? 3.278   17.897  -2.808  1.00 19.70 ? 2079 HOH X O   1 
HETATM 1030 O  O   . HOH C 3 .   ? 7.346   15.869  2.235   1.00 31.52 ? 2080 HOH X O   1 
HETATM 1031 O  O   . HOH C 3 .   ? 2.872   17.402  4.880   1.00 26.67 ? 2081 HOH X O   1 
HETATM 1032 O  O   . HOH C 3 .   ? 11.571  10.668  6.174   1.00 42.62 ? 2082 HOH X O   1 
HETATM 1033 O  O   . HOH C 3 .   ? 8.836   14.063  5.557   1.00 27.95 ? 2083 HOH X O   1 
HETATM 1034 O  O   . HOH C 3 .   ? 10.735  10.088  1.119   1.00 31.93 ? 2084 HOH X O   1 
HETATM 1035 O  O   . HOH C 3 .   ? 12.976  10.573  9.492   1.00 31.55 ? 2085 HOH X O   1 
HETATM 1036 O  O   . HOH C 3 .   ? 12.961  9.110   2.351   1.00 37.53 ? 2086 HOH X O   1 
HETATM 1037 O  O   . HOH C 3 .   ? 18.965  9.634   18.259  1.00 20.92 ? 2087 HOH X O   1 
HETATM 1038 O  O   . HOH C 3 .   ? 16.775  5.248   13.593  1.00 25.46 ? 2088 HOH X O   1 
HETATM 1039 O  O   . HOH C 3 .   ? 10.397  -2.044  11.215  1.00 35.98 ? 2089 HOH X O   1 
HETATM 1040 O  O   . HOH C 3 .   ? 1.889   13.955  6.586   1.00 25.26 ? 2090 HOH X O   1 
HETATM 1041 O  O   . HOH C 3 .   ? 0.717   15.979  12.791  1.00 29.39 ? 2091 HOH X O   1 
HETATM 1042 O  O   . HOH C 3 .   ? -2.634  17.201  10.201  1.00 26.55 ? 2092 HOH X O   1 
HETATM 1043 O  O   . HOH C 3 .   ? -0.159  24.340  10.905  1.00 20.53 ? 2093 HOH X O   1 
HETATM 1044 O  O   . HOH C 3 .   ? 4.438   19.537  11.988  1.00 43.11 ? 2094 HOH X O   1 
HETATM 1045 O  O   . HOH C 3 .   ? -1.298  23.979  8.093   1.00 20.47 ? 2095 HOH X O   1 
HETATM 1046 O  O   . HOH C 3 .   ? 2.421   20.311  7.704   1.00 41.18 ? 2096 HOH X O   1 
HETATM 1047 O  O   . HOH C 3 .   ? 3.338   22.824  8.524   1.00 30.77 ? 2097 HOH X O   1 
HETATM 1048 O  O   . HOH C 3 .   ? 0.598   17.165  6.713   1.00 23.83 ? 2098 HOH X O   1 
HETATM 1049 O  O   . HOH C 3 .   ? 0.456   22.480  6.720   1.00 20.65 ? 2099 HOH X O   1 
HETATM 1050 O  O   . HOH C 3 .   ? 0.689   21.406  2.421   1.00 26.06 ? 2100 HOH X O   1 
HETATM 1051 O  O   . HOH C 3 .   ? -3.007  19.071  0.476   1.00 18.84 ? 2101 HOH X O   1 
HETATM 1052 O  O   . HOH C 3 .   ? -5.720  13.968  8.515   1.00 25.04 ? 2102 HOH X O   1 
HETATM 1053 O  O   . HOH C 3 .   ? 1.242   19.888  -1.988  1.00 40.84 ? 2103 HOH X O   1 
HETATM 1054 O  O   . HOH C 3 .   ? 4.969   19.302  -1.075  1.00 38.27 ? 2104 HOH X O   1 
HETATM 1055 O  O   . HOH C 3 .   ? -8.090  15.122  5.611   1.00 21.09 ? 2105 HOH X O   1 
HETATM 1056 O  O   . HOH C 3 .   ? -11.270 11.892  3.755   1.00 42.20 ? 2106 HOH X O   1 
HETATM 1057 O  O   . HOH C 3 .   ? -8.365  7.996   3.690   1.00 21.86 ? 2107 HOH X O   1 
HETATM 1058 O  O   . HOH C 3 .   ? -5.922  7.839   5.720   1.00 16.20 ? 2108 HOH X O   1 
HETATM 1059 O  O   . HOH C 3 .   ? -5.496  5.143   6.925   1.00 23.24 ? 2109 HOH X O   1 
HETATM 1060 O  O   . HOH C 3 .   ? -4.248  1.665   4.002   1.00 13.64 ? 2110 HOH X O   1 
HETATM 1061 O  O   . HOH C 3 .   ? 3.467   2.665   12.129  1.00 16.84 ? 2111 HOH X O   1 
HETATM 1062 O  O   . HOH C 3 .   ? -1.011  0.808   11.465  1.00 16.32 ? 2112 HOH X O   1 
HETATM 1063 O  O   . HOH C 3 .   ? 2.603   -4.461  11.884  1.00 24.99 ? 2113 HOH X O   1 
HETATM 1064 O  O   . HOH C 3 .   ? 4.649   -10.554 11.356  1.00 33.59 ? 2114 HOH X O   1 
HETATM 1065 O  O   . HOH C 3 .   ? 2.239   -6.498  13.520  1.00 27.46 ? 2115 HOH X O   1 
HETATM 1066 O  O   . HOH C 3 .   ? -0.556  -12.475 11.196  1.00 46.93 ? 2116 HOH X O   1 
HETATM 1067 O  O   . HOH C 3 .   ? -2.765  -7.299  14.097  1.00 24.80 ? 2117 HOH X O   1 
HETATM 1068 O  O   . HOH C 3 .   ? -3.222  -6.834  9.943   1.00 34.60 ? 2118 HOH X O   1 
HETATM 1069 O  O   . HOH C 3 .   ? -4.680  -7.668  8.344   1.00 27.95 ? 2119 HOH X O   1 
HETATM 1070 O  O   . HOH C 3 .   ? 3.280   -19.076 7.596   1.00 21.89 ? 2120 HOH X O   1 
HETATM 1071 O  O   . HOH C 3 .   ? 2.822   -12.304 9.874   1.00 31.88 ? 2121 HOH X O   1 
HETATM 1072 O  O   . HOH C 3 .   ? -1.445  -13.525 7.335   1.00 17.34 ? 2122 HOH X O   1 
HETATM 1073 O  O   . HOH C 3 .   ? -1.060  -16.336 0.923   1.00 15.53 ? 2123 HOH X O   1 
HETATM 1074 O  O   . HOH C 3 .   ? 8.562   -11.789 -3.793  1.00 22.22 ? 2124 HOH X O   1 
HETATM 1075 O  O   . HOH C 3 .   ? 3.607   -18.771 2.285   0.50 14.53 ? 2125 HOH X O   1 
HETATM 1076 O  O   . HOH C 3 .   ? -1.116  -18.811 -0.328  1.00 19.93 ? 2126 HOH X O   1 
HETATM 1077 O  O   . HOH C 3 .   ? 5.953   -16.304 -8.903  1.00 26.53 ? 2127 HOH X O   1 
HETATM 1078 O  O   . HOH C 3 .   ? 4.727   -20.327 -7.376  1.00 36.34 ? 2128 HOH X O   1 
HETATM 1079 O  O   . HOH C 3 .   ? -3.715  -18.728 -1.728  1.00 32.05 ? 2129 HOH X O   1 
HETATM 1080 O  O   . HOH C 3 .   ? 2.914   -13.194 -14.124 1.00 44.56 ? 2130 HOH X O   1 
HETATM 1081 O  O   . HOH C 3 .   ? -8.896  -14.133 -14.314 1.00 30.56 ? 2131 HOH X O   1 
HETATM 1082 O  O   . HOH C 3 .   ? -7.927  -14.432 -8.745  1.00 29.16 ? 2132 HOH X O   1 
HETATM 1083 O  O   . HOH C 3 .   ? 0.837   -14.876 -12.549 1.00 37.17 ? 2133 HOH X O   1 
HETATM 1084 O  O   . HOH C 3 .   ? -14.867 -11.601 -15.655 1.00 30.15 ? 2134 HOH X O   1 
HETATM 1085 O  O   . HOH C 3 .   ? -9.522  -15.687 -11.079 1.00 35.72 ? 2135 HOH X O   1 
HETATM 1086 O  O   . HOH C 3 .   ? -11.669 -7.592  -13.105 1.00 38.84 ? 2136 HOH X O   1 
HETATM 1087 O  O   . HOH C 3 .   ? -16.615 -12.788 -11.957 1.00 17.87 ? 2137 HOH X O   1 
HETATM 1088 O  O   . HOH C 3 .   ? -18.943 -6.896  -6.372  1.00 18.41 ? 2138 HOH X O   1 
HETATM 1089 O  O   . HOH C 3 .   ? -15.937 -5.302  -11.288 1.00 26.93 ? 2139 HOH X O   1 
HETATM 1090 O  O   . HOH C 3 .   ? -16.922 -3.271  -7.446  1.00 31.85 ? 2140 HOH X O   1 
HETATM 1091 O  O   . HOH C 3 .   ? -12.369 -2.411  -6.170  1.00 33.19 ? 2141 HOH X O   1 
HETATM 1092 O  O   . HOH C 3 .   ? -14.555 -7.611  2.673   1.00 28.17 ? 2142 HOH X O   1 
HETATM 1093 O  O   . HOH C 3 .   ? -15.408 -4.212  0.648   1.00 25.77 ? 2143 HOH X O   1 
HETATM 1094 O  O   . HOH C 3 .   ? -15.282 0.542   -4.993  1.00 33.23 ? 2144 HOH X O   1 
# 
